data_8CT6
#
_entry.id   8CT6
#
_cell.length_a   1.00
_cell.length_b   1.00
_cell.length_c   1.00
_cell.angle_alpha   90.00
_cell.angle_beta   90.00
_cell.angle_gamma   90.00
#
_symmetry.space_group_name_H-M   'P 1'
#
loop_
_entity.id
_entity.type
_entity.pdbx_description
1 polymer 'COBRA P1 HA'
2 polymer '1F8 light chain'
3 polymer '1F8 heavy chain'
4 branched beta-D-mannopyranose-(1-4)-2-acetamido-2-deoxy-beta-D-glucopyranose-(1-4)-2-acetamido-2-deoxy-beta-D-glucopyranose
5 branched 2-acetamido-2-deoxy-beta-D-glucopyranose-(1-4)-2-acetamido-2-deoxy-beta-D-glucopyranose
6 branched alpha-D-mannopyranose-(1-3)-beta-D-mannopyranose-(1-4)-2-acetamido-2-deoxy-beta-D-glucopyranose-(1-4)-2-acetamido-2-deoxy-beta-D-glucopyranose
7 non-polymer 2-acetamido-2-deoxy-beta-D-glucopyranose
#
loop_
_entity_poly.entity_id
_entity_poly.type
_entity_poly.pdbx_seq_one_letter_code
_entity_poly.pdbx_strand_id
1 'polypeptide(L)'
;DTICIGYHANNSTDTVDTVLEKNVTVTHSVNLLEDSHNGKLCKLKGIAPLQLGKCNIAGWLLGNPECESLLSARSWSYIV
ETPNSENGTCYPGDFIDYEELREQLSSVSSFERFEIFPKESSWPNHNTTKGVTAACSHAGKSSFYRNLLWLTKKGGSYPK
LSKSYVNNKGKEVLVLWGVHHPSTSTDQQSLYQNENAYVSVVSSNYNRRFTPEIAERPKVRGQAGRMNYYWTLLEPGDTI
IFEATGNLIAPWYAFALSRGSGSGIITSNASMHECNTKCQTPQGAINSSLPFQNIHPVTIGECPKYVRSTKLRMVTGLRN
IPSIQSRGLFGAIAGFIEGGWTGMIDGWYGYHHQNEQGSGYAADQKSTQNAINGITNKVNSVIEKMNTQFTAVGKEFNNL
EKRMENLNKKVDDGFLDIWTYNAELLVLLENERTLDFHDSNVKNLYEKVKSQLRNNAKEIGNGCFEFYHKCDNECMESVK
NGTYDYPKYSEESKLNREKIDGVKLESMGVYGSGYIPEAPRDGQAYVRKDGEWVLLSTFLGLNDIFEAQKIEWHEGHHHH
HH
;
B,A,C
2 'polypeptide(L)'
;DIVLTQSPASLAVSLGQRATISCKASQSVDFDGDTYMSWYQQKPGQPPKLLIYAASKLESGIPARFSGSGSGTDFTLNIH
PVEEEDAATYFCQQSNEDPWTFGGGTKLEIKRADAAPTVSIFPPSSEQLTSGGASVVCFLNNFYPKDINVKWKIDGSERQ
NGVLNSWTDQDSKDSTYSMSSTLTLTKDEYERHNSYTCEATHKTSTSPIVKSFNRNEC
;
L,K
3 'polypeptide(L)'
;QVQLQQSGAELMKPGASVKISCKATGYTFSSYWIEWVKQRPGHGLEWIGEILPGSGRTNYDERFKGKATFTADTSSNTAY
MQLSSLTSEDSAVYYCARPRIYGMDYWGQGTSVTVSSAKTTPPSVYPLAPGSAAQTNSMVTLGCLVKGYFPEPVTVTWNS
GSLSSGVHTFPAVLQSDLYTLSSSVTVPSSPRPSETVTCNVAHPASSTKVDKKIEPRGLVPR
;
H,J
#
loop_
_chem_comp.id
_chem_comp.type
_chem_comp.name
_chem_comp.formula
BMA D-saccharide, beta linking beta-D-mannopyranose 'C6 H12 O6'
MAN D-saccharide, alpha linking alpha-D-mannopyranose 'C6 H12 O6'
NAG D-saccharide, beta linking 2-acetamido-2-deoxy-beta-D-glucopyranose 'C8 H15 N O6'
#
# COMPACT_ATOMS: atom_id res chain seq x y z
N ILE A 3 -60.41 39.14 -3.56
CA ILE A 3 -59.81 37.92 -3.04
C ILE A 3 -58.34 38.14 -2.68
N CYS A 4 -57.95 37.65 -1.51
CA CYS A 4 -56.56 37.71 -1.07
C CYS A 4 -55.93 36.33 -1.18
N ILE A 5 -54.78 36.25 -1.83
CA ILE A 5 -54.07 35.00 -2.04
C ILE A 5 -52.64 35.15 -1.53
N GLY A 6 -52.20 34.19 -0.74
CA GLY A 6 -50.88 34.22 -0.16
C GLY A 6 -50.43 32.83 0.20
N TYR A 7 -49.61 32.73 1.24
CA TYR A 7 -49.06 31.45 1.68
C TYR A 7 -49.31 31.26 3.16
N HIS A 8 -49.56 30.02 3.55
CA HIS A 8 -49.95 29.69 4.91
C HIS A 8 -48.80 29.89 5.89
N ALA A 9 -49.15 30.23 7.13
CA ALA A 9 -48.22 30.28 8.23
C ALA A 9 -48.75 29.43 9.38
N ASN A 10 -47.84 28.87 10.17
CA ASN A 10 -48.19 27.95 11.23
C ASN A 10 -47.69 28.49 12.57
N ASN A 11 -48.05 27.79 13.65
CA ASN A 11 -47.56 28.16 14.96
C ASN A 11 -46.24 27.47 15.32
N SER A 12 -45.85 26.47 14.54
CA SER A 12 -44.68 25.66 14.90
C SER A 12 -43.41 26.49 14.87
N THR A 13 -42.51 26.20 15.82
CA THR A 13 -41.28 26.96 16.01
C THR A 13 -40.03 26.16 15.68
N ASP A 14 -40.14 25.13 14.85
CA ASP A 14 -38.98 24.34 14.49
C ASP A 14 -38.00 25.16 13.66
N THR A 15 -36.72 24.98 13.93
CA THR A 15 -35.66 25.73 13.27
C THR A 15 -34.88 24.83 12.33
N VAL A 16 -34.57 25.36 11.14
CA VAL A 16 -33.79 24.63 10.14
C VAL A 16 -32.53 25.43 9.85
N ASP A 17 -31.72 24.94 8.91
CA ASP A 17 -30.51 25.64 8.49
C ASP A 17 -30.51 25.78 6.98
N THR A 18 -29.95 26.88 6.50
CA THR A 18 -29.85 27.13 5.07
C THR A 18 -28.56 27.90 4.80
N VAL A 19 -28.29 28.14 3.52
CA VAL A 19 -27.12 28.93 3.16
C VAL A 19 -27.31 30.38 3.56
N LEU A 20 -28.55 30.88 3.51
CA LEU A 20 -28.82 32.27 3.86
C LEU A 20 -28.46 32.55 5.31
N GLU A 21 -29.17 31.92 6.25
CA GLU A 21 -29.04 32.21 7.67
C GLU A 21 -28.52 30.99 8.43
N LYS A 22 -28.09 31.23 9.67
CA LYS A 22 -27.55 30.15 10.48
C LYS A 22 -28.64 29.24 11.03
N ASN A 23 -29.81 29.79 11.34
CA ASN A 23 -31.00 28.99 11.62
C ASN A 23 -32.23 29.88 11.65
N VAL A 24 -33.30 29.40 11.02
CA VAL A 24 -34.52 30.18 10.82
C VAL A 24 -35.73 29.29 11.11
N THR A 25 -36.86 29.92 11.39
CA THR A 25 -38.09 29.23 11.77
C THR A 25 -38.90 28.81 10.55
N VAL A 26 -39.48 27.62 10.61
CA VAL A 26 -40.30 27.07 9.54
C VAL A 26 -41.55 26.44 10.15
N THR A 27 -42.44 25.98 9.28
CA THR A 27 -43.67 25.34 9.74
C THR A 27 -43.49 23.84 9.93
N HIS A 28 -42.97 23.14 8.93
CA HIS A 28 -42.81 21.71 8.98
C HIS A 28 -41.41 21.31 8.53
N SER A 29 -40.89 20.24 9.12
CA SER A 29 -39.57 19.75 8.77
C SER A 29 -39.49 18.27 9.10
N VAL A 30 -38.54 17.59 8.47
CA VAL A 30 -38.28 16.19 8.71
C VAL A 30 -36.85 16.04 9.19
N ASN A 31 -36.67 15.47 10.37
CA ASN A 31 -35.35 15.35 10.99
C ASN A 31 -34.67 14.11 10.42
N LEU A 32 -33.83 14.32 9.40
CA LEU A 32 -33.12 13.21 8.76
C LEU A 32 -32.05 12.61 9.66
N LEU A 33 -31.72 13.23 10.77
CA LEU A 33 -30.66 12.75 11.66
C LEU A 33 -31.29 12.14 12.90
N GLU A 34 -31.24 10.82 12.99
CA GLU A 34 -31.76 10.13 14.17
C GLU A 34 -30.86 10.40 15.37
N ASP A 35 -31.48 10.69 16.52
CA ASP A 35 -30.76 11.07 17.73
C ASP A 35 -31.06 10.17 18.92
N SER A 36 -31.84 9.11 18.74
CA SER A 36 -32.30 8.29 19.86
C SER A 36 -31.79 6.87 19.70
N HIS A 37 -31.24 6.32 20.78
CA HIS A 37 -30.84 4.92 20.84
C HIS A 37 -31.40 4.31 22.11
N ASN A 38 -31.86 3.06 22.02
CA ASN A 38 -32.54 2.43 23.14
C ASN A 38 -31.60 2.22 24.32
N GLY A 39 -30.30 2.11 24.07
CA GLY A 39 -29.35 1.93 25.15
C GLY A 39 -29.23 0.52 25.68
N LYS A 40 -29.91 -0.45 25.06
CA LYS A 40 -29.84 -1.84 25.46
C LYS A 40 -29.44 -2.69 24.27
N LEU A 41 -28.52 -3.62 24.47
CA LEU A 41 -28.24 -4.62 23.46
C LEU A 41 -29.47 -5.47 23.22
N CYS A 42 -29.71 -5.84 21.98
CA CYS A 42 -30.94 -6.53 21.62
C CYS A 42 -30.64 -7.55 20.53
N LYS A 43 -31.60 -8.43 20.30
CA LYS A 43 -31.47 -9.43 19.25
C LYS A 43 -31.51 -8.78 17.88
N LEU A 44 -30.73 -9.33 16.96
CA LEU A 44 -30.64 -8.84 15.59
C LEU A 44 -31.14 -9.93 14.67
N LYS A 45 -32.35 -9.73 14.12
CA LYS A 45 -33.00 -10.70 13.25
C LYS A 45 -33.18 -12.05 13.95
N GLY A 46 -33.62 -12.01 15.21
CA GLY A 46 -34.01 -13.20 15.91
C GLY A 46 -32.89 -14.01 16.54
N ILE A 47 -31.65 -13.54 16.49
CA ILE A 47 -30.52 -14.24 17.08
C ILE A 47 -29.91 -13.34 18.15
N ALA A 48 -29.91 -13.80 19.39
CA ALA A 48 -29.26 -13.05 20.45
C ALA A 48 -27.75 -13.07 20.26
N PRO A 49 -27.06 -11.96 20.52
CA PRO A 49 -25.61 -11.91 20.31
C PRO A 49 -24.86 -12.79 21.30
N LEU A 50 -23.56 -12.87 21.09
CA LEU A 50 -22.66 -13.54 22.02
C LEU A 50 -22.09 -12.50 22.98
N GLN A 51 -22.40 -12.63 24.25
CA GLN A 51 -21.90 -11.73 25.29
C GLN A 51 -20.72 -12.42 25.95
N LEU A 52 -19.51 -12.00 25.58
CA LEU A 52 -18.31 -12.62 26.13
C LEU A 52 -18.13 -12.32 27.61
N GLY A 53 -18.84 -11.32 28.13
CA GLY A 53 -18.69 -11.00 29.54
C GLY A 53 -17.31 -10.48 29.82
N LYS A 54 -16.63 -11.10 30.79
CA LYS A 54 -15.28 -10.69 31.15
C LYS A 54 -14.23 -11.23 30.20
N CYS A 55 -14.57 -12.21 29.36
CA CYS A 55 -13.61 -12.79 28.46
C CYS A 55 -13.50 -11.98 27.17
N ASN A 56 -12.31 -11.98 26.58
CA ASN A 56 -12.13 -11.37 25.27
C ASN A 56 -12.20 -12.46 24.21
N ILE A 57 -11.86 -12.12 22.97
CA ILE A 57 -11.89 -13.11 21.88
C ILE A 57 -10.85 -14.19 22.14
N ALA A 58 -9.65 -13.79 22.56
CA ALA A 58 -8.56 -14.75 22.74
C ALA A 58 -8.89 -15.77 23.81
N GLY A 59 -9.40 -15.30 24.96
CA GLY A 59 -9.73 -16.23 26.03
C GLY A 59 -10.88 -17.15 25.66
N TRP A 60 -11.88 -16.62 24.94
CA TRP A 60 -13.00 -17.44 24.52
C TRP A 60 -12.57 -18.52 23.54
N LEU A 61 -11.74 -18.17 22.56
CA LEU A 61 -11.27 -19.16 21.60
C LEU A 61 -10.39 -20.19 22.28
N LEU A 62 -9.41 -19.73 23.07
CA LEU A 62 -8.60 -20.65 23.84
C LEU A 62 -9.39 -21.36 24.92
N GLY A 63 -10.58 -20.87 25.26
CA GLY A 63 -11.36 -21.47 26.32
C GLY A 63 -10.76 -21.17 27.68
N ASN A 64 -10.59 -19.89 27.97
CA ASN A 64 -10.01 -19.49 29.24
C ASN A 64 -10.93 -19.95 30.38
N PRO A 65 -10.38 -20.34 31.53
CA PRO A 65 -11.22 -20.93 32.58
C PRO A 65 -12.35 -20.04 33.05
N GLU A 66 -12.18 -18.72 33.04
CA GLU A 66 -13.26 -17.83 33.48
C GLU A 66 -14.45 -17.90 32.54
N CYS A 67 -14.21 -17.75 31.24
CA CYS A 67 -15.31 -17.73 30.28
C CYS A 67 -15.70 -19.16 29.92
N GLU A 68 -16.28 -19.83 30.91
CA GLU A 68 -16.85 -21.16 30.70
C GLU A 68 -18.23 -21.12 30.07
N SER A 69 -18.95 -19.99 30.21
CA SER A 69 -20.29 -19.90 29.67
C SER A 69 -20.31 -19.87 28.15
N LEU A 70 -19.19 -19.46 27.53
CA LEU A 70 -19.13 -19.35 26.09
C LEU A 70 -18.81 -20.66 25.39
N LEU A 71 -18.50 -21.71 26.16
CA LEU A 71 -18.17 -22.99 25.53
C LEU A 71 -19.39 -23.60 24.84
N SER A 72 -20.59 -23.28 25.31
CA SER A 72 -21.79 -23.88 24.73
C SER A 72 -22.35 -23.07 23.56
N ALA A 73 -21.84 -21.87 23.33
CA ALA A 73 -22.43 -20.99 22.33
C ALA A 73 -22.15 -21.50 20.92
N ARG A 74 -23.19 -21.46 20.08
CA ARG A 74 -23.07 -21.90 18.69
C ARG A 74 -23.27 -20.77 17.69
N SER A 75 -24.41 -20.06 17.75
CA SER A 75 -24.76 -19.09 16.73
C SER A 75 -25.04 -17.74 17.39
N TRP A 76 -24.71 -16.67 16.66
CA TRP A 76 -24.84 -15.32 17.19
C TRP A 76 -25.07 -14.35 16.04
N SER A 77 -25.78 -13.27 16.34
CA SER A 77 -25.92 -12.19 15.38
C SER A 77 -24.67 -11.33 15.32
N TYR A 78 -24.02 -11.14 16.46
CA TYR A 78 -22.80 -10.35 16.56
C TYR A 78 -22.11 -10.70 17.87
N ILE A 79 -20.92 -10.15 18.05
CA ILE A 79 -20.05 -10.48 19.17
C ILE A 79 -19.84 -9.22 20.01
N VAL A 80 -20.06 -9.32 21.31
CA VAL A 80 -19.97 -8.19 22.22
C VAL A 80 -18.91 -8.49 23.26
N GLU A 81 -17.93 -7.59 23.39
CA GLU A 81 -16.93 -7.66 24.44
C GLU A 81 -16.94 -6.35 25.21
N THR A 82 -17.22 -6.42 26.51
CA THR A 82 -17.28 -5.23 27.31
C THR A 82 -15.89 -4.60 27.43
N PRO A 83 -15.82 -3.27 27.57
CA PRO A 83 -14.50 -2.63 27.72
C PRO A 83 -13.74 -3.10 28.94
N ASN A 84 -14.43 -3.47 30.01
CA ASN A 84 -13.76 -3.98 31.20
C ASN A 84 -13.37 -5.45 31.06
N SER A 85 -13.75 -6.11 29.97
CA SER A 85 -13.34 -7.50 29.75
C SER A 85 -11.84 -7.56 29.46
N GLU A 86 -11.13 -8.31 30.29
CA GLU A 86 -9.68 -8.38 30.16
C GLU A 86 -9.10 -9.77 30.34
N ASN A 87 -9.93 -10.79 30.51
CA ASN A 87 -9.44 -12.12 30.87
C ASN A 87 -9.33 -12.99 29.62
N GLY A 88 -8.13 -13.05 29.07
CA GLY A 88 -7.81 -13.96 27.99
C GLY A 88 -6.32 -14.18 27.96
N THR A 89 -5.91 -15.36 27.50
CA THR A 89 -4.52 -15.77 27.54
C THR A 89 -3.98 -15.62 28.97
N CYS A 90 -4.55 -16.44 29.86
CA CYS A 90 -4.17 -16.39 31.26
C CYS A 90 -2.68 -16.66 31.46
N TYR A 91 -2.15 -17.62 30.72
CA TYR A 91 -0.70 -17.81 30.73
C TYR A 91 -0.05 -16.76 29.85
N PRO A 92 0.94 -16.02 30.37
CA PRO A 92 1.51 -14.91 29.60
C PRO A 92 2.13 -15.39 28.30
N GLY A 93 2.02 -14.55 27.27
CA GLY A 93 2.55 -14.90 25.97
C GLY A 93 1.99 -13.97 24.92
N ASP A 94 2.18 -14.37 23.66
CA ASP A 94 1.81 -13.56 22.51
C ASP A 94 0.93 -14.38 21.58
N PHE A 95 -0.32 -13.96 21.43
CA PHE A 95 -1.25 -14.57 20.48
C PHE A 95 -0.86 -14.09 19.09
N ILE A 96 -0.16 -14.94 18.34
CA ILE A 96 0.38 -14.54 17.05
C ILE A 96 -0.73 -14.37 16.04
N ASP A 97 -0.72 -13.23 15.33
CA ASP A 97 -1.77 -12.88 14.38
C ASP A 97 -3.14 -12.88 15.03
N TYR A 98 -3.21 -12.33 16.25
CA TYR A 98 -4.48 -12.27 16.97
C TYR A 98 -5.47 -11.36 16.27
N GLU A 99 -5.01 -10.22 15.75
CA GLU A 99 -5.91 -9.27 15.12
C GLU A 99 -6.45 -9.83 13.80
N GLU A 100 -5.63 -10.58 13.07
CA GLU A 100 -6.12 -11.28 11.90
C GLU A 100 -7.18 -12.30 12.28
N LEU A 101 -7.00 -12.98 13.41
CA LEU A 101 -8.01 -13.91 13.88
C LEU A 101 -9.32 -13.20 14.20
N ARG A 102 -9.24 -12.03 14.82
CA ARG A 102 -10.46 -11.27 15.09
C ARG A 102 -11.15 -10.86 13.79
N GLU A 103 -10.37 -10.41 12.80
CA GLU A 103 -10.96 -10.06 11.52
C GLU A 103 -11.61 -11.27 10.85
N GLN A 104 -10.99 -12.44 10.98
CA GLN A 104 -11.58 -13.65 10.44
C GLN A 104 -12.88 -14.00 11.16
N LEU A 105 -12.91 -13.85 12.47
CA LEU A 105 -14.12 -14.16 13.24
C LEU A 105 -15.22 -13.13 13.03
N SER A 106 -14.88 -11.96 12.50
CA SER A 106 -15.93 -10.98 12.21
C SER A 106 -16.94 -11.53 11.20
N SER A 107 -16.45 -12.23 10.17
CA SER A 107 -17.34 -12.71 9.12
C SER A 107 -18.16 -13.92 9.53
N VAL A 108 -17.63 -14.78 10.41
CA VAL A 108 -18.30 -16.04 10.71
C VAL A 108 -19.63 -15.76 11.42
N SER A 109 -20.65 -16.55 11.09
CA SER A 109 -21.97 -16.39 11.67
C SER A 109 -22.28 -17.42 12.74
N SER A 110 -21.56 -18.53 12.74
CA SER A 110 -21.67 -19.58 13.75
C SER A 110 -20.54 -20.56 13.52
N PHE A 111 -20.33 -21.44 14.49
CA PHE A 111 -19.43 -22.55 14.30
C PHE A 111 -19.91 -23.73 15.13
N GLU A 112 -19.10 -24.79 15.14
CA GLU A 112 -19.36 -25.98 15.93
C GLU A 112 -18.07 -26.36 16.65
N ARG A 113 -18.10 -26.32 17.97
CA ARG A 113 -16.95 -26.69 18.78
C ARG A 113 -16.95 -28.21 18.96
N PHE A 114 -15.96 -28.87 18.38
CA PHE A 114 -15.88 -30.32 18.42
C PHE A 114 -14.49 -30.74 18.89
N GLU A 115 -14.41 -31.96 19.39
CA GLU A 115 -13.16 -32.53 19.89
C GLU A 115 -12.34 -32.99 18.69
N ILE A 116 -11.46 -32.11 18.20
CA ILE A 116 -10.63 -32.46 17.06
C ILE A 116 -9.67 -33.58 17.43
N PHE A 117 -9.07 -33.51 18.61
CA PHE A 117 -8.25 -34.59 19.15
C PHE A 117 -8.78 -34.93 20.54
N PRO A 118 -9.52 -36.03 20.68
CA PRO A 118 -10.02 -36.40 22.00
C PRO A 118 -8.88 -36.64 22.97
N LYS A 119 -9.07 -36.19 24.20
CA LYS A 119 -8.01 -36.30 25.21
C LYS A 119 -7.70 -37.76 25.53
N GLU A 120 -8.75 -38.59 25.62
CA GLU A 120 -8.60 -39.97 26.09
C GLU A 120 -8.09 -40.92 25.02
N SER A 121 -7.96 -40.47 23.78
CA SER A 121 -7.59 -41.39 22.71
C SER A 121 -6.41 -40.94 21.89
N SER A 122 -6.25 -39.64 21.68
CA SER A 122 -5.26 -39.15 20.73
C SER A 122 -3.84 -39.40 21.23
N TRP A 123 -3.60 -39.22 22.52
CA TRP A 123 -2.25 -39.24 23.08
C TRP A 123 -2.15 -40.29 24.18
N PRO A 124 -1.76 -41.51 23.85
CA PRO A 124 -1.60 -42.55 24.87
C PRO A 124 -0.22 -42.53 25.52
N ASN A 125 0.78 -42.02 24.80
CA ASN A 125 2.17 -42.05 25.27
C ASN A 125 2.60 -40.74 25.92
N HIS A 126 1.66 -39.89 26.32
CA HIS A 126 1.99 -38.60 26.91
C HIS A 126 1.11 -38.36 28.13
N ASN A 127 1.60 -37.53 29.03
CA ASN A 127 0.97 -37.31 30.33
C ASN A 127 0.06 -36.09 30.24
N THR A 128 -1.19 -36.33 29.84
CA THR A 128 -2.18 -35.27 29.75
C THR A 128 -2.75 -34.86 31.10
N THR A 129 -2.47 -35.62 32.15
CA THR A 129 -3.13 -35.38 33.44
C THR A 129 -2.72 -34.05 34.05
N LYS A 130 -1.42 -33.74 34.02
CA LYS A 130 -0.90 -32.51 34.61
C LYS A 130 -0.57 -31.54 33.49
N GLY A 131 -1.47 -30.60 33.23
CA GLY A 131 -1.23 -29.53 32.29
C GLY A 131 -1.78 -28.23 32.82
N VAL A 132 -1.81 -28.10 34.14
CA VAL A 132 -2.47 -26.99 34.81
C VAL A 132 -1.43 -26.03 35.35
N THR A 133 -1.83 -24.77 35.50
CA THR A 133 -0.96 -23.73 36.02
C THR A 133 -1.74 -22.83 36.95
N ALA A 134 -1.01 -22.09 37.80
CA ALA A 134 -1.64 -21.18 38.74
C ALA A 134 -2.15 -19.92 38.03
N ALA A 135 -1.53 -19.53 36.92
CA ALA A 135 -1.98 -18.35 36.20
C ALA A 135 -3.36 -18.55 35.62
N CYS A 136 -3.65 -19.74 35.14
CA CYS A 136 -4.99 -20.09 34.65
C CYS A 136 -5.80 -20.78 35.74
N SER A 137 -5.99 -20.06 36.84
CA SER A 137 -6.62 -20.62 38.02
C SER A 137 -8.14 -20.46 37.93
N HIS A 138 -8.86 -21.52 38.30
CA HIS A 138 -10.31 -21.51 38.31
C HIS A 138 -10.81 -22.20 39.56
N ALA A 139 -11.82 -21.60 40.19
CA ALA A 139 -12.42 -22.13 41.42
C ALA A 139 -11.36 -22.38 42.48
N GLY A 140 -10.39 -21.46 42.57
CA GLY A 140 -9.31 -21.59 43.52
C GLY A 140 -8.46 -22.83 43.32
N LYS A 141 -8.26 -23.26 42.07
CA LYS A 141 -7.46 -24.43 41.77
C LYS A 141 -6.64 -24.17 40.52
N SER A 142 -5.55 -24.90 40.40
CA SER A 142 -4.70 -24.78 39.22
C SER A 142 -5.37 -25.43 38.03
N SER A 143 -5.65 -24.65 36.99
CA SER A 143 -6.35 -25.16 35.82
C SER A 143 -5.67 -24.73 34.53
N PHE A 144 -6.32 -24.98 33.40
CA PHE A 144 -5.78 -24.64 32.10
C PHE A 144 -6.94 -24.30 31.17
N TYR A 145 -6.61 -23.97 29.92
CA TYR A 145 -7.65 -23.71 28.93
C TYR A 145 -8.48 -24.96 28.69
N ARG A 146 -9.75 -24.76 28.35
CA ARG A 146 -10.64 -25.87 28.05
C ARG A 146 -10.62 -26.27 26.58
N ASN A 147 -9.94 -25.52 25.73
CA ASN A 147 -9.84 -25.84 24.32
C ASN A 147 -8.46 -26.34 23.90
N LEU A 148 -7.45 -26.22 24.77
CA LEU A 148 -6.10 -26.68 24.48
C LEU A 148 -5.69 -27.71 25.52
N LEU A 149 -4.78 -28.60 25.12
CA LEU A 149 -4.23 -29.60 26.02
C LEU A 149 -2.73 -29.40 26.13
N TRP A 150 -2.24 -29.28 27.36
CA TRP A 150 -0.82 -29.14 27.63
C TRP A 150 -0.22 -30.52 27.82
N LEU A 151 0.58 -30.96 26.85
CA LEU A 151 1.18 -32.28 26.91
C LEU A 151 2.50 -32.22 27.67
N THR A 152 2.90 -33.38 28.19
CA THR A 152 4.07 -33.48 29.05
C THR A 152 4.64 -34.88 28.88
N LYS A 153 5.91 -35.05 29.23
CA LYS A 153 6.54 -36.35 29.13
C LYS A 153 5.83 -37.37 30.00
N LYS A 154 5.74 -38.60 29.50
CA LYS A 154 5.10 -39.69 30.22
C LYS A 154 6.18 -40.57 30.84
N GLY A 155 6.35 -40.44 32.16
CA GLY A 155 7.33 -41.25 32.85
C GLY A 155 8.76 -40.97 32.41
N GLY A 156 9.12 -39.69 32.28
CA GLY A 156 10.46 -39.34 31.85
C GLY A 156 10.74 -39.55 30.39
N SER A 157 9.72 -39.57 29.55
CA SER A 157 9.92 -39.78 28.12
C SER A 157 8.86 -39.03 27.35
N TYR A 158 9.29 -38.34 26.28
CA TYR A 158 8.40 -37.58 25.40
C TYR A 158 8.67 -38.07 23.99
N PRO A 159 7.99 -39.13 23.55
CA PRO A 159 8.24 -39.66 22.21
C PRO A 159 7.83 -38.65 21.14
N LYS A 160 8.47 -38.76 19.99
CA LYS A 160 8.15 -37.86 18.88
C LYS A 160 6.69 -37.96 18.52
N LEU A 161 5.94 -36.91 18.80
CA LEU A 161 4.50 -36.91 18.57
C LEU A 161 4.21 -36.80 17.08
N SER A 162 3.08 -37.36 16.67
CA SER A 162 2.64 -37.26 15.27
C SER A 162 1.14 -37.50 15.23
N LYS A 163 0.38 -36.45 14.93
CA LYS A 163 -1.07 -36.53 14.87
C LYS A 163 -1.56 -35.85 13.60
N SER A 164 -2.53 -36.50 12.94
CA SER A 164 -3.09 -35.97 11.70
C SER A 164 -4.61 -35.87 11.83
N TYR A 165 -5.16 -34.77 11.35
CA TYR A 165 -6.60 -34.60 11.30
C TYR A 165 -7.01 -34.27 9.87
N VAL A 166 -8.01 -34.99 9.37
CA VAL A 166 -8.54 -34.79 8.03
C VAL A 166 -9.88 -34.07 8.16
N ASN A 167 -9.97 -32.88 7.58
CA ASN A 167 -11.17 -32.05 7.74
C ASN A 167 -12.33 -32.62 6.95
N ASN A 168 -13.16 -33.44 7.60
CA ASN A 168 -14.32 -34.04 6.98
C ASN A 168 -15.62 -33.36 7.39
N LYS A 169 -15.55 -32.16 7.95
CA LYS A 169 -16.75 -31.44 8.37
C LYS A 169 -17.41 -30.68 7.23
N GLY A 170 -16.77 -30.58 6.08
CA GLY A 170 -17.33 -29.83 4.97
C GLY A 170 -17.23 -28.33 5.11
N LYS A 171 -16.68 -27.83 6.21
CA LYS A 171 -16.48 -26.42 6.43
C LYS A 171 -15.07 -26.20 6.94
N GLU A 172 -14.53 -25.02 6.70
CA GLU A 172 -13.19 -24.73 7.19
C GLU A 172 -13.16 -24.77 8.71
N VAL A 173 -12.10 -25.33 9.26
CA VAL A 173 -11.98 -25.60 10.69
C VAL A 173 -10.85 -24.77 11.24
N LEU A 174 -11.12 -24.01 12.29
CA LEU A 174 -10.11 -23.20 12.97
C LEU A 174 -9.44 -24.07 14.03
N VAL A 175 -8.16 -24.35 13.85
CA VAL A 175 -7.39 -25.18 14.77
C VAL A 175 -6.39 -24.28 15.49
N LEU A 176 -6.47 -24.24 16.81
CA LEU A 176 -5.57 -23.44 17.62
C LEU A 176 -4.69 -24.35 18.48
N TRP A 177 -3.40 -24.00 18.58
CA TRP A 177 -2.45 -24.73 19.40
C TRP A 177 -1.53 -23.72 20.07
N GLY A 178 -0.50 -24.22 20.74
CA GLY A 178 0.44 -23.35 21.42
C GLY A 178 1.80 -23.98 21.57
N VAL A 179 2.79 -23.13 21.80
CA VAL A 179 4.17 -23.55 22.03
C VAL A 179 4.62 -22.93 23.35
N HIS A 180 5.24 -23.73 24.20
CA HIS A 180 5.66 -23.28 25.53
C HIS A 180 7.16 -23.06 25.55
N HIS A 181 7.58 -21.90 26.07
CA HIS A 181 9.00 -21.58 26.20
C HIS A 181 9.36 -21.54 27.67
N PRO A 182 9.93 -22.60 28.23
CA PRO A 182 10.25 -22.61 29.66
C PRO A 182 11.29 -21.57 30.01
N SER A 183 11.21 -21.06 31.23
CA SER A 183 12.14 -20.03 31.67
C SER A 183 13.57 -20.55 31.75
N THR A 184 13.75 -21.77 32.23
CA THR A 184 15.07 -22.34 32.43
C THR A 184 15.14 -23.73 31.81
N SER A 185 16.34 -24.10 31.36
CA SER A 185 16.52 -25.37 30.66
C SER A 185 16.17 -26.55 31.55
N THR A 186 16.41 -26.44 32.85
CA THR A 186 16.04 -27.53 33.75
C THR A 186 14.53 -27.73 33.79
N ASP A 187 13.76 -26.65 33.66
CA ASP A 187 12.31 -26.79 33.59
C ASP A 187 11.89 -27.45 32.28
N GLN A 188 12.58 -27.13 31.18
CA GLN A 188 12.31 -27.81 29.92
C GLN A 188 12.56 -29.30 30.04
N GLN A 189 13.68 -29.68 30.65
CA GLN A 189 13.96 -31.10 30.85
C GLN A 189 12.95 -31.76 31.78
N SER A 190 12.53 -31.05 32.83
CA SER A 190 11.55 -31.60 33.76
C SER A 190 10.20 -31.80 33.10
N LEU A 191 9.84 -30.97 32.13
CA LEU A 191 8.58 -31.13 31.43
C LEU A 191 8.72 -32.06 30.23
N TYR A 192 9.73 -31.83 29.39
CA TYR A 192 9.94 -32.59 28.17
C TYR A 192 11.33 -33.21 28.21
N GLN A 193 11.43 -34.44 27.70
CA GLN A 193 12.66 -35.20 27.89
C GLN A 193 13.86 -34.51 27.24
N ASN A 194 13.67 -33.95 26.05
CA ASN A 194 14.77 -33.48 25.22
C ASN A 194 14.79 -31.96 25.13
N GLU A 195 16.00 -31.40 25.23
CA GLU A 195 16.18 -29.95 25.19
C GLU A 195 16.05 -29.40 23.78
N ASN A 196 16.50 -30.16 22.77
CA ASN A 196 16.43 -29.71 21.39
C ASN A 196 15.10 -30.10 20.76
N ALA A 197 14.03 -29.60 21.37
CA ALA A 197 12.68 -29.90 20.94
C ALA A 197 12.25 -28.95 19.83
N TYR A 198 11.18 -29.35 19.12
CA TYR A 198 10.64 -28.54 18.05
C TYR A 198 9.19 -28.91 17.84
N VAL A 199 8.41 -27.95 17.34
CA VAL A 199 7.01 -28.17 16.99
C VAL A 199 6.87 -27.90 15.51
N SER A 200 6.37 -28.88 14.77
CA SER A 200 6.19 -28.77 13.32
C SER A 200 4.72 -28.99 13.00
N VAL A 201 4.05 -27.95 12.54
CA VAL A 201 2.66 -28.02 12.13
C VAL A 201 2.60 -27.72 10.64
N VAL A 202 2.09 -28.66 9.85
CA VAL A 202 2.07 -28.54 8.40
C VAL A 202 0.69 -28.89 7.88
N SER A 203 0.40 -28.37 6.69
CA SER A 203 -0.87 -28.62 6.01
C SER A 203 -0.64 -28.43 4.51
N SER A 204 -1.73 -28.38 3.75
CA SER A 204 -1.60 -28.12 2.32
C SER A 204 -1.32 -26.66 2.03
N ASN A 205 -1.69 -25.76 2.94
CA ASN A 205 -1.45 -24.34 2.76
C ASN A 205 -0.75 -23.71 3.95
N TYR A 206 -0.48 -24.48 5.01
CA TYR A 206 0.21 -23.99 6.19
C TYR A 206 1.47 -24.82 6.39
N ASN A 207 2.58 -24.13 6.65
CA ASN A 207 3.85 -24.81 6.90
C ASN A 207 4.67 -23.91 7.81
N ARG A 208 4.90 -24.35 9.04
CA ARG A 208 5.62 -23.54 9.99
C ARG A 208 6.23 -24.44 11.05
N ARG A 209 7.49 -24.18 11.37
CA ARG A 209 8.22 -24.94 12.38
C ARG A 209 8.55 -24.03 13.55
N PHE A 210 8.23 -24.49 14.75
CA PHE A 210 8.43 -23.71 15.96
C PHE A 210 9.52 -24.32 16.81
N THR A 211 10.34 -23.46 17.41
CA THR A 211 11.46 -23.90 18.24
C THR A 211 11.34 -23.17 19.58
N PRO A 212 11.31 -23.89 20.70
CA PRO A 212 11.28 -23.21 22.00
C PRO A 212 12.54 -22.40 22.24
N GLU A 213 12.37 -21.24 22.88
CA GLU A 213 13.46 -20.35 23.23
C GLU A 213 13.45 -20.17 24.74
N ILE A 214 14.52 -20.59 25.40
CA ILE A 214 14.59 -20.61 26.84
C ILE A 214 15.49 -19.46 27.29
N ALA A 215 14.95 -18.59 28.16
CA ALA A 215 15.70 -17.48 28.72
C ALA A 215 14.96 -16.98 29.95
N GLU A 216 15.69 -16.28 30.82
CA GLU A 216 15.06 -15.70 32.00
C GLU A 216 14.21 -14.51 31.59
N ARG A 217 13.04 -14.39 32.19
CA ARG A 217 12.04 -13.41 31.77
C ARG A 217 11.45 -12.73 32.98
N PRO A 218 11.01 -11.48 32.83
CA PRO A 218 10.24 -10.83 33.89
C PRO A 218 8.93 -11.58 34.13
N LYS A 219 8.52 -11.63 35.39
CA LYS A 219 7.31 -12.36 35.74
C LYS A 219 6.08 -11.59 35.27
N VAL A 220 5.20 -12.27 34.55
CA VAL A 220 3.89 -11.74 34.20
C VAL A 220 2.85 -12.74 34.70
N ARG A 221 1.94 -12.26 35.55
CA ARG A 221 0.94 -13.11 36.20
C ARG A 221 1.61 -14.25 36.96
N GLY A 222 2.79 -13.99 37.52
CA GLY A 222 3.48 -14.99 38.32
C GLY A 222 4.23 -16.05 37.55
N GLN A 223 4.29 -15.95 36.22
CA GLN A 223 4.93 -16.95 35.39
C GLN A 223 6.12 -16.33 34.67
N ALA A 224 7.26 -16.99 34.76
CA ALA A 224 8.48 -16.57 34.06
C ALA A 224 8.63 -17.24 32.70
N GLY A 225 7.67 -18.06 32.30
CA GLY A 225 7.66 -18.64 30.97
C GLY A 225 6.72 -17.88 30.05
N ARG A 226 6.71 -18.30 28.79
CA ARG A 226 5.84 -17.69 27.80
C ARG A 226 5.24 -18.76 26.91
N MET A 227 3.97 -18.58 26.57
CA MET A 227 3.26 -19.46 25.65
C MET A 227 2.81 -18.64 24.45
N ASN A 228 3.16 -19.09 23.26
CA ASN A 228 2.72 -18.46 22.03
C ASN A 228 1.59 -19.27 21.44
N TYR A 229 0.45 -18.63 21.20
CA TYR A 229 -0.73 -19.30 20.66
C TYR A 229 -0.86 -18.99 19.19
N TYR A 230 -1.10 -20.01 18.38
CA TYR A 230 -1.21 -19.88 16.94
C TYR A 230 -2.56 -20.41 16.49
N TRP A 231 -2.81 -20.33 15.18
CA TRP A 231 -4.07 -20.79 14.61
C TRP A 231 -3.86 -21.05 13.13
N THR A 232 -4.85 -21.73 12.54
CA THR A 232 -4.88 -21.94 11.10
C THR A 232 -6.32 -22.21 10.70
N LEU A 233 -6.60 -22.04 9.42
CA LEU A 233 -7.92 -22.30 8.86
C LEU A 233 -7.81 -23.49 7.92
N LEU A 234 -8.07 -24.68 8.45
CA LEU A 234 -7.99 -25.90 7.67
C LEU A 234 -9.11 -25.91 6.64
N GLU A 235 -8.77 -26.11 5.37
CA GLU A 235 -9.77 -26.16 4.32
C GLU A 235 -10.51 -27.49 4.37
N PRO A 236 -11.74 -27.52 3.84
CA PRO A 236 -12.48 -28.78 3.81
C PRO A 236 -11.73 -29.83 2.99
N GLY A 237 -11.71 -31.06 3.51
CA GLY A 237 -10.99 -32.14 2.87
C GLY A 237 -9.49 -32.10 3.04
N ASP A 238 -8.96 -31.09 3.72
CA ASP A 238 -7.52 -30.97 3.90
C ASP A 238 -7.06 -31.75 5.12
N THR A 239 -5.74 -31.93 5.22
CA THR A 239 -5.12 -32.63 6.34
C THR A 239 -4.11 -31.71 6.99
N ILE A 240 -4.14 -31.64 8.32
CA ILE A 240 -3.13 -30.94 9.10
C ILE A 240 -2.39 -31.98 9.93
N ILE A 241 -1.08 -31.84 10.01
CA ILE A 241 -0.24 -32.79 10.71
C ILE A 241 0.50 -32.06 11.81
N PHE A 242 0.23 -32.44 13.05
CA PHE A 242 0.96 -31.94 14.20
C PHE A 242 2.03 -32.96 14.55
N GLU A 243 3.29 -32.56 14.51
CA GLU A 243 4.37 -33.37 15.02
C GLU A 243 5.28 -32.48 15.85
N ALA A 244 5.73 -33.00 16.99
CA ALA A 244 6.42 -32.17 17.96
C ALA A 244 7.22 -33.06 18.89
N THR A 245 8.51 -32.75 19.05
CA THR A 245 9.34 -33.50 19.98
C THR A 245 9.23 -32.93 21.39
N GLY A 246 8.67 -31.74 21.52
CA GLY A 246 8.44 -31.15 22.82
C GLY A 246 7.74 -29.81 22.70
N ASN A 247 7.40 -29.25 23.86
CA ASN A 247 6.84 -27.89 23.94
C ASN A 247 5.63 -27.70 23.05
N LEU A 248 4.68 -28.63 23.11
CA LEU A 248 3.45 -28.51 22.33
C LEU A 248 2.26 -28.41 23.28
N ILE A 249 1.49 -27.34 23.14
CA ILE A 249 0.18 -27.23 23.76
C ILE A 249 -0.83 -27.75 22.76
N ALA A 250 -1.05 -29.05 22.76
CA ALA A 250 -1.80 -29.68 21.67
C ALA A 250 -3.24 -29.19 21.65
N PRO A 251 -3.83 -29.06 20.47
CA PRO A 251 -5.25 -28.68 20.40
C PRO A 251 -6.13 -29.75 21.01
N TRP A 252 -7.22 -29.31 21.62
CA TRP A 252 -8.25 -30.19 22.15
C TRP A 252 -9.58 -30.04 21.43
N TYR A 253 -10.00 -28.79 21.20
CA TYR A 253 -11.25 -28.52 20.52
C TYR A 253 -10.98 -27.56 19.37
N ALA A 254 -11.64 -27.81 18.25
CA ALA A 254 -11.56 -26.94 17.07
C ALA A 254 -12.96 -26.53 16.70
N PHE A 255 -13.06 -25.41 15.99
CA PHE A 255 -14.33 -24.80 15.64
C PHE A 255 -14.51 -24.86 14.13
N ALA A 256 -15.48 -25.64 13.68
CA ALA A 256 -15.81 -25.72 12.26
C ALA A 256 -16.58 -24.46 11.89
N LEU A 257 -15.89 -23.51 11.29
CA LEU A 257 -16.47 -22.19 11.06
C LEU A 257 -17.49 -22.23 9.94
N SER A 258 -18.69 -21.72 10.21
CA SER A 258 -19.71 -21.51 9.20
C SER A 258 -19.64 -20.05 8.78
N ARG A 259 -19.19 -19.80 7.55
CA ARG A 259 -19.02 -18.43 7.10
C ARG A 259 -20.36 -17.74 6.94
N GLY A 260 -20.40 -16.47 7.35
CA GLY A 260 -21.60 -15.68 7.20
C GLY A 260 -21.26 -14.27 6.76
N SER A 261 -22.26 -13.38 6.79
CA SER A 261 -22.04 -11.99 6.42
C SER A 261 -22.92 -11.11 7.29
N GLY A 262 -22.51 -9.87 7.46
CA GLY A 262 -23.22 -8.95 8.29
C GLY A 262 -22.93 -9.04 9.77
N SER A 263 -22.06 -9.95 10.19
CA SER A 263 -21.67 -10.06 11.57
C SER A 263 -20.55 -9.06 11.89
N GLY A 264 -20.21 -8.97 13.17
CA GLY A 264 -19.14 -8.08 13.58
C GLY A 264 -18.96 -8.12 15.08
N ILE A 265 -17.84 -7.54 15.51
CA ILE A 265 -17.49 -7.44 16.92
C ILE A 265 -17.65 -6.00 17.35
N ILE A 266 -18.39 -5.79 18.44
CA ILE A 266 -18.54 -4.48 19.03
C ILE A 266 -17.97 -4.51 20.45
N THR A 267 -17.66 -3.32 20.97
CA THR A 267 -17.09 -3.19 22.29
C THR A 267 -18.01 -2.34 23.17
N SER A 268 -19.30 -2.66 23.13
CA SER A 268 -20.27 -1.93 23.94
C SER A 268 -20.12 -2.27 25.41
N ASN A 269 -20.74 -1.45 26.25
CA ASN A 269 -20.85 -1.72 27.67
C ASN A 269 -22.30 -1.71 28.14
N ALA A 270 -23.25 -1.55 27.24
CA ALA A 270 -24.65 -1.55 27.60
C ALA A 270 -25.13 -2.95 27.96
N SER A 271 -26.27 -3.00 28.64
CA SER A 271 -26.83 -4.27 29.07
C SER A 271 -27.57 -4.93 27.91
N MET A 272 -28.10 -6.12 28.16
CA MET A 272 -28.81 -6.90 27.16
C MET A 272 -30.29 -7.00 27.52
N HIS A 273 -31.15 -6.87 26.52
CA HIS A 273 -32.57 -7.07 26.70
C HIS A 273 -33.18 -7.53 25.39
N GLU A 274 -34.33 -8.19 25.50
CA GLU A 274 -34.95 -8.83 24.34
C GLU A 274 -35.59 -7.79 23.43
N CYS A 275 -35.06 -7.66 22.22
CA CYS A 275 -35.65 -6.81 21.19
C CYS A 275 -35.52 -7.54 19.86
N ASN A 276 -35.88 -6.85 18.77
CA ASN A 276 -35.63 -7.35 17.42
C ASN A 276 -35.49 -6.13 16.52
N THR A 277 -34.25 -5.74 16.25
CA THR A 277 -33.94 -4.50 15.56
C THR A 277 -33.20 -4.80 14.26
N LYS A 278 -33.41 -3.93 13.27
CA LYS A 278 -32.71 -4.04 12.00
C LYS A 278 -31.35 -3.35 12.03
N CYS A 279 -31.03 -2.64 13.11
CA CYS A 279 -29.77 -1.91 13.21
C CYS A 279 -29.28 -1.98 14.66
N GLN A 280 -27.97 -1.77 14.83
CA GLN A 280 -27.38 -1.86 16.16
C GLN A 280 -26.12 -1.01 16.22
N THR A 281 -25.96 -0.31 17.32
CA THR A 281 -24.76 0.46 17.64
C THR A 281 -24.34 0.10 19.06
N PRO A 282 -23.06 0.29 19.40
CA PRO A 282 -22.62 -0.04 20.77
C PRO A 282 -23.37 0.71 21.85
N GLN A 283 -23.77 1.96 21.59
CA GLN A 283 -24.54 2.69 22.59
C GLN A 283 -25.86 2.01 22.88
N GLY A 284 -26.51 1.46 21.87
CA GLY A 284 -27.75 0.74 22.04
C GLY A 284 -28.42 0.45 20.72
N ALA A 285 -29.36 -0.50 20.71
CA ALA A 285 -30.07 -0.83 19.48
C ALA A 285 -30.92 0.34 19.04
N ILE A 286 -30.86 0.66 17.74
CA ILE A 286 -31.68 1.72 17.17
C ILE A 286 -32.46 1.15 16.00
N ASN A 287 -33.56 1.83 15.68
CA ASN A 287 -34.34 1.49 14.50
C ASN A 287 -34.96 2.77 13.96
N SER A 288 -34.64 3.12 12.72
CA SER A 288 -35.14 4.35 12.14
C SER A 288 -34.94 4.31 10.63
N SER A 289 -35.88 4.90 9.91
CA SER A 289 -35.79 5.03 8.46
C SER A 289 -35.06 6.30 8.03
N LEU A 290 -34.58 7.09 8.98
CA LEU A 290 -33.88 8.32 8.63
C LEU A 290 -32.54 8.01 7.98
N PRO A 291 -32.13 8.80 6.99
CA PRO A 291 -30.85 8.50 6.29
C PRO A 291 -29.62 8.57 7.17
N PHE A 292 -29.59 9.44 8.18
CA PHE A 292 -28.37 9.71 8.92
C PHE A 292 -28.59 9.54 10.42
N GLN A 293 -27.53 9.16 11.12
CA GLN A 293 -27.53 9.07 12.57
C GLN A 293 -26.15 9.44 13.08
N ASN A 294 -26.10 10.17 14.20
CA ASN A 294 -24.83 10.56 14.80
C ASN A 294 -24.52 9.78 16.06
N ILE A 295 -25.20 8.66 16.31
CA ILE A 295 -25.02 7.92 17.55
C ILE A 295 -23.62 7.34 17.65
N HIS A 296 -23.19 6.63 16.61
CA HIS A 296 -21.91 5.93 16.66
C HIS A 296 -21.52 5.50 15.26
N PRO A 297 -20.23 5.52 14.93
CA PRO A 297 -19.81 5.05 13.60
C PRO A 297 -19.91 3.55 13.44
N VAL A 298 -19.69 2.78 14.50
CA VAL A 298 -19.74 1.33 14.41
C VAL A 298 -21.20 0.89 14.42
N THR A 299 -21.61 0.19 13.37
CA THR A 299 -22.98 -0.29 13.26
C THR A 299 -22.98 -1.74 12.79
N ILE A 300 -24.07 -2.43 13.11
CA ILE A 300 -24.29 -3.82 12.67
C ILE A 300 -25.63 -3.87 11.95
N GLY A 301 -25.63 -4.44 10.75
CA GLY A 301 -26.83 -4.49 9.96
C GLY A 301 -27.12 -3.19 9.25
N GLU A 302 -28.27 -3.15 8.58
CA GLU A 302 -28.69 -1.97 7.82
C GLU A 302 -28.93 -0.82 8.78
N CYS A 303 -28.10 0.21 8.71
CA CYS A 303 -28.13 1.36 9.59
C CYS A 303 -28.03 2.63 8.78
N PRO A 304 -28.48 3.75 9.34
CA PRO A 304 -28.28 5.03 8.66
C PRO A 304 -26.81 5.40 8.61
N LYS A 305 -26.50 6.41 7.80
CA LYS A 305 -25.13 6.89 7.71
C LYS A 305 -24.73 7.58 9.01
N TYR A 306 -23.42 7.67 9.23
CA TYR A 306 -22.88 8.34 10.40
C TYR A 306 -22.26 9.66 10.00
N VAL A 307 -22.70 10.74 10.63
CA VAL A 307 -22.17 12.08 10.41
C VAL A 307 -22.08 12.78 11.76
N ARG A 308 -21.01 13.55 11.97
CA ARG A 308 -20.86 14.27 13.24
C ARG A 308 -21.89 15.36 13.42
N SER A 309 -22.65 15.72 12.39
CA SER A 309 -23.54 16.86 12.47
C SER A 309 -24.52 16.72 13.64
N THR A 310 -24.70 17.82 14.37
CA THR A 310 -25.56 17.82 15.54
C THR A 310 -27.02 17.97 15.14
N LYS A 311 -27.32 18.92 14.26
CA LYS A 311 -28.66 19.12 13.75
C LYS A 311 -28.62 19.05 12.23
N LEU A 312 -29.60 18.35 11.65
CA LEU A 312 -29.64 18.15 10.21
C LEU A 312 -31.06 17.76 9.84
N ARG A 313 -31.75 18.63 9.11
CA ARG A 313 -33.13 18.37 8.75
C ARG A 313 -33.47 19.08 7.46
N MET A 314 -34.16 18.37 6.57
CA MET A 314 -34.69 19.00 5.37
C MET A 314 -35.69 20.09 5.75
N VAL A 315 -36.08 20.88 4.76
CA VAL A 315 -37.16 21.85 4.92
C VAL A 315 -38.36 21.27 4.19
N THR A 316 -39.37 20.89 4.96
CA THR A 316 -40.66 20.48 4.41
C THR A 316 -41.75 21.47 4.80
N GLY A 317 -41.36 22.68 5.15
CA GLY A 317 -42.32 23.71 5.51
C GLY A 317 -41.88 25.09 5.08
N LEU A 318 -42.79 25.80 4.42
CA LEU A 318 -42.50 27.15 3.95
C LEU A 318 -42.21 28.06 5.14
N ARG A 319 -41.39 29.08 4.90
CA ARG A 319 -41.06 30.03 5.96
C ARG A 319 -42.30 30.83 6.34
N ASN A 320 -42.45 31.09 7.63
CA ASN A 320 -43.62 31.78 8.16
C ASN A 320 -43.18 33.02 8.93
N ILE A 321 -43.69 34.19 8.51
CA ILE A 321 -43.43 35.42 9.27
C ILE A 321 -44.01 35.34 10.66
N PRO A 322 -45.27 34.95 10.88
CA PRO A 322 -45.74 34.77 12.25
C PRO A 322 -45.22 33.47 12.84
N SER A 323 -45.09 33.44 14.15
CA SER A 323 -44.56 32.28 14.86
C SER A 323 -45.60 31.70 15.80
N ILE A 337 -46.11 40.29 -1.08
CA ILE A 337 -46.48 38.98 -0.53
C ILE A 337 -45.88 38.88 0.86
N GLU A 338 -45.70 40.04 1.50
CA GLU A 338 -45.06 40.13 2.80
C GLU A 338 -45.89 39.37 3.84
N GLY A 339 -45.29 38.34 4.42
CA GLY A 339 -45.90 37.64 5.53
C GLY A 339 -46.88 36.56 5.10
N GLY A 340 -47.02 35.56 5.97
CA GLY A 340 -48.00 34.50 5.78
C GLY A 340 -49.26 34.78 6.55
N TRP A 341 -50.08 33.73 6.68
CA TRP A 341 -51.34 33.81 7.42
C TRP A 341 -51.31 32.78 8.54
N THR A 342 -51.31 33.25 9.79
CA THR A 342 -50.97 32.41 10.93
C THR A 342 -52.05 31.37 11.24
N GLY A 343 -53.30 31.79 11.31
CA GLY A 343 -54.33 30.88 11.78
C GLY A 343 -55.00 30.04 10.74
N MET A 344 -54.60 30.16 9.48
CA MET A 344 -55.33 29.56 8.37
C MET A 344 -54.66 28.24 7.98
N ILE A 345 -54.80 27.25 8.87
CA ILE A 345 -54.03 26.01 8.81
C ILE A 345 -54.61 25.02 7.80
N ASP A 346 -55.70 25.39 7.11
CA ASP A 346 -56.39 24.45 6.23
C ASP A 346 -55.45 23.83 5.19
N GLY A 347 -54.63 24.66 4.55
CA GLY A 347 -53.74 24.15 3.51
C GLY A 347 -52.47 24.96 3.42
N TRP A 348 -51.50 24.40 2.70
CA TRP A 348 -50.22 25.07 2.51
C TRP A 348 -50.38 26.38 1.74
N TYR A 349 -51.14 26.34 0.65
CA TYR A 349 -51.30 27.48 -0.25
C TYR A 349 -52.77 27.86 -0.24
N GLY A 350 -53.10 28.92 0.51
CA GLY A 350 -54.49 29.28 0.72
C GLY A 350 -54.79 30.66 0.17
N TYR A 351 -56.10 30.93 0.06
CA TYR A 351 -56.57 32.22 -0.43
C TYR A 351 -57.74 32.69 0.42
N HIS A 352 -57.68 33.96 0.84
CA HIS A 352 -58.79 34.60 1.54
C HIS A 352 -59.76 35.15 0.51
N HIS A 353 -60.91 34.49 0.35
CA HIS A 353 -61.90 34.91 -0.63
C HIS A 353 -62.90 35.84 0.04
N GLN A 354 -62.92 37.10 -0.38
CA GLN A 354 -63.79 38.11 0.19
C GLN A 354 -64.98 38.34 -0.75
N ASN A 355 -66.17 38.40 -0.17
CA ASN A 355 -67.39 38.64 -0.96
C ASN A 355 -68.45 39.18 -0.02
N GLU A 356 -69.45 39.84 -0.62
CA GLU A 356 -70.58 40.32 0.15
C GLU A 356 -71.39 39.17 0.75
N GLN A 357 -71.38 38.01 0.09
CA GLN A 357 -72.06 36.84 0.63
C GLN A 357 -71.29 36.23 1.80
N GLY A 358 -69.96 36.20 1.70
CA GLY A 358 -69.14 35.67 2.77
C GLY A 358 -67.69 36.08 2.58
N SER A 359 -66.95 36.07 3.69
CA SER A 359 -65.54 36.44 3.70
C SER A 359 -64.69 35.30 4.23
N GLY A 360 -64.97 34.07 3.77
CA GLY A 360 -64.27 32.90 4.23
C GLY A 360 -62.90 32.73 3.59
N TYR A 361 -62.29 31.58 3.87
CA TYR A 361 -60.96 31.25 3.38
C TYR A 361 -60.93 29.80 2.92
N ALA A 362 -60.20 29.55 1.84
CA ALA A 362 -60.00 28.20 1.33
C ALA A 362 -58.59 28.09 0.75
N ALA A 363 -58.10 26.85 0.68
CA ALA A 363 -56.75 26.58 0.22
C ALA A 363 -56.76 26.11 -1.23
N ASP A 364 -55.80 26.61 -2.01
CA ASP A 364 -55.65 26.19 -3.40
C ASP A 364 -55.16 24.75 -3.40
N GLN A 365 -56.07 23.82 -3.72
CA GLN A 365 -55.78 22.39 -3.52
C GLN A 365 -54.71 21.90 -4.49
N LYS A 366 -54.84 22.24 -5.78
CA LYS A 366 -53.93 21.68 -6.78
C LYS A 366 -52.50 22.13 -6.56
N SER A 367 -52.30 23.42 -6.28
CA SER A 367 -50.94 23.90 -6.02
C SER A 367 -50.36 23.27 -4.76
N THR A 368 -51.18 23.11 -3.72
CA THR A 368 -50.71 22.51 -2.48
C THR A 368 -50.28 21.07 -2.70
N GLN A 369 -51.09 20.29 -3.43
CA GLN A 369 -50.74 18.89 -3.65
C GLN A 369 -49.52 18.78 -4.56
N ASN A 370 -49.41 19.67 -5.56
CA ASN A 370 -48.21 19.67 -6.39
C ASN A 370 -46.97 19.95 -5.56
N ALA A 371 -47.05 20.95 -4.67
CA ALA A 371 -45.90 21.28 -3.84
C ALA A 371 -45.53 20.12 -2.92
N ILE A 372 -46.53 19.50 -2.29
CA ILE A 372 -46.20 18.45 -1.31
C ILE A 372 -45.65 17.22 -2.02
N ASN A 373 -46.20 16.86 -3.18
CA ASN A 373 -45.66 15.69 -3.88
C ASN A 373 -44.26 15.98 -4.42
N GLY A 374 -44.01 17.21 -4.88
CA GLY A 374 -42.66 17.55 -5.29
C GLY A 374 -41.66 17.49 -4.15
N ILE A 375 -42.04 17.99 -2.99
CA ILE A 375 -41.13 17.99 -1.85
C ILE A 375 -40.90 16.56 -1.35
N THR A 376 -41.94 15.73 -1.35
CA THR A 376 -41.76 14.34 -0.97
C THR A 376 -40.87 13.61 -1.96
N ASN A 377 -41.01 13.93 -3.25
CA ASN A 377 -40.10 13.35 -4.25
C ASN A 377 -38.66 13.78 -3.97
N LYS A 378 -38.46 15.04 -3.61
CA LYS A 378 -37.11 15.53 -3.34
C LYS A 378 -36.50 14.83 -2.12
N VAL A 379 -37.27 14.71 -1.03
CA VAL A 379 -36.72 14.06 0.14
C VAL A 379 -36.49 12.58 -0.12
N ASN A 380 -37.35 11.93 -0.92
CA ASN A 380 -37.13 10.54 -1.26
C ASN A 380 -35.88 10.37 -2.11
N SER A 381 -35.63 11.32 -3.02
CA SER A 381 -34.38 11.31 -3.76
C SER A 381 -33.19 11.43 -2.81
N VAL A 382 -33.32 12.30 -1.80
CA VAL A 382 -32.25 12.46 -0.82
C VAL A 382 -32.00 11.15 -0.08
N ILE A 383 -33.07 10.48 0.36
CA ILE A 383 -32.89 9.24 1.12
C ILE A 383 -32.35 8.13 0.23
N GLU A 384 -32.69 8.13 -1.06
CA GLU A 384 -32.19 7.10 -1.95
C GLU A 384 -30.73 7.32 -2.30
N LYS A 385 -30.31 8.58 -2.40
CA LYS A 385 -28.93 8.88 -2.78
C LYS A 385 -27.94 8.23 -1.81
N MET A 386 -28.34 8.24 -0.53
CA MET A 386 -27.49 7.60 0.50
C MET A 386 -27.72 6.10 0.47
N ASN A 387 -26.71 5.32 0.84
CA ASN A 387 -26.75 3.87 0.85
C ASN A 387 -26.63 3.38 2.29
N THR A 388 -27.53 2.48 2.68
CA THR A 388 -27.56 2.00 4.06
C THR A 388 -26.22 1.37 4.43
N GLN A 389 -25.51 2.02 5.34
CA GLN A 389 -24.13 1.65 5.64
C GLN A 389 -24.07 0.23 6.19
N PHE A 390 -23.32 -0.64 5.51
CA PHE A 390 -23.12 -2.01 5.94
C PHE A 390 -22.30 -2.04 7.22
N THR A 391 -22.21 -3.22 7.82
CA THR A 391 -21.50 -3.37 9.09
C THR A 391 -20.06 -2.90 8.98
N ALA A 392 -19.73 -1.79 9.62
CA ALA A 392 -18.41 -1.18 9.57
C ALA A 392 -17.89 -1.07 11.00
N VAL A 393 -17.28 -2.14 11.48
CA VAL A 393 -16.74 -2.17 12.83
C VAL A 393 -15.25 -1.86 12.79
N GLY A 394 -14.72 -1.42 13.93
CA GLY A 394 -13.30 -1.14 14.01
C GLY A 394 -12.48 -2.40 14.04
N LYS A 395 -11.19 -2.23 13.77
CA LYS A 395 -10.23 -3.33 13.77
C LYS A 395 -9.07 -2.97 14.69
N GLU A 396 -8.69 -3.91 15.54
CA GLU A 396 -7.55 -3.69 16.42
C GLU A 396 -6.25 -4.03 15.69
N PHE A 397 -5.17 -3.38 16.11
CA PHE A 397 -3.87 -3.53 15.47
C PHE A 397 -2.80 -3.81 16.52
N ASN A 398 -1.72 -4.42 16.06
CA ASN A 398 -0.58 -4.71 16.90
C ASN A 398 0.11 -3.41 17.34
N ASN A 399 1.11 -3.55 18.20
CA ASN A 399 1.91 -2.40 18.58
C ASN A 399 2.99 -2.06 17.57
N LEU A 400 3.22 -2.93 16.59
CA LEU A 400 4.13 -2.66 15.48
C LEU A 400 3.38 -2.31 14.21
N GLU A 401 2.09 -2.00 14.30
CA GLU A 401 1.27 -1.67 13.15
C GLU A 401 0.63 -0.30 13.31
N LYS A 402 1.40 0.67 13.81
CA LYS A 402 0.84 2.01 13.94
C LYS A 402 0.70 2.69 12.59
N ARG A 403 1.52 2.29 11.60
CA ARG A 403 1.34 2.82 10.25
C ARG A 403 -0.02 2.40 9.68
N MET A 404 -0.31 1.09 9.75
CA MET A 404 -1.58 0.60 9.24
C MET A 404 -2.75 1.12 10.07
N GLU A 405 -2.56 1.21 11.39
CA GLU A 405 -3.60 1.74 12.25
C GLU A 405 -3.91 3.19 11.90
N ASN A 406 -2.88 4.00 11.67
CA ASN A 406 -3.10 5.39 11.32
C ASN A 406 -3.67 5.54 9.92
N LEU A 407 -3.30 4.65 9.00
CA LEU A 407 -3.90 4.69 7.67
C LEU A 407 -5.39 4.38 7.74
N ASN A 408 -5.77 3.36 8.52
CA ASN A 408 -7.18 3.04 8.71
C ASN A 408 -7.91 4.17 9.40
N LYS A 409 -7.26 4.78 10.40
CA LYS A 409 -7.87 5.92 11.10
C LYS A 409 -8.09 7.09 10.15
N LYS A 410 -7.10 7.38 9.31
CA LYS A 410 -7.23 8.46 8.34
C LYS A 410 -8.33 8.17 7.34
N VAL A 411 -8.43 6.91 6.88
CA VAL A 411 -9.48 6.56 5.93
C VAL A 411 -10.86 6.75 6.55
N ASP A 412 -11.02 6.26 7.79
CA ASP A 412 -12.31 6.40 8.44
C ASP A 412 -12.66 7.86 8.69
N ASP A 413 -11.68 8.64 9.17
CA ASP A 413 -11.92 10.06 9.41
C ASP A 413 -12.24 10.80 8.12
N GLY A 414 -11.53 10.48 7.04
CA GLY A 414 -11.79 11.15 5.78
C GLY A 414 -13.15 10.83 5.20
N PHE A 415 -13.53 9.55 5.22
CA PHE A 415 -14.86 9.19 4.71
C PHE A 415 -15.95 9.80 5.57
N LEU A 416 -15.75 9.79 6.89
CA LEU A 416 -16.70 10.43 7.80
C LEU A 416 -16.82 11.91 7.52
N ASP A 417 -15.70 12.60 7.33
CA ASP A 417 -15.74 14.04 7.05
C ASP A 417 -16.39 14.33 5.71
N ILE A 418 -16.09 13.51 4.71
CA ILE A 418 -16.67 13.72 3.38
C ILE A 418 -18.18 13.53 3.43
N TRP A 419 -18.66 12.50 4.13
CA TRP A 419 -20.10 12.31 4.19
C TRP A 419 -20.77 13.34 5.08
N THR A 420 -20.09 13.82 6.13
CA THR A 420 -20.62 14.94 6.90
C THR A 420 -20.80 16.16 6.01
N TYR A 421 -19.76 16.50 5.24
CA TYR A 421 -19.84 17.65 4.35
C TYR A 421 -20.92 17.48 3.30
N ASN A 422 -21.03 16.27 2.73
CA ASN A 422 -22.04 16.03 1.71
C ASN A 422 -23.44 16.17 2.28
N ALA A 423 -23.69 15.60 3.46
CA ALA A 423 -25.01 15.71 4.08
C ALA A 423 -25.34 17.16 4.38
N GLU A 424 -24.40 17.90 4.97
CA GLU A 424 -24.67 19.28 5.31
C GLU A 424 -24.92 20.13 4.06
N LEU A 425 -24.10 19.94 3.03
CA LEU A 425 -24.29 20.70 1.80
C LEU A 425 -25.61 20.35 1.14
N LEU A 426 -26.00 19.08 1.16
CA LEU A 426 -27.29 18.71 0.59
C LEU A 426 -28.43 19.35 1.37
N VAL A 427 -28.33 19.37 2.70
CA VAL A 427 -29.36 20.03 3.50
C VAL A 427 -29.47 21.49 3.11
N LEU A 428 -28.34 22.20 3.08
CA LEU A 428 -28.38 23.63 2.79
C LEU A 428 -28.92 23.89 1.39
N LEU A 429 -28.44 23.14 0.40
CA LEU A 429 -28.85 23.36 -0.98
C LEU A 429 -30.31 23.04 -1.18
N GLU A 430 -30.79 21.91 -0.64
CA GLU A 430 -32.19 21.55 -0.81
C GLU A 430 -33.09 22.52 -0.07
N ASN A 431 -32.66 23.01 1.10
CA ASN A 431 -33.45 24.01 1.82
C ASN A 431 -33.59 25.29 1.01
N GLU A 432 -32.48 25.77 0.44
CA GLU A 432 -32.55 26.95 -0.40
C GLU A 432 -33.45 26.71 -1.60
N ARG A 433 -33.30 25.55 -2.25
CA ARG A 433 -34.09 25.27 -3.44
C ARG A 433 -35.57 25.20 -3.12
N THR A 434 -35.95 24.55 -2.01
CA THR A 434 -37.36 24.45 -1.68
C THR A 434 -37.93 25.78 -1.21
N LEU A 435 -37.14 26.62 -0.55
CA LEU A 435 -37.63 27.94 -0.19
C LEU A 435 -37.91 28.77 -1.43
N ASP A 436 -36.95 28.82 -2.36
CA ASP A 436 -37.20 29.52 -3.61
C ASP A 436 -38.32 28.86 -4.41
N PHE A 437 -38.51 27.55 -4.24
CA PHE A 437 -39.59 26.83 -4.92
C PHE A 437 -40.95 27.26 -4.39
N HIS A 438 -41.09 27.35 -3.07
CA HIS A 438 -42.33 27.86 -2.49
C HIS A 438 -42.59 29.29 -2.93
N ASP A 439 -41.55 30.12 -2.94
CA ASP A 439 -41.73 31.51 -3.36
C ASP A 439 -42.15 31.60 -4.84
N SER A 440 -41.53 30.79 -5.70
CA SER A 440 -41.92 30.76 -7.10
C SER A 440 -43.33 30.22 -7.28
N ASN A 441 -43.73 29.25 -6.45
CA ASN A 441 -45.09 28.74 -6.50
C ASN A 441 -46.10 29.83 -6.15
N VAL A 442 -45.81 30.62 -5.12
CA VAL A 442 -46.69 31.74 -4.78
C VAL A 442 -46.73 32.75 -5.92
N LYS A 443 -45.57 33.04 -6.50
CA LYS A 443 -45.51 34.01 -7.60
C LYS A 443 -46.36 33.54 -8.78
N ASN A 444 -46.23 32.28 -9.18
CA ASN A 444 -46.98 31.81 -10.33
C ASN A 444 -48.46 31.61 -10.00
N LEU A 445 -48.79 31.32 -8.73
CA LEU A 445 -50.18 31.31 -8.33
C LEU A 445 -50.80 32.69 -8.49
N TYR A 446 -50.09 33.73 -8.05
CA TYR A 446 -50.56 35.09 -8.27
C TYR A 446 -50.64 35.41 -9.76
N GLU A 447 -49.70 34.88 -10.55
CA GLU A 447 -49.74 35.09 -12.00
C GLU A 447 -51.01 34.49 -12.60
N LYS A 448 -51.36 33.27 -12.20
CA LYS A 448 -52.60 32.68 -12.65
C LYS A 448 -53.79 33.51 -12.21
N VAL A 449 -53.76 33.99 -10.96
CA VAL A 449 -54.87 34.78 -10.42
C VAL A 449 -55.11 36.02 -11.27
N LYS A 450 -54.05 36.77 -11.57
CA LYS A 450 -54.24 37.97 -12.36
C LYS A 450 -54.37 37.67 -13.85
N SER A 451 -54.07 36.44 -14.27
CA SER A 451 -54.32 36.05 -15.66
C SER A 451 -55.78 35.66 -15.86
N GLN A 452 -56.47 35.25 -14.79
CA GLN A 452 -57.88 34.91 -14.91
C GLN A 452 -58.71 36.12 -15.32
N LEU A 453 -58.42 37.29 -14.76
CA LEU A 453 -59.10 38.52 -15.15
C LEU A 453 -58.10 39.67 -15.11
N ARG A 454 -58.21 40.58 -16.08
CA ARG A 454 -57.33 41.72 -16.20
C ARG A 454 -58.16 42.98 -16.39
N ASN A 455 -57.77 44.06 -15.70
CA ASN A 455 -58.41 45.38 -15.79
C ASN A 455 -59.83 45.39 -15.26
N ASN A 456 -60.33 44.27 -14.74
CA ASN A 456 -61.62 44.21 -14.08
C ASN A 456 -61.51 44.25 -12.56
N ALA A 457 -60.31 44.38 -12.02
CA ALA A 457 -60.09 44.30 -10.58
C ALA A 457 -58.89 45.16 -10.20
N LYS A 458 -59.01 45.89 -9.10
CA LYS A 458 -57.89 46.65 -8.58
C LYS A 458 -56.92 45.72 -7.84
N GLU A 459 -55.81 46.29 -7.40
CA GLU A 459 -54.71 45.52 -6.82
C GLU A 459 -54.44 45.96 -5.39
N ILE A 460 -54.74 45.09 -4.44
CA ILE A 460 -54.20 45.24 -3.09
C ILE A 460 -52.69 45.07 -3.10
N GLY A 461 -52.20 44.14 -3.92
CA GLY A 461 -50.83 43.68 -3.79
C GLY A 461 -50.73 42.56 -2.80
N ASN A 462 -49.51 42.06 -2.62
CA ASN A 462 -49.24 40.93 -1.74
C ASN A 462 -50.08 39.71 -2.13
N GLY A 463 -50.34 39.58 -3.43
CA GLY A 463 -51.13 38.47 -3.92
C GLY A 463 -52.63 38.62 -3.75
N CYS A 464 -53.10 39.78 -3.33
CA CYS A 464 -54.51 40.00 -3.04
C CYS A 464 -55.13 40.88 -4.12
N PHE A 465 -56.39 40.60 -4.46
CA PHE A 465 -57.11 41.32 -5.49
C PHE A 465 -58.49 41.72 -5.00
N GLU A 466 -58.96 42.86 -5.47
CA GLU A 466 -60.32 43.32 -5.23
C GLU A 466 -60.89 43.82 -6.55
N PHE A 467 -62.20 43.65 -6.74
CA PHE A 467 -62.85 43.92 -8.01
C PHE A 467 -63.63 45.23 -7.94
N TYR A 468 -63.63 45.96 -9.05
CA TYR A 468 -64.57 47.07 -9.19
C TYR A 468 -66.00 46.54 -9.21
N HIS A 469 -66.31 45.69 -10.18
CA HIS A 469 -67.61 45.04 -10.26
C HIS A 469 -67.78 44.06 -9.10
N LYS A 470 -69.03 43.84 -8.70
CA LYS A 470 -69.32 42.89 -7.65
C LYS A 470 -69.50 41.50 -8.26
N CYS A 471 -68.60 40.59 -7.90
CA CYS A 471 -68.61 39.21 -8.40
C CYS A 471 -68.84 38.29 -7.22
N ASP A 472 -69.87 37.46 -7.31
CA ASP A 472 -70.30 36.65 -6.18
C ASP A 472 -69.30 35.53 -5.89
N ASN A 473 -69.60 34.76 -4.85
CA ASN A 473 -68.70 33.68 -4.42
C ASN A 473 -68.59 32.59 -5.48
N GLU A 474 -69.72 32.24 -6.13
CA GLU A 474 -69.66 31.26 -7.21
C GLU A 474 -69.00 31.83 -8.45
N CYS A 475 -69.29 33.10 -8.75
CA CYS A 475 -68.54 33.81 -9.79
C CYS A 475 -67.05 33.78 -9.51
N MET A 476 -66.65 34.07 -8.27
CA MET A 476 -65.24 34.08 -7.93
C MET A 476 -64.63 32.69 -7.96
N GLU A 477 -65.42 31.66 -7.61
CA GLU A 477 -64.95 30.29 -7.75
C GLU A 477 -64.69 29.95 -9.21
N SER A 478 -65.58 30.37 -10.10
CA SER A 478 -65.34 30.20 -11.53
C SER A 478 -64.11 30.98 -11.97
N VAL A 479 -63.86 32.13 -11.34
CA VAL A 479 -62.63 32.88 -11.62
C VAL A 479 -61.41 32.06 -11.23
N LYS A 480 -61.48 31.37 -10.08
CA LYS A 480 -60.31 30.66 -9.56
C LYS A 480 -59.80 29.62 -10.53
N ASN A 481 -60.71 28.85 -11.14
CA ASN A 481 -60.30 27.81 -12.09
C ASN A 481 -59.91 28.37 -13.45
N GLY A 482 -60.06 29.67 -13.67
CA GLY A 482 -59.70 30.27 -14.94
C GLY A 482 -60.78 30.23 -16.00
N THR A 483 -62.01 29.89 -15.64
CA THR A 483 -63.12 29.83 -16.58
C THR A 483 -63.85 31.16 -16.74
N TYR A 484 -63.37 32.22 -16.08
CA TYR A 484 -63.99 33.53 -16.17
C TYR A 484 -63.20 34.42 -17.13
N ASP A 485 -63.92 35.30 -17.82
CA ASP A 485 -63.34 36.20 -18.80
C ASP A 485 -63.57 37.66 -18.38
N TYR A 486 -62.59 38.50 -18.69
CA TYR A 486 -62.68 39.92 -18.36
C TYR A 486 -63.88 40.61 -19.03
N PRO A 487 -64.14 40.45 -20.33
CA PRO A 487 -65.25 41.21 -20.95
C PRO A 487 -66.62 40.91 -20.36
N LYS A 488 -66.74 39.94 -19.46
CA LYS A 488 -68.03 39.69 -18.82
C LYS A 488 -68.48 40.88 -18.01
N TYR A 489 -67.55 41.52 -17.30
CA TYR A 489 -67.82 42.73 -16.54
C TYR A 489 -66.98 43.87 -17.11
N SER A 490 -67.62 45.00 -17.36
CA SER A 490 -66.96 46.16 -17.95
C SER A 490 -67.04 47.37 -17.00
N GLU A 491 -66.86 47.12 -15.71
CA GLU A 491 -66.90 48.18 -14.70
C GLU A 491 -65.48 48.71 -14.52
N GLU A 492 -65.16 49.78 -15.24
CA GLU A 492 -63.84 50.40 -15.09
C GLU A 492 -63.66 51.03 -13.72
N SER A 493 -64.74 51.53 -13.13
CA SER A 493 -64.67 52.16 -11.82
C SER A 493 -65.89 51.81 -10.97
N ILE B 3 -35.72 58.29 -11.59
CA ILE B 3 -35.25 57.35 -10.57
C ILE B 3 -34.70 56.10 -11.24
N CYS B 4 -33.44 56.16 -11.67
CA CYS B 4 -32.77 55.02 -12.29
C CYS B 4 -32.11 54.17 -11.21
N ILE B 5 -32.44 52.89 -11.19
CA ILE B 5 -31.96 51.96 -10.18
C ILE B 5 -30.96 51.02 -10.84
N GLY B 6 -29.76 50.94 -10.27
CA GLY B 6 -28.72 50.10 -10.81
C GLY B 6 -27.82 49.49 -9.76
N TYR B 7 -26.51 49.46 -10.03
CA TYR B 7 -25.56 48.87 -9.09
C TYR B 7 -24.22 49.56 -9.23
N HIS B 8 -23.45 49.53 -8.15
CA HIS B 8 -22.14 50.18 -8.11
C HIS B 8 -21.14 49.44 -8.97
N ALA B 9 -20.23 50.18 -9.58
CA ALA B 9 -19.15 49.61 -10.37
C ALA B 9 -17.83 50.27 -9.96
N ASN B 10 -16.73 49.54 -10.17
CA ASN B 10 -15.41 50.02 -9.81
C ASN B 10 -14.39 49.56 -10.83
N ASN B 11 -13.19 50.13 -10.75
CA ASN B 11 -12.10 49.77 -11.66
C ASN B 11 -11.21 48.71 -11.00
N SER B 12 -11.76 47.50 -10.94
CA SER B 12 -11.07 46.36 -10.36
C SER B 12 -10.84 45.30 -11.43
N THR B 13 -9.61 44.79 -11.50
CA THR B 13 -9.26 43.76 -12.45
C THR B 13 -9.59 42.36 -11.94
N ASP B 14 -10.19 42.25 -10.77
CA ASP B 14 -10.54 40.95 -10.20
C ASP B 14 -11.54 40.22 -11.08
N THR B 15 -11.12 39.12 -11.68
CA THR B 15 -11.99 38.28 -12.49
C THR B 15 -12.11 36.90 -11.83
N VAL B 16 -13.29 36.29 -11.99
CA VAL B 16 -13.61 35.04 -11.34
C VAL B 16 -14.25 34.11 -12.37
N ASP B 17 -14.50 32.88 -11.95
CA ASP B 17 -15.12 31.87 -12.79
C ASP B 17 -16.47 31.45 -12.20
N THR B 18 -17.39 31.12 -13.10
CA THR B 18 -18.66 30.51 -12.73
C THR B 18 -18.79 29.19 -13.48
N VAL B 19 -19.72 28.34 -13.03
CA VAL B 19 -19.89 27.07 -13.72
C VAL B 19 -20.43 27.30 -15.13
N LEU B 20 -21.30 28.30 -15.31
CA LEU B 20 -21.85 28.57 -16.63
C LEU B 20 -20.76 29.08 -17.57
N GLU B 21 -19.93 30.00 -17.10
CA GLU B 21 -18.89 30.59 -17.92
C GLU B 21 -17.74 31.03 -17.03
N LYS B 22 -16.56 31.13 -17.62
CA LYS B 22 -15.33 31.44 -16.90
C LYS B 22 -14.89 32.86 -17.17
N ASN B 23 -13.98 33.34 -16.31
CA ASN B 23 -13.30 34.63 -16.49
C ASN B 23 -14.30 35.78 -16.58
N VAL B 24 -15.05 35.97 -15.49
CA VAL B 24 -15.99 37.08 -15.38
C VAL B 24 -15.47 38.05 -14.32
N THR B 25 -15.46 39.33 -14.66
CA THR B 25 -14.94 40.37 -13.78
C THR B 25 -15.99 40.81 -12.78
N VAL B 26 -15.55 41.08 -11.55
CA VAL B 26 -16.45 41.45 -10.48
C VAL B 26 -15.86 42.63 -9.70
N THR B 27 -16.72 43.32 -8.96
CA THR B 27 -16.26 44.46 -8.17
C THR B 27 -15.34 44.01 -7.05
N HIS B 28 -15.76 43.02 -6.26
CA HIS B 28 -14.98 42.56 -5.13
C HIS B 28 -14.98 41.04 -5.11
N SER B 29 -13.86 40.46 -4.70
CA SER B 29 -13.75 39.03 -4.52
C SER B 29 -12.81 38.75 -3.36
N VAL B 30 -12.98 37.58 -2.75
CA VAL B 30 -12.13 37.13 -1.66
C VAL B 30 -11.44 35.84 -2.10
N ASN B 31 -10.12 35.83 -2.03
CA ASN B 31 -9.34 34.68 -2.46
C ASN B 31 -9.16 33.74 -1.28
N LEU B 32 -9.75 32.55 -1.36
CA LEU B 32 -9.68 31.58 -0.29
C LEU B 32 -8.50 30.64 -0.41
N LEU B 33 -7.70 30.76 -1.46
CA LEU B 33 -6.53 29.90 -1.64
C LEU B 33 -5.28 30.72 -1.32
N GLU B 34 -4.61 30.36 -0.23
CA GLU B 34 -3.37 31.02 0.16
C GLU B 34 -2.21 30.31 -0.53
N ASP B 35 -1.44 31.06 -1.32
CA ASP B 35 -0.37 30.49 -2.12
C ASP B 35 0.99 31.13 -1.82
N SER B 36 1.14 31.77 -0.67
CA SER B 36 2.39 32.40 -0.30
C SER B 36 2.87 31.86 1.04
N HIS B 37 4.18 31.97 1.26
CA HIS B 37 4.80 31.38 2.43
C HIS B 37 6.20 31.95 2.58
N ASN B 38 6.61 32.21 3.81
CA ASN B 38 8.00 32.58 4.07
C ASN B 38 8.82 31.29 4.18
N GLY B 39 9.85 31.18 3.34
CA GLY B 39 10.59 29.93 3.23
C GLY B 39 11.24 29.48 4.53
N LYS B 40 11.46 30.39 5.47
CA LYS B 40 12.15 30.03 6.70
C LYS B 40 11.30 29.08 7.54
N LEU B 41 11.98 28.16 8.24
CA LEU B 41 11.31 27.22 9.14
C LEU B 41 11.15 27.89 10.50
N CYS B 42 10.02 28.57 10.71
CA CYS B 42 9.78 29.25 11.97
C CYS B 42 9.36 28.27 13.07
N LYS B 43 9.51 28.74 14.31
CA LYS B 43 9.10 27.97 15.46
C LYS B 43 7.58 27.84 15.51
N LEU B 44 7.10 26.67 15.88
CA LEU B 44 5.68 26.39 15.96
C LEU B 44 5.22 26.55 17.41
N LYS B 45 4.39 27.55 17.66
CA LYS B 45 3.89 27.85 19.01
C LYS B 45 5.02 28.18 19.98
N GLY B 46 6.07 28.83 19.48
CA GLY B 46 7.15 29.30 20.30
C GLY B 46 8.18 28.26 20.67
N ILE B 47 8.10 27.05 20.14
CA ILE B 47 9.06 25.98 20.41
C ILE B 47 9.81 25.69 19.13
N ALA B 48 11.14 25.77 19.20
CA ALA B 48 11.96 25.54 18.03
C ALA B 48 11.89 24.07 17.61
N PRO B 49 11.98 23.80 16.30
CA PRO B 49 11.97 22.42 15.82
C PRO B 49 13.31 21.74 16.10
N LEU B 50 13.40 20.49 15.69
CA LEU B 50 14.65 19.73 15.73
C LEU B 50 15.14 19.54 14.31
N GLN B 51 16.29 20.11 13.99
CA GLN B 51 16.87 19.99 12.66
C GLN B 51 17.86 18.83 12.67
N LEU B 52 17.49 17.74 12.00
CA LEU B 52 18.39 16.61 11.91
C LEU B 52 19.61 16.91 11.08
N GLY B 53 19.54 17.88 10.17
CA GLY B 53 20.70 18.29 9.41
C GLY B 53 21.21 17.24 8.45
N LYS B 54 22.37 16.68 8.74
CA LYS B 54 22.99 15.67 7.89
C LYS B 54 22.56 14.26 8.26
N CYS B 55 21.64 14.09 9.20
CA CYS B 55 21.36 12.80 9.77
C CYS B 55 19.88 12.47 9.62
N ASN B 56 19.57 11.19 9.50
CA ASN B 56 18.19 10.75 9.44
C ASN B 56 17.73 10.40 10.85
N ILE B 57 16.57 9.76 10.98
CA ILE B 57 16.10 9.32 12.28
C ILE B 57 17.03 8.26 12.87
N ALA B 58 17.50 7.34 12.03
CA ALA B 58 18.35 6.26 12.51
C ALA B 58 19.67 6.78 13.04
N GLY B 59 20.29 7.72 12.33
CA GLY B 59 21.52 8.30 12.81
C GLY B 59 21.34 9.11 14.08
N TRP B 60 20.23 9.86 14.17
CA TRP B 60 19.98 10.67 15.35
C TRP B 60 19.72 9.81 16.57
N LEU B 61 18.95 8.74 16.43
CA LEU B 61 18.62 7.92 17.59
C LEU B 61 19.75 6.97 17.96
N LEU B 62 20.35 6.31 16.98
CA LEU B 62 21.49 5.44 17.26
C LEU B 62 22.69 6.22 17.78
N GLY B 63 22.73 7.53 17.55
CA GLY B 63 23.85 8.33 18.00
C GLY B 63 25.02 8.28 17.05
N ASN B 64 24.76 8.56 15.78
CA ASN B 64 25.81 8.54 14.77
C ASN B 64 26.89 9.54 15.15
N PRO B 65 28.17 9.22 14.92
CA PRO B 65 29.25 10.12 15.35
C PRO B 65 29.18 11.50 14.72
N GLU B 66 28.59 11.64 13.53
CA GLU B 66 28.52 12.92 12.85
C GLU B 66 27.30 13.73 13.24
N CYS B 67 26.49 13.24 14.18
CA CYS B 67 25.30 13.95 14.66
C CYS B 67 25.46 14.26 16.15
N GLU B 68 26.66 14.68 16.54
CA GLU B 68 26.93 14.93 17.95
C GLU B 68 26.23 16.17 18.49
N SER B 69 25.74 17.05 17.62
CA SER B 69 25.01 18.22 18.08
C SER B 69 23.55 17.93 18.37
N LEU B 70 23.06 16.74 18.02
CA LEU B 70 21.68 16.36 18.23
C LEU B 70 21.43 15.60 19.52
N LEU B 71 22.50 15.21 20.22
CA LEU B 71 22.32 14.46 21.46
C LEU B 71 22.08 15.35 22.66
N SER B 72 22.09 16.67 22.48
CA SER B 72 21.66 17.61 23.50
C SER B 72 20.18 17.97 23.38
N ALA B 73 19.47 17.36 22.44
CA ALA B 73 18.07 17.70 22.22
C ALA B 73 17.21 17.19 23.35
N ARG B 74 16.28 18.03 23.80
CA ARG B 74 15.35 17.69 24.86
C ARG B 74 13.90 17.81 24.44
N SER B 75 13.54 18.84 23.69
CA SER B 75 12.16 19.05 23.27
C SER B 75 12.16 19.79 21.94
N TRP B 76 11.05 19.65 21.22
CA TRP B 76 10.91 20.26 19.90
C TRP B 76 9.44 20.31 19.55
N SER B 77 9.14 21.00 18.46
CA SER B 77 7.81 21.03 17.88
C SER B 77 7.65 20.05 16.74
N TYR B 78 8.66 19.90 15.91
CA TYR B 78 8.66 18.94 14.81
C TYR B 78 10.10 18.62 14.45
N ILE B 79 10.27 17.57 13.67
CA ILE B 79 11.59 17.08 13.28
C ILE B 79 11.80 17.35 11.80
N VAL B 80 12.91 17.98 11.46
CA VAL B 80 13.23 18.36 10.09
C VAL B 80 14.48 17.59 9.68
N GLU B 81 14.33 16.71 8.69
CA GLU B 81 15.46 16.02 8.10
C GLU B 81 15.61 16.48 6.66
N THR B 82 16.76 17.06 6.35
CA THR B 82 16.99 17.58 5.01
C THR B 82 17.11 16.43 4.02
N PRO B 83 16.90 16.70 2.72
CA PRO B 83 17.11 15.66 1.71
C PRO B 83 18.54 15.16 1.67
N ASN B 84 19.50 15.94 2.13
CA ASN B 84 20.90 15.54 2.21
C ASN B 84 21.24 14.87 3.54
N SER B 85 20.25 14.43 4.30
CA SER B 85 20.48 13.76 5.58
C SER B 85 20.71 12.27 5.34
N GLU B 86 21.97 11.93 5.10
CA GLU B 86 22.35 10.57 4.74
C GLU B 86 23.19 9.87 5.79
N ASN B 87 23.62 10.56 6.85
CA ASN B 87 24.23 9.91 7.99
C ASN B 87 23.19 9.18 8.82
N GLY B 88 23.33 7.86 8.86
CA GLY B 88 22.51 6.97 9.66
C GLY B 88 23.00 5.56 9.41
N THR B 89 23.13 4.82 10.51
CA THR B 89 23.66 3.46 10.45
C THR B 89 24.99 3.44 9.70
N CYS B 90 26.04 4.00 10.30
CA CYS B 90 27.35 4.01 9.65
C CYS B 90 27.83 2.58 9.39
N TYR B 91 27.66 1.69 10.35
CA TYR B 91 27.96 0.28 10.11
C TYR B 91 26.82 -0.33 9.29
N PRO B 92 27.13 -1.00 8.18
CA PRO B 92 26.05 -1.48 7.29
C PRO B 92 25.15 -2.48 7.99
N GLY B 93 23.88 -2.46 7.62
CA GLY B 93 22.94 -3.41 8.18
C GLY B 93 21.52 -2.89 8.01
N ASP B 94 20.61 -3.55 8.72
CA ASP B 94 19.19 -3.29 8.61
C ASP B 94 18.66 -2.77 9.94
N PHE B 95 17.94 -1.65 9.90
CA PHE B 95 17.21 -1.15 11.05
C PHE B 95 15.83 -1.79 11.04
N ILE B 96 15.61 -2.76 11.92
CA ILE B 96 14.39 -3.54 11.88
C ILE B 96 13.24 -2.70 12.40
N ASP B 97 12.16 -2.63 11.60
CA ASP B 97 10.99 -1.80 11.91
C ASP B 97 11.40 -0.34 12.07
N TYR B 98 12.14 0.17 11.08
CA TYR B 98 12.62 1.54 11.13
C TYR B 98 11.49 2.54 10.89
N GLU B 99 10.64 2.28 9.89
CA GLU B 99 9.54 3.18 9.61
C GLU B 99 8.51 3.17 10.74
N GLU B 100 8.35 2.02 11.41
CA GLU B 100 7.54 1.98 12.62
C GLU B 100 8.10 2.92 13.68
N LEU B 101 9.42 2.95 13.82
CA LEU B 101 10.04 3.88 14.75
C LEU B 101 9.80 5.32 14.33
N ARG B 102 9.83 5.59 13.03
CA ARG B 102 9.53 6.93 12.56
C ARG B 102 8.12 7.35 12.94
N GLU B 103 7.15 6.45 12.76
CA GLU B 103 5.77 6.77 13.14
C GLU B 103 5.64 6.96 14.64
N GLN B 104 6.35 6.16 15.43
CA GLN B 104 6.33 6.37 16.87
C GLN B 104 6.94 7.72 17.24
N LEU B 105 8.02 8.11 16.57
CA LEU B 105 8.69 9.36 16.86
C LEU B 105 7.89 10.57 16.39
N SER B 106 6.95 10.38 15.47
CA SER B 106 6.16 11.51 15.00
C SER B 106 5.33 12.12 16.12
N SER B 107 4.71 11.28 16.95
CA SER B 107 3.84 11.75 18.02
C SER B 107 4.58 12.09 19.30
N VAL B 108 5.90 11.90 19.33
CA VAL B 108 6.69 12.24 20.52
C VAL B 108 6.97 13.74 20.51
N SER B 109 6.67 14.39 21.63
CA SER B 109 6.90 15.82 21.75
C SER B 109 8.24 16.16 22.39
N SER B 110 8.83 15.23 23.13
CA SER B 110 10.10 15.43 23.81
C SER B 110 10.54 14.11 24.40
N PHE B 111 11.84 13.97 24.58
CA PHE B 111 12.37 12.88 25.38
C PHE B 111 13.56 13.36 26.21
N GLU B 112 13.90 12.56 27.21
CA GLU B 112 15.06 12.79 28.07
C GLU B 112 16.03 11.64 27.82
N ARG B 113 17.07 11.90 27.05
CA ARG B 113 18.06 10.88 26.77
C ARG B 113 18.93 10.65 28.01
N PHE B 114 19.06 9.39 28.41
CA PHE B 114 19.73 9.05 29.66
C PHE B 114 20.50 7.76 29.50
N GLU B 115 21.53 7.60 30.34
CA GLU B 115 22.35 6.39 30.34
C GLU B 115 21.56 5.25 30.96
N ILE B 116 21.02 4.37 30.11
CA ILE B 116 20.28 3.23 30.63
C ILE B 116 21.22 2.27 31.34
N PHE B 117 22.36 1.95 30.71
CA PHE B 117 23.38 1.11 31.33
C PHE B 117 24.69 1.89 31.30
N PRO B 118 25.12 2.45 32.43
CA PRO B 118 26.36 3.23 32.43
C PRO B 118 27.54 2.39 31.98
N LYS B 119 28.38 2.99 31.13
CA LYS B 119 29.45 2.22 30.48
C LYS B 119 30.45 1.70 31.50
N GLU B 120 30.74 2.48 32.54
CA GLU B 120 31.80 2.15 33.47
C GLU B 120 31.37 1.19 34.58
N SER B 121 30.07 0.93 34.73
CA SER B 121 29.62 0.08 35.82
C SER B 121 28.61 -0.97 35.42
N SER B 122 28.34 -1.17 34.13
CA SER B 122 27.34 -2.14 33.72
C SER B 122 27.95 -3.48 33.34
N TRP B 123 29.10 -3.47 32.66
CA TRP B 123 29.71 -4.70 32.15
C TRP B 123 31.16 -4.75 32.62
N PRO B 124 31.38 -5.23 33.85
CA PRO B 124 32.75 -5.31 34.36
C PRO B 124 33.51 -6.51 33.82
N ASN B 125 32.82 -7.62 33.59
CA ASN B 125 33.43 -8.82 33.05
C ASN B 125 33.35 -8.89 31.53
N HIS B 126 33.22 -7.75 30.86
CA HIS B 126 33.26 -7.68 29.40
C HIS B 126 34.19 -6.55 29.00
N ASN B 127 34.29 -6.32 27.69
CA ASN B 127 35.15 -5.28 27.15
C ASN B 127 34.30 -4.19 26.52
N THR B 128 34.70 -2.94 26.75
CA THR B 128 33.98 -1.78 26.24
C THR B 128 34.83 -0.86 25.38
N THR B 129 36.15 -1.05 25.33
CA THR B 129 37.02 -0.07 24.73
C THR B 129 37.30 -0.32 23.25
N LYS B 130 37.58 -1.56 22.87
CA LYS B 130 38.03 -1.85 21.51
C LYS B 130 36.86 -2.08 20.55
N GLY B 131 35.68 -1.58 20.87
CA GLY B 131 34.57 -1.64 19.94
C GLY B 131 34.47 -0.43 19.05
N VAL B 132 35.42 -0.27 18.14
CA VAL B 132 35.44 0.87 17.23
C VAL B 132 35.61 0.34 15.81
N THR B 133 35.08 1.10 14.84
CA THR B 133 35.11 0.71 13.44
C THR B 133 35.65 1.84 12.59
N ALA B 134 36.21 1.47 11.44
CA ALA B 134 36.55 2.46 10.43
C ALA B 134 35.33 2.96 9.68
N ALA B 135 34.22 2.22 9.73
CA ALA B 135 33.01 2.63 9.02
C ALA B 135 32.31 3.77 9.75
N CYS B 136 32.49 3.88 11.05
CA CYS B 136 31.88 4.93 11.87
C CYS B 136 32.92 5.94 12.32
N SER B 137 33.87 6.26 11.45
CA SER B 137 34.97 7.14 11.82
C SER B 137 34.48 8.55 12.10
N HIS B 138 35.04 9.16 13.14
CA HIS B 138 34.76 10.54 13.50
C HIS B 138 36.06 11.27 13.66
N ALA B 139 36.19 12.42 13.00
CA ALA B 139 37.37 13.27 13.10
C ALA B 139 38.63 12.51 12.70
N GLY B 140 38.52 11.68 11.68
CA GLY B 140 39.67 10.91 11.22
C GLY B 140 40.18 9.90 12.21
N LYS B 141 39.29 9.27 12.98
CA LYS B 141 39.66 8.21 13.89
C LYS B 141 38.49 7.25 14.00
N SER B 142 38.80 5.99 14.30
CA SER B 142 37.75 4.99 14.46
C SER B 142 36.88 5.33 15.66
N SER B 143 35.57 5.16 15.50
CA SER B 143 34.62 5.46 16.57
C SER B 143 33.42 4.52 16.43
N PHE B 144 32.34 4.87 17.10
CA PHE B 144 31.12 4.07 17.09
C PHE B 144 29.97 4.98 17.47
N TYR B 145 28.76 4.42 17.49
CA TYR B 145 27.59 5.20 17.87
C TYR B 145 27.73 5.71 19.29
N ARG B 146 27.21 6.91 19.54
CA ARG B 146 27.27 7.51 20.86
C ARG B 146 26.20 6.98 21.79
N ASN B 147 25.25 6.17 21.29
CA ASN B 147 24.18 5.63 22.10
C ASN B 147 24.27 4.13 22.31
N LEU B 148 25.18 3.45 21.64
CA LEU B 148 25.33 2.01 21.75
C LEU B 148 26.74 1.67 22.16
N LEU B 149 26.91 0.49 22.77
CA LEU B 149 28.22 0.02 23.20
C LEU B 149 28.46 -1.36 22.62
N TRP B 150 29.47 -1.48 21.78
CA TRP B 150 29.84 -2.76 21.19
C TRP B 150 30.67 -3.54 22.20
N LEU B 151 30.08 -4.57 22.79
CA LEU B 151 30.76 -5.39 23.79
C LEU B 151 31.49 -6.52 23.11
N THR B 152 32.76 -6.70 23.45
CA THR B 152 33.58 -7.80 22.98
C THR B 152 34.10 -8.58 24.17
N LYS B 153 34.74 -9.71 23.89
CA LYS B 153 35.22 -10.57 24.96
C LYS B 153 36.30 -9.87 25.79
N LYS B 154 36.30 -10.15 27.08
CA LYS B 154 37.26 -9.58 28.01
C LYS B 154 38.36 -10.60 28.27
N GLY B 155 39.50 -10.43 27.61
CA GLY B 155 40.62 -11.32 27.82
C GLY B 155 40.36 -12.76 27.41
N GLY B 156 39.86 -12.95 26.20
CA GLY B 156 39.66 -14.29 25.67
C GLY B 156 38.43 -15.02 26.20
N SER B 157 37.57 -14.34 26.96
CA SER B 157 36.36 -14.95 27.48
C SER B 157 35.19 -14.01 27.29
N TYR B 158 34.03 -14.57 26.94
CA TYR B 158 32.79 -13.82 26.79
C TYR B 158 31.73 -14.54 27.62
N PRO B 159 31.68 -14.27 28.92
CA PRO B 159 30.66 -14.91 29.76
C PRO B 159 29.26 -14.48 29.35
N LYS B 160 28.31 -15.36 29.59
CA LYS B 160 26.91 -15.01 29.37
C LYS B 160 26.55 -13.82 30.25
N LEU B 161 26.00 -12.77 29.64
CA LEU B 161 25.63 -11.57 30.36
C LEU B 161 24.12 -11.52 30.55
N SER B 162 23.70 -11.00 31.70
CA SER B 162 22.27 -10.88 32.05
C SER B 162 22.09 -9.53 32.71
N LYS B 163 21.73 -8.52 31.90
CA LYS B 163 21.60 -7.16 32.37
C LYS B 163 20.15 -6.72 32.27
N SER B 164 19.60 -6.23 33.38
CA SER B 164 18.20 -5.86 33.49
C SER B 164 18.04 -4.39 33.79
N TYR B 165 16.95 -3.81 33.31
CA TYR B 165 16.60 -2.43 33.61
C TYR B 165 15.12 -2.35 33.97
N VAL B 166 14.80 -1.53 34.96
CA VAL B 166 13.44 -1.34 35.43
C VAL B 166 13.01 0.09 35.09
N ASN B 167 11.90 0.22 34.37
CA ASN B 167 11.46 1.52 33.89
C ASN B 167 10.77 2.26 35.03
N ASN B 168 11.57 2.95 35.84
CA ASN B 168 11.05 3.81 36.89
C ASN B 168 10.95 5.26 36.46
N LYS B 169 11.14 5.55 35.18
CA LYS B 169 11.12 6.91 34.68
C LYS B 169 9.72 7.50 34.63
N GLY B 170 8.68 6.69 34.76
CA GLY B 170 7.33 7.17 34.67
C GLY B 170 6.82 7.41 33.26
N LYS B 171 7.64 7.16 32.25
CA LYS B 171 7.27 7.32 30.86
C LYS B 171 7.81 6.13 30.08
N GLU B 172 7.20 5.87 28.92
CA GLU B 172 7.68 4.80 28.07
C GLU B 172 9.09 5.11 27.61
N VAL B 173 9.97 4.12 27.72
CA VAL B 173 11.40 4.29 27.46
C VAL B 173 11.75 3.54 26.19
N LEU B 174 12.43 4.22 25.27
CA LEU B 174 12.82 3.65 23.99
C LEU B 174 14.21 3.06 24.13
N VAL B 175 14.31 1.73 24.03
CA VAL B 175 15.56 1.02 24.18
C VAL B 175 16.00 0.53 22.81
N LEU B 176 17.21 0.90 22.40
CA LEU B 176 17.76 0.50 21.11
C LEU B 176 19.02 -0.32 21.33
N TRP B 177 19.14 -1.44 20.62
CA TRP B 177 20.33 -2.27 20.66
C TRP B 177 20.62 -2.78 19.26
N GLY B 178 21.68 -3.56 19.13
CA GLY B 178 22.07 -4.10 17.84
C GLY B 178 22.61 -5.51 18.00
N VAL B 179 22.64 -6.22 16.87
CA VAL B 179 23.20 -7.56 16.81
C VAL B 179 24.19 -7.61 15.67
N HIS B 180 25.40 -8.09 15.96
CA HIS B 180 26.48 -8.11 14.99
C HIS B 180 26.57 -9.48 14.32
N HIS B 181 26.63 -9.48 12.99
CA HIS B 181 26.80 -10.69 12.19
C HIS B 181 28.16 -10.64 11.52
N PRO B 182 29.20 -11.20 12.14
CA PRO B 182 30.54 -11.12 11.55
C PRO B 182 30.61 -11.88 10.23
N SER B 183 31.52 -11.42 9.36
CA SER B 183 31.58 -11.97 8.01
C SER B 183 32.15 -13.38 7.98
N THR B 184 33.07 -13.70 8.89
CA THR B 184 33.69 -15.01 8.92
C THR B 184 33.73 -15.55 10.34
N SER B 185 33.76 -16.87 10.45
CA SER B 185 33.70 -17.52 11.76
C SER B 185 34.92 -17.19 12.61
N THR B 186 36.07 -16.97 11.98
CA THR B 186 37.24 -16.55 12.73
C THR B 186 37.03 -15.16 13.33
N ASP B 187 36.37 -14.27 12.61
CA ASP B 187 36.06 -12.95 13.16
C ASP B 187 35.11 -13.06 14.35
N GLN B 188 34.08 -13.90 14.24
CA GLN B 188 33.18 -14.10 15.36
C GLN B 188 33.94 -14.65 16.57
N GLN B 189 34.83 -15.62 16.34
CA GLN B 189 35.62 -16.17 17.44
C GLN B 189 36.52 -15.10 18.05
N SER B 190 37.07 -14.21 17.22
CA SER B 190 38.01 -13.22 17.73
C SER B 190 37.30 -12.10 18.49
N LEU B 191 36.05 -11.80 18.14
CA LEU B 191 35.31 -10.80 18.91
C LEU B 191 34.57 -11.44 20.08
N TYR B 192 33.85 -12.53 19.83
CA TYR B 192 33.04 -13.22 20.83
C TYR B 192 33.44 -14.69 20.79
N GLN B 193 34.18 -15.14 21.82
CA GLN B 193 34.80 -16.46 21.74
C GLN B 193 33.79 -17.57 21.49
N ASN B 194 32.52 -17.38 21.88
CA ASN B 194 31.52 -18.42 21.70
C ASN B 194 31.07 -18.50 20.25
N GLU B 195 31.14 -19.70 19.67
CA GLU B 195 30.71 -19.88 18.29
C GLU B 195 29.20 -19.78 18.16
N ASN B 196 28.47 -20.46 19.04
CA ASN B 196 27.01 -20.49 18.98
C ASN B 196 26.41 -19.45 19.92
N ALA B 197 26.69 -18.19 19.61
CA ALA B 197 26.22 -17.08 20.43
C ALA B 197 24.77 -16.75 20.10
N TYR B 198 24.15 -16.00 20.99
CA TYR B 198 22.78 -15.56 20.79
C TYR B 198 22.54 -14.29 21.58
N VAL B 199 21.47 -13.59 21.24
CA VAL B 199 21.03 -12.40 21.95
C VAL B 199 19.56 -12.58 22.28
N SER B 200 19.21 -12.49 23.55
CA SER B 200 17.83 -12.59 23.99
C SER B 200 17.43 -11.27 24.65
N VAL B 201 16.33 -10.69 24.18
CA VAL B 201 15.78 -9.48 24.75
C VAL B 201 14.32 -9.75 25.09
N VAL B 202 14.00 -9.74 26.38
CA VAL B 202 12.68 -10.11 26.85
C VAL B 202 12.15 -9.00 27.74
N SER B 203 10.90 -8.61 27.51
CA SER B 203 10.18 -7.68 28.37
C SER B 203 8.85 -8.32 28.77
N SER B 204 7.96 -7.56 29.40
CA SER B 204 6.62 -8.07 29.65
C SER B 204 5.78 -8.06 28.39
N ASN B 205 6.02 -7.11 27.49
CA ASN B 205 5.34 -7.03 26.20
C ASN B 205 6.17 -7.55 25.05
N TYR B 206 7.47 -7.69 25.23
CA TYR B 206 8.41 -7.98 24.15
C TYR B 206 9.13 -9.28 24.42
N ASN B 207 9.43 -10.02 23.36
CA ASN B 207 10.15 -11.28 23.47
C ASN B 207 10.73 -11.61 22.11
N ARG B 208 12.05 -11.64 22.00
CA ARG B 208 12.69 -11.94 20.73
C ARG B 208 14.12 -12.41 20.99
N ARG B 209 14.53 -13.43 20.24
CA ARG B 209 15.86 -14.00 20.35
C ARG B 209 16.56 -13.91 19.00
N PHE B 210 17.83 -13.49 19.01
CA PHE B 210 18.61 -13.28 17.80
C PHE B 210 19.83 -14.16 17.82
N THR B 211 20.19 -14.69 16.65
CA THR B 211 21.41 -15.45 16.48
C THR B 211 22.20 -14.88 15.31
N PRO B 212 23.52 -14.86 15.40
CA PRO B 212 24.33 -14.36 14.29
C PRO B 212 24.24 -15.25 13.06
N GLU B 213 24.43 -14.64 11.90
CA GLU B 213 24.41 -15.35 10.62
C GLU B 213 25.69 -15.00 9.87
N ILE B 214 26.68 -15.88 9.98
CA ILE B 214 27.98 -15.64 9.37
C ILE B 214 27.94 -16.09 7.92
N ALA B 215 28.21 -15.16 7.00
CA ALA B 215 28.21 -15.45 5.58
C ALA B 215 29.07 -14.44 4.86
N GLU B 216 29.43 -14.75 3.62
CA GLU B 216 30.20 -13.83 2.80
C GLU B 216 29.25 -12.81 2.17
N ARG B 217 29.55 -11.53 2.36
CA ARG B 217 28.67 -10.48 1.91
C ARG B 217 29.42 -9.44 1.11
N PRO B 218 28.75 -8.77 0.18
CA PRO B 218 29.39 -7.66 -0.54
C PRO B 218 29.71 -6.51 0.40
N LYS B 219 30.80 -5.83 0.11
CA LYS B 219 31.26 -4.73 0.94
C LYS B 219 30.30 -3.54 0.82
N VAL B 220 29.91 -2.98 1.96
CA VAL B 220 29.18 -1.73 2.00
C VAL B 220 29.87 -0.85 3.03
N ARG B 221 30.28 0.35 2.59
CA ARG B 221 31.06 1.27 3.43
C ARG B 221 32.32 0.60 3.97
N GLY B 222 32.86 -0.35 3.21
CA GLY B 222 34.11 -1.00 3.55
C GLY B 222 34.00 -2.20 4.48
N GLN B 223 32.81 -2.50 4.98
CA GLN B 223 32.61 -3.60 5.92
C GLN B 223 31.84 -4.72 5.22
N ALA B 224 32.35 -5.94 5.35
CA ALA B 224 31.65 -7.12 4.86
C ALA B 224 30.74 -7.74 5.92
N GLY B 225 30.78 -7.24 7.16
CA GLY B 225 29.85 -7.67 8.18
C GLY B 225 28.57 -6.87 8.14
N ARG B 226 27.66 -7.20 9.06
CA ARG B 226 26.40 -6.49 9.16
C ARG B 226 26.00 -6.35 10.62
N MET B 227 25.36 -5.23 10.92
CA MET B 227 24.75 -4.99 12.23
C MET B 227 23.26 -4.74 12.03
N ASN B 228 22.43 -5.45 12.76
CA ASN B 228 20.99 -5.26 12.72
C ASN B 228 20.56 -4.50 13.96
N TYR B 229 19.74 -3.47 13.77
CA TYR B 229 19.32 -2.58 14.84
C TYR B 229 17.85 -2.79 15.16
N TYR B 230 17.54 -2.96 16.44
CA TYR B 230 16.18 -3.18 16.91
C TYR B 230 15.83 -2.13 17.94
N TRP B 231 14.56 -2.13 18.35
CA TRP B 231 14.08 -1.18 19.33
C TRP B 231 12.82 -1.74 19.97
N THR B 232 12.49 -1.20 21.15
CA THR B 232 11.26 -1.57 21.83
C THR B 232 10.87 -0.46 22.78
N LEU B 233 9.56 -0.31 22.98
CA LEU B 233 9.02 0.71 23.88
C LEU B 233 8.68 0.04 25.20
N LEU B 234 9.35 0.48 26.26
CA LEU B 234 9.20 -0.12 27.58
C LEU B 234 8.16 0.66 28.37
N GLU B 235 7.05 0.01 28.70
CA GLU B 235 5.98 0.65 29.42
C GLU B 235 6.44 1.04 30.82
N PRO B 236 5.82 2.04 31.43
CA PRO B 236 6.23 2.45 32.78
C PRO B 236 6.10 1.30 33.76
N GLY B 237 7.08 1.21 34.67
CA GLY B 237 7.11 0.12 35.62
C GLY B 237 7.27 -1.24 34.98
N ASP B 238 8.15 -1.36 34.00
CA ASP B 238 8.38 -2.61 33.30
C ASP B 238 9.88 -2.92 33.29
N THR B 239 10.18 -4.21 33.16
CA THR B 239 11.56 -4.69 33.20
C THR B 239 11.93 -5.25 31.84
N ILE B 240 13.13 -4.90 31.36
CA ILE B 240 13.68 -5.43 30.13
C ILE B 240 14.99 -6.13 30.46
N ILE B 241 15.14 -7.36 29.99
CA ILE B 241 16.28 -8.19 30.34
C ILE B 241 17.02 -8.57 29.06
N PHE B 242 18.31 -8.27 29.02
CA PHE B 242 19.18 -8.68 27.91
C PHE B 242 20.02 -9.85 28.36
N GLU B 243 19.97 -10.94 27.59
CA GLU B 243 20.74 -12.15 27.86
C GLU B 243 21.47 -12.50 26.58
N ALA B 244 22.74 -12.16 26.51
CA ALA B 244 23.53 -12.36 25.30
C ALA B 244 24.73 -13.24 25.62
N THR B 245 24.99 -14.21 24.74
CA THR B 245 26.25 -14.95 24.81
C THR B 245 27.28 -14.32 23.89
N GLY B 246 26.83 -13.51 22.94
CA GLY B 246 27.72 -12.76 22.07
C GLY B 246 26.92 -11.91 21.13
N ASN B 247 27.64 -11.17 20.27
CA ASN B 247 27.06 -10.42 19.17
C ASN B 247 26.05 -9.37 19.65
N LEU B 248 26.26 -8.80 20.83
CA LEU B 248 25.33 -7.82 21.37
C LEU B 248 25.96 -6.44 21.34
N ILE B 249 25.30 -5.52 20.64
CA ILE B 249 25.66 -4.10 20.67
C ILE B 249 24.79 -3.49 21.77
N ALA B 250 25.27 -3.57 23.00
CA ALA B 250 24.44 -3.34 24.16
C ALA B 250 23.95 -1.89 24.19
N PRO B 251 22.76 -1.65 24.75
CA PRO B 251 22.29 -0.27 24.90
C PRO B 251 23.20 0.53 25.83
N TRP B 252 23.38 1.80 25.50
CA TRP B 252 24.07 2.74 26.38
C TRP B 252 23.17 3.88 26.81
N TYR B 253 22.53 4.56 25.88
CA TYR B 253 21.61 5.64 26.17
C TYR B 253 20.23 5.29 25.66
N ALA B 254 19.23 5.48 26.51
CA ALA B 254 17.83 5.29 26.15
C ALA B 254 17.13 6.64 26.21
N PHE B 255 15.87 6.67 25.74
CA PHE B 255 15.13 7.92 25.60
C PHE B 255 13.76 7.76 26.26
N ALA B 256 13.54 8.46 27.36
CA ALA B 256 12.25 8.44 28.03
C ALA B 256 11.27 9.30 27.25
N LEU B 257 10.31 8.66 26.60
CA LEU B 257 9.46 9.34 25.62
C LEU B 257 8.32 10.09 26.31
N SER B 258 8.18 11.37 25.99
CA SER B 258 7.05 12.18 26.42
C SER B 258 6.16 12.41 25.20
N ARG B 259 4.99 11.77 25.19
CA ARG B 259 4.11 11.84 24.04
C ARG B 259 3.57 13.25 23.86
N GLY B 260 3.15 13.55 22.63
CA GLY B 260 2.57 14.83 22.30
C GLY B 260 1.60 14.67 21.16
N SER B 261 1.06 15.80 20.70
CA SER B 261 0.12 15.81 19.59
C SER B 261 0.46 16.95 18.64
N GLY B 262 0.29 16.70 17.35
CA GLY B 262 0.51 17.70 16.34
C GLY B 262 1.90 17.75 15.76
N SER B 263 2.85 16.99 16.30
CA SER B 263 4.20 16.99 15.78
C SER B 263 4.26 16.13 14.52
N GLY B 264 5.45 16.04 13.93
CA GLY B 264 5.63 15.23 12.75
C GLY B 264 7.01 15.41 12.18
N ILE B 265 7.37 14.49 11.29
CA ILE B 265 8.68 14.47 10.63
C ILE B 265 8.48 14.93 9.20
N ILE B 266 9.19 15.98 8.80
CA ILE B 266 9.10 16.49 7.45
C ILE B 266 10.50 16.57 6.85
N THR B 267 10.55 16.45 5.53
CA THR B 267 11.80 16.60 4.79
C THR B 267 11.75 17.96 4.10
N SER B 268 12.56 18.89 4.58
CA SER B 268 12.54 20.26 4.09
C SER B 268 13.93 20.69 3.64
N ASN B 269 13.96 21.66 2.74
CA ASN B 269 15.20 22.23 2.22
C ASN B 269 15.33 23.69 2.61
N ALA B 270 14.74 24.06 3.75
CA ALA B 270 14.61 25.43 4.18
C ALA B 270 15.57 25.73 5.33
N SER B 271 15.61 27.00 5.72
CA SER B 271 16.58 27.50 6.70
C SER B 271 15.88 27.90 7.99
N MET B 272 16.55 27.62 9.10
CA MET B 272 16.02 27.93 10.43
C MET B 272 16.18 29.42 10.70
N HIS B 273 15.06 30.12 10.89
CA HIS B 273 15.11 31.55 11.21
C HIS B 273 14.08 31.87 12.27
N GLU B 274 14.43 32.82 13.14
CA GLU B 274 13.65 33.14 14.32
C GLU B 274 12.32 33.77 13.91
N CYS B 275 11.25 32.98 13.95
CA CYS B 275 9.90 33.49 13.78
C CYS B 275 8.95 32.49 14.42
N ASN B 276 7.72 32.93 14.64
CA ASN B 276 6.68 32.09 15.22
C ASN B 276 5.53 31.97 14.22
N THR B 277 4.98 30.77 14.09
CA THR B 277 3.90 30.51 13.16
C THR B 277 3.01 29.40 13.73
N LYS B 278 1.76 29.38 13.29
CA LYS B 278 0.82 28.34 13.68
C LYS B 278 0.60 27.31 12.58
N CYS B 279 1.38 27.37 11.51
CA CYS B 279 1.34 26.37 10.44
C CYS B 279 2.71 26.36 9.78
N GLN B 280 3.20 25.17 9.45
CA GLN B 280 4.56 25.04 8.91
C GLN B 280 4.60 23.91 7.89
N THR B 281 4.58 24.28 6.62
CA THR B 281 4.82 23.36 5.52
C THR B 281 6.31 23.23 5.25
N PRO B 282 6.75 22.15 4.60
CA PRO B 282 8.17 22.02 4.29
C PRO B 282 8.73 23.16 3.45
N GLN B 283 7.93 23.71 2.54
CA GLN B 283 8.38 24.83 1.73
C GLN B 283 8.44 26.13 2.52
N GLY B 284 7.70 26.23 3.61
CA GLY B 284 7.74 27.43 4.42
C GLY B 284 6.56 27.49 5.36
N ALA B 285 6.64 28.43 6.28
CA ALA B 285 5.59 28.64 7.27
C ALA B 285 4.35 29.24 6.61
N ILE B 286 3.24 29.22 7.35
CA ILE B 286 1.99 29.80 6.91
C ILE B 286 1.39 30.61 8.04
N ASN B 287 1.12 31.89 7.76
CA ASN B 287 0.32 32.75 8.63
C ASN B 287 -0.84 33.27 7.78
N SER B 288 -1.95 32.53 7.78
CA SER B 288 -3.11 32.91 6.99
C SER B 288 -4.37 32.30 7.59
N SER B 289 -5.49 32.98 7.40
CA SER B 289 -6.79 32.43 7.87
C SER B 289 -7.59 31.92 6.67
N LEU B 290 -6.97 31.90 5.48
CA LEU B 290 -7.67 31.38 4.28
C LEU B 290 -7.97 29.90 4.47
N PRO B 291 -9.16 29.41 4.05
CA PRO B 291 -9.53 27.99 4.19
C PRO B 291 -8.66 27.01 3.39
N PHE B 292 -8.28 27.37 2.17
CA PHE B 292 -7.57 26.40 1.30
C PHE B 292 -6.16 26.89 0.93
N GLN B 293 -5.15 26.03 1.03
CA GLN B 293 -3.78 26.39 0.60
C GLN B 293 -3.30 25.41 -0.46
N ASN B 294 -2.52 25.88 -1.45
CA ASN B 294 -1.93 24.96 -2.42
C ASN B 294 -0.42 24.85 -2.28
N ILE B 295 0.15 25.35 -1.18
CA ILE B 295 1.60 25.38 -1.03
C ILE B 295 2.17 23.98 -0.98
N HIS B 296 1.63 23.13 -0.11
CA HIS B 296 2.17 21.80 0.11
C HIS B 296 1.17 21.01 0.94
N PRO B 297 0.99 19.73 0.65
CA PRO B 297 0.04 18.93 1.43
C PRO B 297 0.50 18.65 2.85
N VAL B 298 1.77 18.32 3.02
CA VAL B 298 2.30 17.97 4.33
C VAL B 298 2.36 19.22 5.19
N THR B 299 1.70 19.18 6.34
CA THR B 299 1.58 20.34 7.20
C THR B 299 1.79 19.94 8.65
N ILE B 300 2.12 20.93 9.47
CA ILE B 300 2.28 20.76 10.91
C ILE B 300 1.50 21.86 11.61
N GLY B 301 0.72 21.48 12.63
CA GLY B 301 -0.13 22.44 13.32
C GLY B 301 -1.46 22.61 12.63
N GLU B 302 -2.12 23.73 12.91
CA GLU B 302 -3.38 24.04 12.25
C GLU B 302 -3.07 24.72 10.93
N CYS B 303 -3.64 24.18 9.85
CA CYS B 303 -3.29 24.63 8.52
C CYS B 303 -4.53 24.58 7.65
N PRO B 304 -4.59 25.38 6.59
CA PRO B 304 -5.72 25.28 5.66
C PRO B 304 -5.71 23.95 4.94
N LYS B 305 -6.87 23.58 4.40
CA LYS B 305 -6.96 22.38 3.60
C LYS B 305 -6.12 22.54 2.33
N TYR B 306 -5.53 21.45 1.87
CA TYR B 306 -4.70 21.46 0.67
C TYR B 306 -5.52 21.00 -0.52
N VAL B 307 -5.60 21.85 -1.54
CA VAL B 307 -6.33 21.56 -2.76
C VAL B 307 -5.40 21.81 -3.94
N ARG B 308 -5.37 20.86 -4.88
CA ARG B 308 -4.45 20.96 -6.01
C ARG B 308 -4.80 22.10 -6.95
N SER B 309 -5.96 22.73 -6.80
CA SER B 309 -6.33 23.84 -7.66
C SER B 309 -5.41 25.03 -7.44
N THR B 310 -5.47 25.98 -8.37
CA THR B 310 -4.64 27.16 -8.33
C THR B 310 -5.41 28.44 -8.08
N LYS B 311 -6.74 28.42 -8.20
CA LYS B 311 -7.55 29.62 -8.02
C LYS B 311 -8.83 29.25 -7.27
N LEU B 312 -9.14 30.02 -6.22
CA LEU B 312 -10.34 29.80 -5.43
C LEU B 312 -10.81 31.16 -4.93
N ARG B 313 -11.72 31.78 -5.67
CA ARG B 313 -12.18 33.13 -5.36
C ARG B 313 -13.69 33.14 -5.22
N MET B 314 -14.18 33.60 -4.09
CA MET B 314 -15.60 33.81 -3.91
C MET B 314 -16.00 35.19 -4.41
N VAL B 315 -17.20 35.28 -4.98
CA VAL B 315 -17.69 36.52 -5.56
C VAL B 315 -18.37 37.29 -4.43
N THR B 316 -17.57 38.02 -3.66
CA THR B 316 -18.17 38.88 -2.63
C THR B 316 -18.90 40.05 -3.27
N GLY B 317 -18.27 40.71 -4.23
CA GLY B 317 -18.84 41.87 -4.88
C GLY B 317 -19.50 41.54 -6.21
N LEU B 318 -20.52 42.31 -6.55
CA LEU B 318 -21.27 42.10 -7.78
C LEU B 318 -20.39 42.38 -9.00
N ARG B 319 -20.79 41.80 -10.14
CA ARG B 319 -20.11 42.00 -11.40
C ARG B 319 -20.04 43.49 -11.76
N ASN B 320 -19.06 43.82 -12.60
CA ASN B 320 -18.87 45.19 -13.06
C ASN B 320 -18.52 45.16 -14.54
N ILE B 321 -18.79 46.28 -15.21
CA ILE B 321 -18.52 46.41 -16.64
C ILE B 321 -17.77 47.70 -16.91
N GLU B 338 -29.79 46.76 -17.50
CA GLU B 338 -29.39 48.14 -17.23
C GLU B 338 -27.92 48.36 -17.57
N GLY B 339 -27.17 48.88 -16.60
CA GLY B 339 -25.75 49.11 -16.78
C GLY B 339 -25.10 49.50 -15.48
N GLY B 340 -23.78 49.43 -15.46
CA GLY B 340 -23.01 49.78 -14.28
C GLY B 340 -22.74 51.26 -14.17
N TRP B 341 -23.12 51.85 -13.04
CA TRP B 341 -22.96 53.29 -12.81
C TRP B 341 -22.09 53.48 -11.58
N THR B 342 -21.04 54.29 -11.72
CA THR B 342 -20.11 54.58 -10.63
C THR B 342 -20.56 55.77 -9.79
N GLY B 343 -21.71 56.37 -10.11
CA GLY B 343 -22.16 57.54 -9.37
C GLY B 343 -22.47 57.24 -7.92
N MET B 344 -23.10 56.11 -7.65
CA MET B 344 -23.44 55.71 -6.29
C MET B 344 -22.26 54.96 -5.68
N ILE B 345 -21.77 55.45 -4.54
CA ILE B 345 -20.56 54.91 -3.93
C ILE B 345 -20.78 54.43 -2.50
N ASP B 346 -21.86 54.82 -1.82
CA ASP B 346 -22.05 54.44 -0.43
C ASP B 346 -22.28 52.94 -0.29
N GLY B 347 -23.19 52.39 -1.09
CA GLY B 347 -23.53 50.99 -1.00
C GLY B 347 -23.45 50.32 -2.36
N TRP B 348 -23.60 48.99 -2.34
CA TRP B 348 -23.56 48.23 -3.57
C TRP B 348 -24.69 48.61 -4.51
N TYR B 349 -25.89 48.81 -3.95
CA TYR B 349 -27.08 49.10 -4.74
C TYR B 349 -27.60 50.48 -4.39
N GLY B 350 -28.08 51.20 -5.41
CA GLY B 350 -28.62 52.53 -5.20
C GLY B 350 -29.47 52.94 -6.38
N TYR B 351 -30.06 54.13 -6.26
CA TYR B 351 -30.86 54.70 -7.33
C TYR B 351 -30.29 56.05 -7.75
N HIS B 352 -30.38 56.34 -9.05
CA HIS B 352 -29.87 57.58 -9.60
C HIS B 352 -30.90 58.69 -9.39
N HIS B 353 -30.56 59.65 -8.55
CA HIS B 353 -31.38 60.83 -8.28
C HIS B 353 -30.59 62.08 -8.62
N GLN B 354 -31.21 62.99 -9.36
CA GLN B 354 -30.56 64.25 -9.70
C GLN B 354 -30.55 65.21 -8.51
N TYR B 361 -27.65 60.03 -8.40
CA TYR B 361 -26.66 59.03 -7.98
C TYR B 361 -26.55 58.98 -6.46
N ALA B 362 -27.58 58.43 -5.82
CA ALA B 362 -27.63 58.30 -4.37
C ALA B 362 -27.70 56.81 -4.03
N ALA B 363 -26.61 56.28 -3.48
CA ALA B 363 -26.57 54.86 -3.12
C ALA B 363 -27.49 54.58 -1.94
N ASP B 364 -28.11 53.41 -1.97
CA ASP B 364 -28.96 52.98 -0.87
C ASP B 364 -28.13 52.36 0.24
N GLN B 365 -28.79 52.03 1.36
CA GLN B 365 -28.12 51.42 2.49
C GLN B 365 -28.85 50.21 3.06
N LYS B 366 -30.12 49.99 2.72
CA LYS B 366 -30.86 48.86 3.30
C LYS B 366 -30.55 47.56 2.55
N SER B 367 -30.87 47.52 1.26
CA SER B 367 -30.68 46.30 0.48
C SER B 367 -29.20 45.93 0.38
N THR B 368 -28.32 46.93 0.20
CA THR B 368 -26.90 46.63 0.10
C THR B 368 -26.36 46.08 1.42
N GLN B 369 -26.81 46.63 2.56
CA GLN B 369 -26.37 46.09 3.84
C GLN B 369 -26.87 44.67 4.04
N ASN B 370 -28.13 44.40 3.66
CA ASN B 370 -28.66 43.04 3.77
C ASN B 370 -27.86 42.08 2.90
N ALA B 371 -27.55 42.48 1.67
CA ALA B 371 -26.77 41.63 0.78
C ALA B 371 -25.36 41.41 1.31
N ILE B 372 -24.74 42.47 1.87
CA ILE B 372 -23.40 42.32 2.42
C ILE B 372 -23.40 41.35 3.58
N ASN B 373 -24.38 41.46 4.47
CA ASN B 373 -24.48 40.53 5.58
C ASN B 373 -24.70 39.11 5.09
N GLY B 374 -25.57 38.94 4.09
CA GLY B 374 -25.79 37.62 3.53
C GLY B 374 -24.56 37.02 2.90
N ILE B 375 -23.81 37.83 2.14
CA ILE B 375 -22.63 37.32 1.45
C ILE B 375 -21.51 37.00 2.45
N THR B 376 -21.38 37.81 3.50
CA THR B 376 -20.44 37.47 4.56
C THR B 376 -20.83 36.17 5.23
N ASN B 377 -22.14 35.95 5.43
CA ASN B 377 -22.59 34.65 5.92
C ASN B 377 -22.21 33.54 4.96
N LYS B 378 -22.38 33.77 3.65
CA LYS B 378 -22.01 32.79 2.65
C LYS B 378 -20.54 32.38 2.80
N VAL B 379 -19.66 33.39 2.81
CA VAL B 379 -18.23 33.13 2.78
C VAL B 379 -17.78 32.50 4.09
N ASN B 380 -18.26 33.01 5.23
CA ASN B 380 -17.87 32.41 6.51
C ASN B 380 -18.41 31.01 6.65
N SER B 381 -19.59 30.73 6.08
CA SER B 381 -20.12 29.36 6.07
C SER B 381 -19.21 28.45 5.27
N VAL B 382 -18.73 28.94 4.13
CA VAL B 382 -17.79 28.11 3.31
C VAL B 382 -16.55 27.82 4.16
N ILE B 383 -16.00 28.86 4.81
CA ILE B 383 -14.82 28.65 5.70
C ILE B 383 -15.23 27.72 6.83
N GLU B 384 -16.45 27.91 7.36
CA GLU B 384 -16.94 27.08 8.48
C GLU B 384 -17.04 25.63 8.02
N LYS B 385 -17.51 25.40 6.80
CA LYS B 385 -17.75 24.02 6.33
C LYS B 385 -16.42 23.24 6.30
N MET B 386 -15.33 23.86 5.87
CA MET B 386 -14.05 23.12 5.72
C MET B 386 -13.25 23.14 7.02
N ASN B 387 -13.25 22.06 7.79
CA ASN B 387 -12.42 21.98 8.99
C ASN B 387 -10.95 22.09 8.59
N THR B 388 -10.19 22.86 9.37
CA THR B 388 -8.78 23.04 9.08
C THR B 388 -8.06 21.70 9.19
N GLN B 389 -7.23 21.40 8.19
CA GLN B 389 -6.52 20.14 8.17
C GLN B 389 -5.47 20.13 9.28
N PHE B 390 -5.49 19.08 10.10
CA PHE B 390 -4.51 18.93 11.17
C PHE B 390 -3.23 18.34 10.59
N THR B 391 -2.39 17.79 11.46
CA THR B 391 -1.05 17.37 11.06
C THR B 391 -1.16 16.16 10.14
N ALA B 392 -1.06 16.42 8.83
CA ALA B 392 -1.07 15.36 7.83
C ALA B 392 0.37 15.14 7.34
N VAL B 393 1.15 14.48 8.18
CA VAL B 393 2.55 14.18 7.86
C VAL B 393 2.63 12.79 7.23
N GLY B 394 3.38 12.69 6.14
CA GLY B 394 3.48 11.45 5.42
C GLY B 394 4.22 10.35 6.17
N LYS B 395 4.07 9.13 5.66
CA LYS B 395 4.64 7.94 6.27
C LYS B 395 5.58 7.26 5.28
N GLU B 396 6.44 6.39 5.80
CA GLU B 396 7.48 5.76 5.01
C GLU B 396 7.33 4.25 5.04
N PHE B 397 7.70 3.61 3.95
CA PHE B 397 7.61 2.16 3.81
C PHE B 397 8.88 1.67 3.13
N ASN B 398 9.22 0.40 3.37
CA ASN B 398 10.42 -0.18 2.78
C ASN B 398 10.07 -0.86 1.46
N ASN B 399 11.06 -1.55 0.86
CA ASN B 399 10.88 -2.12 -0.47
C ASN B 399 9.98 -3.34 -0.48
N LEU B 400 9.62 -3.88 0.68
CA LEU B 400 8.69 -5.00 0.77
C LEU B 400 7.29 -4.54 1.16
N GLU B 401 7.02 -3.23 1.11
CA GLU B 401 5.72 -2.68 1.42
C GLU B 401 5.22 -1.80 0.29
N LYS B 402 5.41 -2.26 -0.95
CA LYS B 402 4.90 -1.50 -2.09
C LYS B 402 3.38 -1.48 -2.10
N ARG B 403 2.74 -2.54 -1.59
CA ARG B 403 1.28 -2.58 -1.56
C ARG B 403 0.73 -1.59 -0.54
N MET B 404 1.29 -1.58 0.67
CA MET B 404 0.85 -0.61 1.66
C MET B 404 1.14 0.82 1.22
N GLU B 405 2.31 1.03 0.61
CA GLU B 405 2.67 2.35 0.11
C GLU B 405 1.71 2.81 -0.98
N ASN B 406 1.38 1.90 -1.91
CA ASN B 406 0.46 2.26 -2.99
C ASN B 406 -0.94 2.51 -2.46
N LEU B 407 -1.36 1.74 -1.45
CA LEU B 407 -2.66 2.00 -0.84
C LEU B 407 -2.69 3.35 -0.16
N ASN B 408 -1.62 3.71 0.56
CA ASN B 408 -1.56 5.01 1.21
C ASN B 408 -1.56 6.13 0.18
N LYS B 409 -0.81 5.96 -0.90
CA LYS B 409 -0.79 6.97 -1.96
C LYS B 409 -2.16 7.10 -2.62
N LYS B 410 -2.84 5.98 -2.84
CA LYS B 410 -4.18 6.01 -3.41
C LYS B 410 -5.15 6.72 -2.48
N VAL B 411 -5.05 6.48 -1.18
CA VAL B 411 -5.92 7.16 -0.23
C VAL B 411 -5.65 8.65 -0.25
N ASP B 412 -4.37 9.04 -0.23
CA ASP B 412 -4.03 10.45 -0.24
C ASP B 412 -4.51 11.14 -1.50
N ASP B 413 -4.31 10.51 -2.66
CA ASP B 413 -4.73 11.10 -3.91
C ASP B 413 -6.24 11.13 -4.05
N GLY B 414 -6.93 10.09 -3.54
CA GLY B 414 -8.37 10.11 -3.58
C GLY B 414 -8.95 11.25 -2.73
N PHE B 415 -8.42 11.42 -1.53
CA PHE B 415 -8.87 12.53 -0.69
C PHE B 415 -8.52 13.86 -1.31
N LEU B 416 -7.37 13.93 -1.99
CA LEU B 416 -6.98 15.18 -2.64
C LEU B 416 -7.93 15.54 -3.77
N ASP B 417 -8.25 14.57 -4.63
CA ASP B 417 -9.22 14.83 -5.69
C ASP B 417 -10.59 15.16 -5.12
N ILE B 418 -11.01 14.45 -4.08
CA ILE B 418 -12.33 14.70 -3.51
C ILE B 418 -12.41 16.12 -2.95
N TRP B 419 -11.38 16.54 -2.22
CA TRP B 419 -11.45 17.86 -1.60
C TRP B 419 -11.22 18.97 -2.61
N THR B 420 -10.37 18.76 -3.62
CA THR B 420 -10.24 19.73 -4.70
C THR B 420 -11.56 19.91 -5.43
N TYR B 421 -12.22 18.80 -5.76
CA TYR B 421 -13.50 18.89 -6.45
C TYR B 421 -14.56 19.54 -5.57
N ASN B 422 -14.58 19.20 -4.28
CA ASN B 422 -15.56 19.82 -3.39
C ASN B 422 -15.35 21.32 -3.30
N ALA B 423 -14.09 21.75 -3.18
CA ALA B 423 -13.82 23.18 -3.08
C ALA B 423 -14.19 23.90 -4.37
N GLU B 424 -13.80 23.34 -5.51
CA GLU B 424 -14.11 23.99 -6.79
C GLU B 424 -15.61 24.02 -7.04
N LEU B 425 -16.31 22.93 -6.76
CA LEU B 425 -17.75 22.89 -6.98
C LEU B 425 -18.48 23.84 -6.05
N LEU B 426 -18.05 23.92 -4.79
CA LEU B 426 -18.71 24.85 -3.88
C LEU B 426 -18.43 26.30 -4.29
N VAL B 427 -17.21 26.58 -4.76
CA VAL B 427 -16.92 27.93 -5.25
C VAL B 427 -17.79 28.27 -6.45
N LEU B 428 -17.94 27.33 -7.38
CA LEU B 428 -18.77 27.60 -8.56
C LEU B 428 -20.23 27.80 -8.18
N LEU B 429 -20.76 26.92 -7.31
CA LEU B 429 -22.14 27.04 -6.89
C LEU B 429 -22.38 28.35 -6.15
N GLU B 430 -21.46 28.72 -5.26
CA GLU B 430 -21.63 29.96 -4.52
C GLU B 430 -21.45 31.18 -5.42
N ASN B 431 -20.60 31.08 -6.44
CA ASN B 431 -20.48 32.17 -7.41
C ASN B 431 -21.79 32.38 -8.14
N GLU B 432 -22.38 31.31 -8.66
CA GLU B 432 -23.65 31.44 -9.36
C GLU B 432 -24.75 31.92 -8.43
N ARG B 433 -24.76 31.42 -7.20
CA ARG B 433 -25.77 31.84 -6.23
C ARG B 433 -25.62 33.32 -5.88
N THR B 434 -24.39 33.79 -5.74
CA THR B 434 -24.16 35.18 -5.37
C THR B 434 -24.49 36.13 -6.52
N LEU B 435 -24.10 35.75 -7.75
CA LEU B 435 -24.46 36.57 -8.90
C LEU B 435 -25.98 36.62 -9.08
N ASP B 436 -26.65 35.49 -8.89
CA ASP B 436 -28.11 35.49 -8.93
C ASP B 436 -28.67 36.36 -7.81
N PHE B 437 -28.08 36.28 -6.62
CA PHE B 437 -28.55 37.06 -5.48
C PHE B 437 -28.49 38.54 -5.80
N HIS B 438 -27.37 39.01 -6.34
CA HIS B 438 -27.23 40.44 -6.61
C HIS B 438 -28.09 40.88 -7.78
N ASP B 439 -28.09 40.10 -8.87
CA ASP B 439 -28.86 40.45 -10.05
C ASP B 439 -30.36 40.34 -9.81
N SER B 440 -30.78 39.64 -8.76
CA SER B 440 -32.17 39.64 -8.36
C SER B 440 -32.47 40.67 -7.29
N ASN B 441 -31.47 41.04 -6.48
CA ASN B 441 -31.68 42.05 -5.46
C ASN B 441 -31.83 43.44 -6.07
N VAL B 442 -31.10 43.71 -7.16
CA VAL B 442 -31.33 44.97 -7.86
C VAL B 442 -32.76 45.01 -8.41
N LYS B 443 -33.23 43.90 -8.95
CA LYS B 443 -34.61 43.81 -9.41
C LYS B 443 -35.60 43.96 -8.26
N ASN B 444 -35.28 43.39 -7.10
CA ASN B 444 -36.16 43.54 -5.94
C ASN B 444 -36.25 44.99 -5.49
N LEU B 445 -35.12 45.70 -5.50
CA LEU B 445 -35.15 47.12 -5.15
C LEU B 445 -36.01 47.90 -6.15
N TYR B 446 -35.79 47.65 -7.44
CA TYR B 446 -36.63 48.26 -8.46
C TYR B 446 -38.11 47.95 -8.23
N GLU B 447 -38.40 46.71 -7.85
CA GLU B 447 -39.79 46.28 -7.69
C GLU B 447 -40.45 46.94 -6.50
N LYS B 448 -39.76 47.02 -5.36
CA LYS B 448 -40.36 47.69 -4.21
C LYS B 448 -40.52 49.19 -4.48
N VAL B 449 -39.55 49.81 -5.17
CA VAL B 449 -39.67 51.23 -5.47
C VAL B 449 -40.87 51.47 -6.38
N LYS B 450 -41.08 50.61 -7.38
CA LYS B 450 -42.26 50.75 -8.22
C LYS B 450 -43.53 50.32 -7.50
N SER B 451 -43.41 49.53 -6.43
CA SER B 451 -44.58 49.15 -5.64
C SER B 451 -45.01 50.24 -4.67
N GLN B 452 -44.11 51.18 -4.35
CA GLN B 452 -44.52 52.31 -3.53
C GLN B 452 -45.61 53.14 -4.22
N LEU B 453 -45.45 53.39 -5.51
CA LEU B 453 -46.38 54.20 -6.27
C LEU B 453 -46.65 53.56 -7.62
N ARG B 454 -47.91 53.55 -8.03
CA ARG B 454 -48.31 52.96 -9.30
C ARG B 454 -49.07 53.97 -10.13
N ASN B 455 -48.78 54.00 -11.43
CA ASN B 455 -49.37 54.88 -12.44
C ASN B 455 -48.95 56.34 -12.27
N ASN B 456 -48.19 56.67 -11.23
CA ASN B 456 -47.66 58.02 -11.08
C ASN B 456 -46.29 58.19 -11.72
N ALA B 457 -45.69 57.12 -12.20
CA ALA B 457 -44.41 57.16 -12.89
C ALA B 457 -44.50 56.39 -14.19
N LYS B 458 -43.70 56.81 -15.17
CA LYS B 458 -43.66 56.18 -16.48
C LYS B 458 -42.29 55.54 -16.68
N GLU B 459 -42.29 54.23 -16.96
CA GLU B 459 -41.04 53.49 -17.14
C GLU B 459 -40.55 53.69 -18.57
N ILE B 460 -39.40 54.37 -18.71
CA ILE B 460 -38.84 54.62 -20.03
C ILE B 460 -38.42 53.32 -20.69
N GLY B 461 -38.00 52.33 -19.90
CA GLY B 461 -37.59 51.04 -20.41
C GLY B 461 -36.16 50.65 -20.10
N ASN B 462 -35.39 51.47 -19.39
CA ASN B 462 -34.00 51.16 -19.05
C ASN B 462 -33.82 50.95 -17.56
N GLY B 463 -34.88 50.56 -16.85
CA GLY B 463 -34.83 50.50 -15.41
C GLY B 463 -35.06 51.82 -14.72
N CYS B 464 -35.38 52.88 -15.47
CA CYS B 464 -35.68 54.20 -14.93
C CYS B 464 -37.14 54.53 -15.22
N PHE B 465 -37.96 54.52 -14.18
CA PHE B 465 -39.33 55.03 -14.28
C PHE B 465 -39.38 56.39 -13.60
N GLU B 466 -39.79 57.40 -14.36
CA GLU B 466 -39.83 58.78 -13.89
C GLU B 466 -41.25 59.30 -13.99
N PHE B 467 -41.62 60.14 -13.03
CA PHE B 467 -43.01 60.59 -12.92
C PHE B 467 -43.39 61.45 -14.12
N TYR B 468 -44.66 61.35 -14.52
CA TYR B 468 -45.19 62.27 -15.52
C TYR B 468 -45.34 63.68 -14.98
N HIS B 469 -45.23 63.86 -13.67
CA HIS B 469 -45.26 65.17 -13.04
C HIS B 469 -43.88 65.45 -12.45
N LYS B 470 -43.32 66.61 -12.77
CA LYS B 470 -41.99 66.96 -12.30
C LYS B 470 -41.99 67.22 -10.80
N CYS B 471 -40.94 66.74 -10.13
CA CYS B 471 -40.71 67.01 -8.72
C CYS B 471 -39.40 67.75 -8.50
N ASP B 472 -39.36 68.48 -7.38
CA ASP B 472 -38.12 68.97 -6.82
C ASP B 472 -37.31 67.80 -6.26
N ASN B 473 -36.03 68.07 -5.98
CA ASN B 473 -35.17 67.04 -5.40
C ASN B 473 -35.71 66.51 -4.08
N GLU B 474 -36.53 67.31 -3.39
CA GLU B 474 -37.13 66.85 -2.14
C GLU B 474 -38.27 65.86 -2.39
N CYS B 475 -38.93 65.95 -3.54
CA CYS B 475 -39.99 65.00 -3.87
C CYS B 475 -39.47 63.58 -3.99
N MET B 476 -38.16 63.41 -4.24
CA MET B 476 -37.57 62.07 -4.24
C MET B 476 -37.48 61.46 -2.84
N GLU B 477 -37.60 62.27 -1.78
CA GLU B 477 -37.54 61.72 -0.43
C GLU B 477 -38.71 60.80 -0.15
N SER B 478 -39.89 61.12 -0.68
CA SER B 478 -41.06 60.27 -0.47
C SER B 478 -40.87 58.89 -1.09
N VAL B 479 -40.06 58.79 -2.13
CA VAL B 479 -39.75 57.48 -2.71
C VAL B 479 -38.53 56.85 -2.03
N LYS B 480 -37.61 57.67 -1.52
CA LYS B 480 -36.45 57.13 -0.83
C LYS B 480 -36.86 56.45 0.47
N ASN B 481 -37.65 57.13 1.30
CA ASN B 481 -38.10 56.52 2.55
C ASN B 481 -39.15 55.45 2.29
N GLY B 482 -39.92 55.57 1.22
CA GLY B 482 -40.92 54.58 0.82
C GLY B 482 -42.35 55.09 0.86
N THR B 483 -42.62 56.05 1.74
CA THR B 483 -43.98 56.54 1.92
C THR B 483 -44.34 57.49 0.79
N TYR B 484 -45.21 57.04 -0.10
CA TYR B 484 -45.67 57.85 -1.23
C TYR B 484 -47.19 57.87 -1.26
N ASP B 485 -47.74 59.01 -1.68
CA ASP B 485 -49.18 59.20 -1.82
C ASP B 485 -49.47 59.55 -3.27
N TYR B 486 -50.13 58.64 -3.98
CA TYR B 486 -50.51 58.92 -5.37
C TYR B 486 -51.49 60.08 -5.49
N PRO B 487 -52.56 60.18 -4.69
CA PRO B 487 -53.52 61.29 -4.91
C PRO B 487 -52.91 62.68 -4.81
N LYS B 488 -51.96 62.89 -3.90
CA LYS B 488 -51.35 64.21 -3.76
C LYS B 488 -50.50 64.58 -4.96
N TYR B 489 -50.06 63.59 -5.75
CA TYR B 489 -49.26 63.81 -6.94
C TYR B 489 -49.93 63.19 -8.16
N SER B 490 -51.25 63.29 -8.23
CA SER B 490 -52.03 62.75 -9.33
C SER B 490 -52.47 63.90 -10.23
N GLU B 491 -52.08 63.83 -11.50
CA GLU B 491 -52.37 64.88 -12.47
C GLU B 491 -52.76 64.21 -13.78
N GLU B 492 -52.78 64.98 -14.86
CA GLU B 492 -53.13 64.49 -16.18
C GLU B 492 -51.86 64.37 -17.03
N SER B 493 -51.57 63.15 -17.47
CA SER B 493 -50.40 62.93 -18.32
C SER B 493 -50.56 63.62 -19.67
N LYS B 494 -51.75 63.56 -20.25
CA LYS B 494 -52.01 64.17 -21.55
C LYS B 494 -52.66 65.55 -21.37
N CYS C 4 -45.67 35.68 -32.01
CA CYS C 4 -45.74 34.87 -30.80
C CYS C 4 -44.36 34.42 -30.36
N ILE C 5 -44.21 34.15 -29.06
CA ILE C 5 -42.93 33.74 -28.48
C ILE C 5 -43.13 32.44 -27.73
N GLY C 6 -42.24 31.49 -27.95
CA GLY C 6 -42.31 30.20 -27.30
C GLY C 6 -40.96 29.52 -27.25
N TYR C 7 -41.00 28.19 -27.22
CA TYR C 7 -39.80 27.38 -27.19
C TYR C 7 -39.97 26.17 -28.11
N HIS C 8 -38.84 25.68 -28.62
CA HIS C 8 -38.83 24.56 -29.55
C HIS C 8 -39.26 23.28 -28.87
N ALA C 9 -39.90 22.39 -29.64
CA ALA C 9 -40.21 21.04 -29.20
C ALA C 9 -40.04 20.11 -30.38
N ASN C 10 -39.05 19.23 -30.30
CA ASN C 10 -38.81 18.27 -31.37
C ASN C 10 -39.57 16.98 -31.09
N ASN C 11 -39.31 15.94 -31.88
CA ASN C 11 -39.92 14.64 -31.70
C ASN C 11 -39.06 13.69 -30.87
N SER C 12 -37.94 14.18 -30.33
CA SER C 12 -37.05 13.33 -29.55
C SER C 12 -37.74 12.91 -28.25
N THR C 13 -37.30 11.75 -27.73
CA THR C 13 -37.91 11.17 -26.53
C THR C 13 -36.87 10.78 -25.48
N ASP C 14 -35.68 11.37 -25.53
CA ASP C 14 -34.67 11.06 -24.52
C ASP C 14 -35.10 11.64 -23.17
N THR C 15 -35.05 10.81 -22.14
CA THR C 15 -35.56 11.15 -20.82
C THR C 15 -34.42 11.45 -19.86
N VAL C 16 -34.71 12.35 -18.91
CA VAL C 16 -33.75 12.75 -17.88
C VAL C 16 -34.45 12.76 -16.53
N ASP C 17 -33.64 12.74 -15.48
CA ASP C 17 -34.14 12.76 -14.11
C ASP C 17 -33.56 13.96 -13.36
N THR C 18 -34.36 14.57 -12.51
CA THR C 18 -33.95 15.69 -11.67
C THR C 18 -34.44 15.46 -10.26
N VAL C 19 -34.05 16.39 -9.37
CA VAL C 19 -34.45 16.27 -7.96
C VAL C 19 -35.93 16.52 -7.79
N LEU C 20 -36.44 17.58 -8.42
CA LEU C 20 -37.85 17.95 -8.24
C LEU C 20 -38.79 16.89 -8.82
N GLU C 21 -38.59 16.50 -10.07
CA GLU C 21 -39.33 15.39 -10.64
C GLU C 21 -38.34 14.54 -11.42
N LYS C 22 -38.72 13.30 -11.68
CA LYS C 22 -37.87 12.40 -12.44
C LYS C 22 -38.48 12.11 -13.81
N ASN C 23 -37.68 11.46 -14.64
CA ASN C 23 -38.11 10.84 -15.88
C ASN C 23 -38.61 11.92 -16.85
N VAL C 24 -38.00 13.10 -16.78
CA VAL C 24 -38.45 14.25 -17.57
C VAL C 24 -38.08 14.03 -19.03
N THR C 25 -38.85 14.66 -19.93
CA THR C 25 -38.61 14.59 -21.36
C THR C 25 -38.21 15.96 -21.90
N VAL C 26 -37.07 16.02 -22.59
CA VAL C 26 -36.53 17.25 -23.15
C VAL C 26 -36.20 17.02 -24.62
N THR C 27 -35.89 18.11 -25.31
CA THR C 27 -35.68 18.02 -26.75
C THR C 27 -34.35 17.37 -27.09
N HIS C 28 -33.34 17.51 -26.24
CA HIS C 28 -32.03 16.92 -26.49
C HIS C 28 -31.40 16.50 -25.16
N SER C 29 -30.40 15.64 -25.28
CA SER C 29 -29.61 15.22 -24.13
C SER C 29 -28.25 14.77 -24.64
N VAL C 30 -27.29 14.70 -23.72
CA VAL C 30 -25.94 14.23 -24.01
C VAL C 30 -25.52 13.28 -22.89
N ASN C 31 -25.54 11.98 -23.18
CA ASN C 31 -25.15 11.00 -22.19
C ASN C 31 -23.69 11.18 -21.80
N LEU C 32 -23.40 10.99 -20.52
CA LEU C 32 -22.03 11.05 -20.02
C LEU C 32 -21.54 9.72 -19.49
N LEU C 33 -22.37 8.68 -19.51
CA LEU C 33 -21.99 7.36 -19.03
C LEU C 33 -21.87 6.42 -20.21
N GLU C 34 -20.65 5.94 -20.47
CA GLU C 34 -20.40 4.99 -21.53
C GLU C 34 -20.55 3.59 -20.97
N ASP C 35 -21.57 2.86 -21.41
CA ASP C 35 -21.85 1.52 -20.91
C ASP C 35 -21.72 0.48 -22.01
N SER C 36 -20.75 0.66 -22.90
CA SER C 36 -20.50 -0.28 -23.98
C SER C 36 -19.03 -0.71 -23.95
N HIS C 37 -18.80 -2.01 -24.00
CA HIS C 37 -17.45 -2.56 -24.06
C HIS C 37 -17.31 -3.41 -25.32
N ASN C 38 -16.16 -3.28 -25.98
CA ASN C 38 -15.89 -4.07 -27.16
C ASN C 38 -15.93 -5.56 -26.86
N GLY C 39 -15.71 -5.95 -25.61
CA GLY C 39 -15.64 -7.34 -25.26
C GLY C 39 -14.47 -8.06 -25.87
N LYS C 40 -13.36 -7.37 -26.06
CA LYS C 40 -12.32 -7.79 -26.99
C LYS C 40 -10.99 -7.19 -26.56
N LEU C 41 -10.04 -8.05 -26.18
CA LEU C 41 -8.72 -7.57 -25.78
C LEU C 41 -7.98 -7.02 -26.98
N CYS C 42 -7.55 -5.76 -26.88
CA CYS C 42 -6.75 -5.15 -27.92
C CYS C 42 -5.52 -4.47 -27.34
N LYS C 43 -4.48 -4.36 -28.16
CA LYS C 43 -3.24 -3.73 -27.76
C LYS C 43 -3.45 -2.25 -27.46
N LEU C 44 -2.69 -1.74 -26.50
CA LEU C 44 -2.81 -0.37 -26.04
C LEU C 44 -1.55 0.39 -26.40
N LYS C 45 -1.73 1.52 -27.10
CA LYS C 45 -0.61 2.35 -27.57
C LYS C 45 0.29 1.56 -28.51
N GLY C 46 -0.31 0.62 -29.25
CA GLY C 46 0.43 -0.15 -30.23
C GLY C 46 1.28 -1.26 -29.65
N ILE C 47 1.17 -1.55 -28.36
CA ILE C 47 1.97 -2.59 -27.72
C ILE C 47 1.04 -3.72 -27.31
N ALA C 48 1.32 -4.92 -27.81
CA ALA C 48 0.47 -6.06 -27.50
C ALA C 48 0.65 -6.47 -26.04
N PRO C 49 -0.40 -6.98 -25.40
CA PRO C 49 -0.28 -7.40 -24.00
C PRO C 49 0.51 -8.70 -23.88
N LEU C 50 0.74 -9.11 -22.65
CA LEU C 50 1.31 -10.41 -22.34
C LEU C 50 0.21 -11.27 -21.76
N GLN C 51 -0.17 -12.33 -22.49
CA GLN C 51 -1.23 -13.23 -22.06
C GLN C 51 -0.60 -14.42 -21.35
N LEU C 52 -0.80 -14.50 -20.04
CA LEU C 52 -0.27 -15.62 -19.28
C LEU C 52 -1.00 -16.91 -19.64
N GLY C 53 -2.26 -16.82 -20.03
CA GLY C 53 -3.01 -17.99 -20.44
C GLY C 53 -3.29 -18.94 -19.30
N LYS C 54 -2.76 -20.16 -19.40
CA LYS C 54 -3.00 -21.17 -18.37
C LYS C 54 -2.13 -20.96 -17.14
N CYS C 55 -1.23 -19.99 -17.17
CA CYS C 55 -0.30 -19.75 -16.08
C CYS C 55 -0.68 -18.50 -15.29
N ASN C 56 -0.09 -18.39 -14.11
CA ASN C 56 -0.17 -17.17 -13.31
C ASN C 56 1.20 -16.50 -13.32
N ILE C 57 1.34 -15.44 -12.53
CA ILE C 57 2.60 -14.70 -12.50
C ILE C 57 3.71 -15.56 -11.91
N ALA C 58 3.39 -16.34 -10.87
CA ALA C 58 4.39 -17.22 -10.28
C ALA C 58 4.88 -18.25 -11.28
N GLY C 59 3.96 -18.85 -12.03
CA GLY C 59 4.35 -19.83 -13.02
C GLY C 59 5.12 -19.23 -14.18
N TRP C 60 4.72 -18.03 -14.60
CA TRP C 60 5.43 -17.36 -15.69
C TRP C 60 6.85 -17.00 -15.28
N LEU C 61 7.02 -16.44 -14.09
CA LEU C 61 8.35 -15.98 -13.67
C LEU C 61 9.24 -17.16 -13.29
N LEU C 62 8.71 -18.13 -12.56
CA LEU C 62 9.51 -19.27 -12.14
C LEU C 62 9.96 -20.11 -13.32
N GLY C 63 9.19 -20.10 -14.40
CA GLY C 63 9.53 -20.87 -15.58
C GLY C 63 8.80 -22.19 -15.62
N ASN C 64 7.51 -22.15 -15.33
CA ASN C 64 6.72 -23.37 -15.27
C ASN C 64 6.78 -24.08 -16.62
N PRO C 65 6.88 -25.42 -16.62
CA PRO C 65 7.04 -26.14 -17.89
C PRO C 65 5.88 -25.96 -18.86
N GLU C 66 4.72 -25.54 -18.39
CA GLU C 66 3.57 -25.33 -19.27
C GLU C 66 3.45 -23.89 -19.73
N CYS C 67 4.46 -23.07 -19.50
CA CYS C 67 4.48 -21.68 -19.92
C CYS C 67 5.68 -21.39 -20.80
N GLU C 68 5.99 -22.30 -21.72
CA GLU C 68 7.12 -22.09 -22.60
C GLU C 68 6.84 -21.06 -23.69
N SER C 69 5.57 -20.71 -23.89
CA SER C 69 5.24 -19.66 -24.84
C SER C 69 5.58 -18.28 -24.31
N LEU C 70 5.82 -18.15 -22.99
CA LEU C 70 6.13 -16.88 -22.38
C LEU C 70 7.62 -16.64 -22.21
N LEU C 71 8.46 -17.63 -22.49
CA LEU C 71 9.90 -17.46 -22.32
C LEU C 71 10.48 -16.45 -23.30
N SER C 72 9.77 -16.17 -24.40
CA SER C 72 10.22 -15.20 -25.38
C SER C 72 9.64 -13.81 -25.16
N ALA C 73 8.86 -13.62 -24.10
CA ALA C 73 8.24 -12.32 -23.85
C ALA C 73 9.30 -11.31 -23.41
N ARG C 74 9.31 -10.16 -24.06
CA ARG C 74 10.21 -9.07 -23.70
C ARG C 74 9.47 -7.79 -23.33
N SER C 75 8.45 -7.41 -24.07
CA SER C 75 7.73 -6.18 -23.82
C SER C 75 6.23 -6.43 -23.90
N TRP C 76 5.48 -5.60 -23.19
CA TRP C 76 4.03 -5.74 -23.13
C TRP C 76 3.44 -4.46 -22.57
N SER C 77 2.14 -4.28 -22.78
CA SER C 77 1.43 -3.12 -22.26
C SER C 77 0.72 -3.39 -20.95
N TYR C 78 0.30 -4.64 -20.72
CA TYR C 78 -0.42 -5.02 -19.51
C TYR C 78 -0.52 -6.54 -19.48
N ILE C 79 -0.29 -7.12 -18.32
CA ILE C 79 -0.33 -8.56 -18.17
C ILE C 79 -1.78 -9.01 -18.03
N VAL C 80 -2.14 -10.09 -18.73
CA VAL C 80 -3.47 -10.66 -18.68
C VAL C 80 -3.36 -12.11 -18.23
N GLU C 81 -4.04 -12.45 -17.14
CA GLU C 81 -4.13 -13.83 -16.67
C GLU C 81 -5.59 -14.24 -16.60
N THR C 82 -5.93 -15.33 -17.26
CA THR C 82 -7.31 -15.79 -17.26
C THR C 82 -7.70 -16.29 -15.87
N PRO C 83 -8.99 -16.31 -15.55
CA PRO C 83 -9.39 -16.87 -14.26
C PRO C 83 -8.99 -18.33 -14.10
N ASN C 84 -9.00 -19.10 -15.20
CA ASN C 84 -8.59 -20.50 -15.17
C ASN C 84 -7.08 -20.59 -15.46
N SER C 85 -6.30 -20.06 -14.53
CA SER C 85 -4.85 -20.05 -14.63
C SER C 85 -4.27 -20.73 -13.40
N GLU C 86 -3.96 -22.02 -13.53
CA GLU C 86 -3.50 -22.80 -12.39
C GLU C 86 -2.08 -23.35 -12.56
N ASN C 87 -1.46 -23.16 -13.73
CA ASN C 87 -0.08 -23.55 -13.92
C ASN C 87 0.82 -22.50 -13.28
N GLY C 88 1.05 -22.68 -12.00
CA GLY C 88 2.04 -21.90 -11.28
C GLY C 88 2.42 -22.63 -10.03
N THR C 89 3.72 -22.68 -9.75
CA THR C 89 4.25 -23.40 -8.59
C THR C 89 3.86 -24.88 -8.65
N CYS C 90 4.43 -25.59 -9.63
CA CYS C 90 4.09 -27.00 -9.80
C CYS C 90 4.57 -27.83 -8.62
N TYR C 91 5.74 -27.53 -8.09
CA TYR C 91 6.19 -28.20 -6.88
C TYR C 91 5.57 -27.52 -5.66
N PRO C 92 4.95 -28.28 -4.75
CA PRO C 92 4.24 -27.65 -3.64
C PRO C 92 5.15 -26.78 -2.79
N GLY C 93 4.59 -25.71 -2.28
CA GLY C 93 5.34 -24.70 -1.54
C GLY C 93 4.69 -23.35 -1.74
N ASP C 94 5.19 -22.37 -1.00
CA ASP C 94 4.62 -21.04 -1.02
C ASP C 94 5.61 -20.03 -1.57
N PHE C 95 5.15 -19.21 -2.51
CA PHE C 95 5.92 -18.08 -3.00
C PHE C 95 5.93 -17.00 -1.92
N ILE C 96 7.12 -16.70 -1.39
CA ILE C 96 7.25 -15.75 -0.29
C ILE C 96 7.19 -14.34 -0.86
N ASP C 97 6.27 -13.53 -0.32
CA ASP C 97 6.00 -12.19 -0.84
C ASP C 97 5.62 -12.25 -2.31
N TYR C 98 4.70 -13.15 -2.65
CA TYR C 98 4.22 -13.28 -4.02
C TYR C 98 3.46 -12.03 -4.45
N GLU C 99 2.59 -11.51 -3.58
CA GLU C 99 1.76 -10.38 -3.94
C GLU C 99 2.58 -9.11 -4.09
N GLU C 100 3.61 -8.96 -3.26
CA GLU C 100 4.54 -7.85 -3.48
C GLU C 100 5.25 -7.99 -4.81
N LEU C 101 5.57 -9.22 -5.21
CA LEU C 101 6.18 -9.44 -6.51
C LEU C 101 5.24 -9.02 -7.63
N ARG C 102 3.95 -9.35 -7.51
CA ARG C 102 2.99 -8.86 -8.50
C ARG C 102 2.92 -7.35 -8.50
N GLU C 103 3.01 -6.73 -7.33
CA GLU C 103 3.00 -5.27 -7.25
C GLU C 103 4.19 -4.67 -7.99
N GLN C 104 5.38 -5.25 -7.82
CA GLN C 104 6.54 -4.77 -8.55
C GLN C 104 6.38 -5.04 -10.05
N LEU C 105 5.81 -6.19 -10.41
CA LEU C 105 5.67 -6.54 -11.81
C LEU C 105 4.67 -5.64 -12.53
N SER C 106 3.69 -5.11 -11.81
CA SER C 106 2.74 -4.20 -12.43
C SER C 106 3.41 -2.93 -12.93
N SER C 107 4.48 -2.50 -12.25
CA SER C 107 5.16 -1.28 -12.65
C SER C 107 6.01 -1.49 -13.89
N VAL C 108 6.63 -2.67 -14.02
CA VAL C 108 7.55 -2.90 -15.13
C VAL C 108 6.77 -2.90 -16.45
N SER C 109 7.38 -2.34 -17.49
CA SER C 109 6.78 -2.36 -18.82
C SER C 109 7.45 -3.35 -19.74
N SER C 110 8.66 -3.77 -19.42
CA SER C 110 9.41 -4.73 -20.23
C SER C 110 10.61 -5.21 -19.43
N PHE C 111 11.08 -6.41 -19.74
CA PHE C 111 12.35 -6.87 -19.22
C PHE C 111 13.04 -7.73 -20.26
N GLU C 112 14.22 -8.22 -19.89
CA GLU C 112 15.01 -9.11 -20.72
C GLU C 112 15.48 -10.29 -19.89
N ARG C 113 15.12 -11.49 -20.32
CA ARG C 113 15.47 -12.71 -19.59
C ARG C 113 16.86 -13.16 -20.02
N PHE C 114 17.76 -13.28 -19.05
CA PHE C 114 19.15 -13.65 -19.34
C PHE C 114 19.63 -14.67 -18.33
N GLU C 115 20.65 -15.42 -18.71
CA GLU C 115 21.26 -16.42 -17.83
C GLU C 115 22.13 -15.70 -16.82
N ILE C 116 21.59 -15.49 -15.62
CA ILE C 116 22.38 -14.86 -14.56
C ILE C 116 23.55 -15.78 -14.17
N PHE C 117 23.27 -17.06 -14.00
CA PHE C 117 24.31 -18.07 -13.83
C PHE C 117 24.14 -19.12 -14.92
N PRO C 118 24.96 -19.12 -15.97
CA PRO C 118 24.82 -20.14 -17.01
C PRO C 118 24.96 -21.53 -16.42
N LYS C 119 24.05 -22.43 -16.82
CA LYS C 119 23.92 -23.72 -16.15
C LYS C 119 25.17 -24.57 -16.32
N GLU C 120 25.75 -24.56 -17.52
CA GLU C 120 26.90 -25.43 -17.78
C GLU C 120 28.19 -24.88 -17.17
N SER C 121 28.29 -23.56 -17.03
CA SER C 121 29.54 -22.96 -16.60
C SER C 121 29.60 -22.67 -15.11
N SER C 122 28.46 -22.35 -14.49
CA SER C 122 28.48 -21.78 -13.14
C SER C 122 28.79 -22.84 -12.09
N TRP C 123 28.31 -24.06 -12.27
CA TRP C 123 28.34 -25.08 -11.22
C TRP C 123 29.18 -26.27 -11.68
N PRO C 124 30.49 -26.24 -11.48
CA PRO C 124 31.32 -27.39 -11.84
C PRO C 124 31.30 -28.49 -10.79
N ASN C 125 31.22 -28.11 -9.52
CA ASN C 125 31.27 -29.07 -8.41
C ASN C 125 29.90 -29.56 -7.99
N HIS C 126 28.84 -29.13 -8.67
CA HIS C 126 27.50 -29.55 -8.34
C HIS C 126 26.85 -30.17 -9.58
N ASN C 127 25.82 -30.96 -9.35
CA ASN C 127 25.32 -31.88 -10.36
C ASN C 127 23.96 -31.36 -10.79
N THR C 128 23.85 -30.96 -12.06
CA THR C 128 22.70 -30.19 -12.51
C THR C 128 21.68 -31.03 -13.28
N THR C 129 22.09 -32.19 -13.81
CA THR C 129 21.20 -32.98 -14.64
C THR C 129 20.18 -33.74 -13.81
N LYS C 130 20.51 -34.07 -12.56
CA LYS C 130 19.68 -34.98 -11.78
C LYS C 130 18.31 -34.39 -11.50
N GLY C 131 18.25 -33.10 -11.12
CA GLY C 131 17.03 -32.56 -10.58
C GLY C 131 15.88 -32.41 -11.55
N VAL C 132 14.91 -33.33 -11.45
CA VAL C 132 13.67 -33.27 -12.22
C VAL C 132 12.60 -33.91 -11.37
N THR C 133 11.38 -33.39 -11.45
CA THR C 133 10.31 -33.88 -10.60
C THR C 133 9.09 -34.21 -11.45
N ALA C 134 8.30 -35.17 -10.97
CA ALA C 134 7.07 -35.54 -11.67
C ALA C 134 5.99 -34.50 -11.49
N ALA C 135 6.05 -33.73 -10.40
CA ALA C 135 5.07 -32.67 -10.20
C ALA C 135 5.16 -31.62 -11.29
N CYS C 136 6.38 -31.26 -11.69
CA CYS C 136 6.61 -30.33 -12.79
C CYS C 136 6.86 -31.16 -14.05
N SER C 137 5.79 -31.71 -14.61
CA SER C 137 5.88 -32.61 -15.75
C SER C 137 5.52 -31.87 -17.02
N HIS C 138 6.41 -31.88 -17.99
CA HIS C 138 6.16 -31.32 -19.31
C HIS C 138 6.16 -32.46 -20.31
N ALA C 139 5.05 -32.60 -21.05
CA ALA C 139 4.85 -33.75 -21.93
C ALA C 139 4.88 -35.02 -21.10
N GLY C 140 5.29 -36.14 -21.70
CA GLY C 140 5.38 -37.37 -20.95
C GLY C 140 6.44 -37.31 -19.86
N LYS C 141 7.63 -36.84 -20.19
CA LYS C 141 8.75 -36.88 -19.26
C LYS C 141 8.56 -35.88 -18.13
N SER C 142 9.19 -36.17 -17.00
CA SER C 142 9.25 -35.21 -15.91
C SER C 142 10.27 -34.12 -16.24
N SER C 143 10.04 -32.94 -15.67
CA SER C 143 10.84 -31.76 -16.00
C SER C 143 10.93 -30.89 -14.75
N PHE C 144 11.32 -29.64 -14.93
CA PHE C 144 11.47 -28.70 -13.83
C PHE C 144 11.31 -27.29 -14.37
N TYR C 145 11.38 -26.31 -13.48
CA TYR C 145 11.27 -24.92 -13.88
C TYR C 145 12.38 -24.56 -14.86
N ARG C 146 12.03 -23.77 -15.88
CA ARG C 146 13.02 -23.37 -16.87
C ARG C 146 13.95 -22.29 -16.36
N ASN C 147 13.48 -21.41 -15.47
CA ASN C 147 14.28 -20.32 -14.95
C ASN C 147 15.05 -20.69 -13.69
N LEU C 148 14.83 -21.87 -13.13
CA LEU C 148 15.51 -22.30 -11.92
C LEU C 148 16.33 -23.54 -12.21
N LEU C 149 17.29 -23.81 -11.33
CA LEU C 149 18.15 -24.97 -11.45
C LEU C 149 18.24 -25.66 -10.11
N TRP C 150 17.99 -26.97 -10.11
CA TRP C 150 18.00 -27.77 -8.89
C TRP C 150 19.34 -28.49 -8.79
N LEU C 151 20.16 -28.08 -7.83
CA LEU C 151 21.51 -28.61 -7.68
C LEU C 151 21.53 -29.67 -6.59
N THR C 152 21.96 -30.86 -6.95
CA THR C 152 22.17 -31.95 -6.01
C THR C 152 23.67 -32.19 -5.84
N LYS C 153 24.01 -33.09 -4.93
CA LYS C 153 25.41 -33.41 -4.70
C LYS C 153 25.98 -34.17 -5.90
N LYS C 154 27.21 -33.84 -6.26
CA LYS C 154 27.92 -34.50 -7.34
C LYS C 154 28.86 -35.55 -6.74
N GLY C 155 28.56 -36.82 -6.98
CA GLY C 155 29.43 -37.88 -6.49
C GLY C 155 29.48 -37.98 -4.97
N GLY C 156 28.34 -37.82 -4.31
CA GLY C 156 28.28 -37.96 -2.87
C GLY C 156 28.73 -36.76 -2.09
N SER C 157 29.12 -35.67 -2.74
CA SER C 157 29.62 -34.49 -2.06
C SER C 157 28.90 -33.25 -2.56
N TYR C 158 28.56 -32.35 -1.64
CA TYR C 158 27.94 -31.07 -1.96
C TYR C 158 28.79 -30.00 -1.28
N PRO C 159 29.95 -29.68 -1.86
CA PRO C 159 30.80 -28.64 -1.25
C PRO C 159 30.09 -27.29 -1.24
N LYS C 160 30.37 -26.51 -0.21
CA LYS C 160 29.70 -25.23 -0.04
C LYS C 160 29.91 -24.33 -1.24
N LEU C 161 28.85 -24.08 -2.01
CA LEU C 161 28.98 -23.22 -3.17
C LEU C 161 28.93 -21.76 -2.75
N SER C 162 29.60 -20.92 -3.54
CA SER C 162 29.64 -19.48 -3.27
C SER C 162 29.72 -18.78 -4.63
N LYS C 163 28.56 -18.37 -5.14
CA LYS C 163 28.46 -17.78 -6.47
C LYS C 163 28.00 -16.34 -6.35
N SER C 164 28.74 -15.44 -6.98
CA SER C 164 28.45 -14.02 -6.95
C SER C 164 28.05 -13.55 -8.34
N TYR C 165 27.17 -12.54 -8.39
CA TYR C 165 26.80 -11.89 -9.64
C TYR C 165 26.80 -10.39 -9.43
N VAL C 166 27.48 -9.67 -10.32
CA VAL C 166 27.54 -8.22 -10.26
C VAL C 166 26.59 -7.65 -11.30
N ASN C 167 25.63 -6.86 -10.85
CA ASN C 167 24.57 -6.36 -11.71
C ASN C 167 25.12 -5.26 -12.61
N ASN C 168 25.73 -5.68 -13.72
CA ASN C 168 26.24 -4.76 -14.72
C ASN C 168 25.23 -4.45 -15.81
N LYS C 169 24.00 -4.95 -15.69
CA LYS C 169 22.98 -4.71 -16.71
C LYS C 169 22.57 -3.26 -16.78
N GLY C 170 22.85 -2.47 -15.75
CA GLY C 170 22.45 -1.08 -15.73
C GLY C 170 21.02 -0.85 -15.30
N LYS C 171 20.28 -1.92 -14.98
CA LYS C 171 18.91 -1.83 -14.53
C LYS C 171 18.71 -2.81 -13.39
N GLU C 172 17.56 -2.72 -12.73
CA GLU C 172 17.26 -3.68 -11.67
C GLU C 172 17.16 -5.08 -12.26
N VAL C 173 17.59 -6.07 -11.49
CA VAL C 173 17.57 -7.46 -11.91
C VAL C 173 16.76 -8.25 -10.89
N LEU C 174 15.72 -8.91 -11.37
CA LEU C 174 14.83 -9.69 -10.50
C LEU C 174 15.39 -11.10 -10.39
N VAL C 175 16.03 -11.39 -9.27
CA VAL C 175 16.63 -12.70 -9.01
C VAL C 175 15.62 -13.54 -8.25
N LEU C 176 15.40 -14.77 -8.73
CA LEU C 176 14.52 -15.72 -8.07
C LEU C 176 15.29 -16.99 -7.77
N TRP C 177 15.00 -17.60 -6.63
CA TRP C 177 15.59 -18.87 -6.26
C TRP C 177 14.58 -19.64 -5.43
N GLY C 178 15.04 -20.73 -4.81
CA GLY C 178 14.18 -21.51 -3.94
C GLY C 178 15.00 -22.30 -2.96
N VAL C 179 14.36 -22.69 -1.87
CA VAL C 179 14.96 -23.55 -0.85
C VAL C 179 14.07 -24.77 -0.72
N HIS C 180 14.63 -25.94 -1.01
CA HIS C 180 13.86 -27.18 -1.01
C HIS C 180 13.84 -27.76 0.40
N HIS C 181 12.63 -28.03 0.90
CA HIS C 181 12.46 -28.66 2.20
C HIS C 181 12.02 -30.10 1.98
N PRO C 182 12.89 -31.09 2.16
CA PRO C 182 12.49 -32.47 1.90
C PRO C 182 11.48 -32.98 2.91
N SER C 183 11.11 -34.26 2.79
CA SER C 183 10.15 -34.86 3.71
C SER C 183 10.79 -35.79 4.71
N THR C 184 11.99 -36.30 4.43
CA THR C 184 12.67 -37.20 5.34
C THR C 184 14.13 -36.77 5.44
N SER C 185 14.76 -37.12 6.56
CA SER C 185 16.19 -36.90 6.69
C SER C 185 16.95 -37.73 5.67
N THR C 186 16.42 -38.90 5.32
CA THR C 186 17.05 -39.72 4.30
C THR C 186 17.07 -39.01 2.95
N ASP C 187 15.98 -38.34 2.60
CA ASP C 187 15.96 -37.56 1.37
C ASP C 187 16.97 -36.43 1.41
N GLN C 188 17.06 -35.74 2.55
CA GLN C 188 18.03 -34.65 2.67
C GLN C 188 19.44 -35.16 2.47
N GLN C 189 19.78 -36.29 3.08
CA GLN C 189 21.12 -36.85 2.89
C GLN C 189 21.32 -37.37 1.47
N SER C 190 20.25 -37.87 0.83
CA SER C 190 20.37 -38.44 -0.50
C SER C 190 20.48 -37.38 -1.58
N LEU C 191 20.02 -36.16 -1.33
CA LEU C 191 20.11 -35.08 -2.31
C LEU C 191 21.27 -34.13 -2.04
N TYR C 192 21.40 -33.69 -0.78
CA TYR C 192 22.45 -32.77 -0.37
C TYR C 192 23.10 -33.39 0.87
N GLN C 193 24.27 -34.00 0.68
CA GLN C 193 24.82 -34.91 1.69
C GLN C 193 24.86 -34.30 3.09
N ASN C 194 24.96 -32.97 3.18
CA ASN C 194 25.00 -32.30 4.47
C ASN C 194 23.60 -32.22 5.05
N GLU C 195 23.42 -32.77 6.25
CA GLU C 195 22.10 -32.70 6.90
C GLU C 195 21.86 -31.32 7.50
N ASN C 196 22.88 -30.71 8.09
CA ASN C 196 22.77 -29.35 8.63
C ASN C 196 23.06 -28.35 7.52
N ALA C 197 22.14 -28.30 6.56
CA ALA C 197 22.27 -27.44 5.40
C ALA C 197 21.74 -26.05 5.68
N TYR C 198 22.15 -25.11 4.84
CA TYR C 198 21.66 -23.74 4.94
C TYR C 198 21.83 -23.07 3.59
N VAL C 199 21.03 -22.03 3.36
CA VAL C 199 21.14 -21.20 2.18
C VAL C 199 21.24 -19.75 2.64
N SER C 200 22.28 -19.05 2.19
CA SER C 200 22.48 -17.65 2.52
C SER C 200 22.53 -16.84 1.23
N VAL C 201 21.62 -15.88 1.11
CA VAL C 201 21.56 -15.00 -0.05
C VAL C 201 21.68 -13.58 0.47
N VAL C 202 22.85 -12.97 0.31
CA VAL C 202 23.15 -11.67 0.86
C VAL C 202 23.54 -10.73 -0.27
N SER C 203 22.70 -9.74 -0.53
CA SER C 203 23.04 -8.63 -1.41
C SER C 203 23.61 -7.50 -0.56
N SER C 204 23.75 -6.31 -1.15
CA SER C 204 24.16 -5.16 -0.37
C SER C 204 23.01 -4.53 0.42
N ASN C 205 21.77 -4.86 0.08
CA ASN C 205 20.61 -4.43 0.85
C ASN C 205 19.67 -5.57 1.18
N TYR C 206 19.95 -6.79 0.73
CA TYR C 206 19.18 -7.97 1.06
C TYR C 206 20.08 -8.92 1.83
N ASN C 207 19.56 -9.48 2.91
CA ASN C 207 20.35 -10.39 3.74
C ASN C 207 19.37 -11.33 4.44
N ARG C 208 19.25 -12.55 3.91
CA ARG C 208 18.39 -13.56 4.50
C ARG C 208 19.10 -14.90 4.46
N ARG C 209 18.96 -15.68 5.53
CA ARG C 209 19.53 -17.01 5.61
C ARG C 209 18.41 -18.02 5.80
N PHE C 210 18.42 -19.07 5.01
CA PHE C 210 17.36 -20.06 5.01
C PHE C 210 17.89 -21.41 5.49
N THR C 211 17.02 -22.16 6.16
CA THR C 211 17.37 -23.45 6.71
C THR C 211 16.28 -24.45 6.34
N PRO C 212 16.64 -25.61 5.82
CA PRO C 212 15.62 -26.62 5.50
C PRO C 212 14.95 -27.14 6.75
N GLU C 213 13.67 -27.48 6.61
CA GLU C 213 12.83 -27.94 7.72
C GLU C 213 12.17 -29.24 7.30
N ILE C 214 12.78 -30.36 7.66
CA ILE C 214 12.29 -31.67 7.28
C ILE C 214 11.14 -32.06 8.19
N ALA C 215 9.98 -32.36 7.60
CA ALA C 215 8.82 -32.76 8.36
C ALA C 215 7.90 -33.59 7.48
N GLU C 216 6.98 -34.30 8.10
CA GLU C 216 6.02 -35.13 7.40
C GLU C 216 4.78 -34.29 7.11
N ARG C 217 4.44 -34.14 5.83
CA ARG C 217 3.38 -33.25 5.41
C ARG C 217 2.38 -33.97 4.52
N PRO C 218 1.14 -33.49 4.47
CA PRO C 218 0.19 -34.02 3.49
C PRO C 218 0.69 -33.79 2.07
N LYS C 219 0.39 -34.75 1.20
CA LYS C 219 0.89 -34.71 -0.17
C LYS C 219 0.07 -33.72 -0.99
N VAL C 220 0.75 -32.77 -1.61
CA VAL C 220 0.14 -31.85 -2.56
C VAL C 220 0.76 -32.11 -3.92
N ARG C 221 -0.09 -32.35 -4.92
CA ARG C 221 0.36 -32.70 -6.27
C ARG C 221 1.26 -33.94 -6.26
N GLY C 222 1.00 -34.86 -5.36
CA GLY C 222 1.78 -36.08 -5.26
C GLY C 222 3.11 -35.94 -4.57
N GLN C 223 3.39 -34.80 -3.94
CA GLN C 223 4.68 -34.54 -3.31
C GLN C 223 4.48 -34.21 -1.85
N ALA C 224 5.28 -34.84 -0.98
CA ALA C 224 5.26 -34.55 0.44
C ALA C 224 6.30 -33.51 0.83
N GLY C 225 7.20 -33.13 -0.07
CA GLY C 225 8.15 -32.07 0.19
C GLY C 225 7.58 -30.72 -0.18
N ARG C 226 8.35 -29.68 0.14
CA ARG C 226 7.96 -28.31 -0.16
C ARG C 226 9.15 -27.56 -0.73
N MET C 227 8.86 -26.55 -1.55
CA MET C 227 9.89 -25.68 -2.11
C MET C 227 9.39 -24.25 -1.98
N ASN C 228 9.96 -23.51 -1.04
CA ASN C 228 9.61 -22.10 -0.88
C ASN C 228 10.45 -21.27 -1.83
N TYR C 229 9.80 -20.39 -2.58
CA TYR C 229 10.45 -19.57 -3.59
C TYR C 229 10.60 -18.15 -3.08
N TYR C 230 11.78 -17.58 -3.26
CA TYR C 230 12.08 -16.23 -2.83
C TYR C 230 12.54 -15.40 -4.02
N TRP C 231 12.51 -14.09 -3.83
CA TRP C 231 12.88 -13.17 -4.89
C TRP C 231 13.44 -11.90 -4.26
N THR C 232 14.25 -11.18 -5.04
CA THR C 232 14.75 -9.89 -4.60
C THR C 232 15.20 -9.11 -5.82
N LEU C 233 15.19 -7.79 -5.68
CA LEU C 233 15.56 -6.87 -6.76
C LEU C 233 16.97 -6.36 -6.53
N LEU C 234 17.83 -6.52 -7.53
CA LEU C 234 19.22 -6.13 -7.44
C LEU C 234 19.41 -4.78 -8.11
N GLU C 235 19.83 -3.79 -7.34
CA GLU C 235 20.03 -2.45 -7.87
C GLU C 235 21.22 -2.43 -8.82
N PRO C 236 21.27 -1.45 -9.72
CA PRO C 236 22.38 -1.41 -10.69
C PRO C 236 23.73 -1.34 -10.01
N GLY C 237 24.70 -2.02 -10.60
CA GLY C 237 26.05 -2.03 -10.05
C GLY C 237 26.14 -2.61 -8.66
N ASP C 238 25.39 -3.67 -8.39
CA ASP C 238 25.38 -4.31 -7.08
C ASP C 238 25.65 -5.80 -7.22
N THR C 239 26.11 -6.40 -6.13
CA THR C 239 26.53 -7.80 -6.10
C THR C 239 25.62 -8.58 -5.19
N ILE C 240 25.08 -9.69 -5.70
CA ILE C 240 24.35 -10.65 -4.88
C ILE C 240 25.18 -11.92 -4.79
N ILE C 241 25.31 -12.46 -3.59
CA ILE C 241 26.13 -13.63 -3.34
C ILE C 241 25.22 -14.75 -2.85
N PHE C 242 25.28 -15.88 -3.53
CA PHE C 242 24.54 -17.08 -3.14
C PHE C 242 25.53 -18.04 -2.51
N GLU C 243 25.31 -18.36 -1.24
CA GLU C 243 26.14 -19.31 -0.51
C GLU C 243 25.19 -20.33 0.10
N ALA C 244 25.38 -21.60 -0.24
CA ALA C 244 24.49 -22.65 0.22
C ALA C 244 25.28 -23.93 0.47
N THR C 245 24.90 -24.64 1.53
CA THR C 245 25.50 -25.96 1.79
C THR C 245 24.53 -27.06 1.36
N GLY C 246 23.30 -26.70 1.03
CA GLY C 246 22.34 -27.64 0.49
C GLY C 246 21.01 -26.95 0.26
N ASN C 247 20.11 -27.68 -0.37
CA ASN C 247 18.71 -27.24 -0.55
C ASN C 247 18.61 -25.91 -1.30
N LEU C 248 19.45 -25.73 -2.32
CA LEU C 248 19.43 -24.48 -3.09
C LEU C 248 18.94 -24.75 -4.50
N ILE C 249 17.85 -24.10 -4.87
CA ILE C 249 17.37 -24.09 -6.25
C ILE C 249 17.91 -22.82 -6.89
N ALA C 250 19.07 -22.94 -7.53
CA ALA C 250 19.84 -21.78 -7.94
C ALA C 250 19.14 -21.01 -9.05
N PRO C 251 19.38 -19.72 -9.16
CA PRO C 251 18.79 -18.94 -10.25
C PRO C 251 19.45 -19.22 -11.59
N TRP C 252 18.74 -19.87 -12.49
CA TRP C 252 19.27 -20.06 -13.84
C TRP C 252 19.14 -18.78 -14.66
N TYR C 253 17.94 -18.22 -14.72
CA TYR C 253 17.68 -17.01 -15.47
C TYR C 253 17.17 -15.92 -14.53
N ALA C 254 17.51 -14.68 -14.85
CA ALA C 254 17.02 -13.50 -14.15
C ALA C 254 16.42 -12.55 -15.17
N PHE C 255 15.85 -11.44 -14.69
CA PHE C 255 15.15 -10.50 -15.55
C PHE C 255 15.64 -9.09 -15.27
N ALA C 256 16.04 -8.39 -16.34
CA ALA C 256 16.48 -7.00 -16.23
C ALA C 256 15.27 -6.10 -16.40
N LEU C 257 14.74 -5.62 -15.28
CA LEU C 257 13.46 -4.91 -15.29
C LEU C 257 13.63 -3.48 -15.79
N SER C 258 12.89 -3.12 -16.84
CA SER C 258 12.79 -1.75 -17.31
C SER C 258 11.46 -1.21 -16.80
N ARG C 259 11.53 -0.37 -15.77
CA ARG C 259 10.33 0.11 -15.10
C ARG C 259 9.52 1.01 -16.03
N GLY C 260 8.21 1.01 -15.83
CA GLY C 260 7.30 1.83 -16.59
C GLY C 260 6.20 2.40 -15.74
N SER C 261 5.14 2.90 -16.38
CA SER C 261 4.00 3.46 -15.66
C SER C 261 2.76 3.33 -16.51
N GLY C 262 1.63 3.10 -15.85
CA GLY C 262 0.37 2.90 -16.52
C GLY C 262 0.01 1.46 -16.80
N SER C 263 0.98 0.55 -16.77
CA SER C 263 0.69 -0.85 -16.98
C SER C 263 0.02 -1.45 -15.75
N GLY C 264 -0.37 -2.71 -15.87
CA GLY C 264 -1.00 -3.37 -14.75
C GLY C 264 -1.38 -4.79 -15.09
N ILE C 265 -1.91 -5.49 -14.10
CA ILE C 265 -2.31 -6.88 -14.22
C ILE C 265 -3.83 -6.95 -14.09
N ILE C 266 -4.49 -7.51 -15.09
CA ILE C 266 -5.93 -7.69 -15.08
C ILE C 266 -6.25 -9.15 -15.34
N THR C 267 -7.21 -9.68 -14.59
CA THR C 267 -7.72 -11.02 -14.82
C THR C 267 -8.96 -10.91 -15.70
N SER C 268 -8.91 -11.52 -16.88
CA SER C 268 -9.95 -11.31 -17.87
C SER C 268 -10.23 -12.61 -18.61
N ASN C 269 -11.41 -12.66 -19.22
CA ASN C 269 -11.81 -13.75 -20.10
C ASN C 269 -11.85 -13.37 -21.56
N ALA C 270 -11.80 -12.07 -21.88
CA ALA C 270 -11.94 -11.64 -23.26
C ALA C 270 -10.79 -12.17 -24.12
N SER C 271 -11.13 -12.62 -25.32
CA SER C 271 -10.12 -13.11 -26.24
C SER C 271 -9.34 -11.94 -26.82
N MET C 272 -8.11 -12.23 -27.25
CA MET C 272 -7.20 -11.22 -27.75
C MET C 272 -7.28 -11.14 -29.27
N HIS C 273 -7.48 -9.93 -29.78
CA HIS C 273 -7.44 -9.66 -31.21
C HIS C 273 -6.65 -8.37 -31.43
N GLU C 274 -6.77 -7.79 -32.62
CA GLU C 274 -6.02 -6.60 -32.98
C GLU C 274 -6.93 -5.37 -32.93
N CYS C 275 -6.58 -4.40 -32.08
CA CYS C 275 -7.12 -3.05 -32.17
C CYS C 275 -6.02 -2.08 -31.80
N ASN C 276 -6.37 -0.82 -31.57
CA ASN C 276 -5.43 0.16 -31.03
C ASN C 276 -6.25 1.17 -30.22
N THR C 277 -6.36 0.92 -28.93
CA THR C 277 -7.25 1.66 -28.06
C THR C 277 -6.46 2.55 -27.11
N LYS C 278 -7.19 3.20 -26.20
CA LYS C 278 -6.60 3.97 -25.12
C LYS C 278 -7.01 3.47 -23.74
N CYS C 279 -8.12 2.74 -23.64
CA CYS C 279 -8.58 2.16 -22.38
C CYS C 279 -8.79 0.67 -22.56
N GLN C 280 -8.70 -0.08 -21.46
CA GLN C 280 -8.83 -1.53 -21.53
C GLN C 280 -9.33 -2.04 -20.18
N THR C 281 -10.59 -2.38 -20.12
CA THR C 281 -11.12 -3.08 -18.95
C THR C 281 -11.11 -4.59 -19.21
N PRO C 282 -11.15 -5.40 -18.15
CA PRO C 282 -11.17 -6.86 -18.35
C PRO C 282 -12.35 -7.34 -19.18
N GLN C 283 -13.50 -6.67 -19.09
CA GLN C 283 -14.64 -7.06 -19.91
C GLN C 283 -14.37 -6.80 -21.39
N GLY C 284 -13.63 -5.75 -21.70
CA GLY C 284 -13.29 -5.46 -23.08
C GLY C 284 -12.74 -4.06 -23.19
N ALA C 285 -11.88 -3.87 -24.18
CA ALA C 285 -11.30 -2.56 -24.43
C ALA C 285 -12.40 -1.58 -24.83
N ILE C 286 -12.25 -0.33 -24.39
CA ILE C 286 -13.20 0.73 -24.70
C ILE C 286 -12.44 1.99 -25.08
N ASN C 287 -13.10 2.86 -25.84
CA ASN C 287 -12.72 4.27 -25.82
C ASN C 287 -14.02 5.07 -25.76
N SER C 288 -13.94 6.26 -25.18
CA SER C 288 -15.10 7.15 -25.13
C SER C 288 -14.65 8.52 -24.64
N SER C 289 -15.18 9.56 -25.26
CA SER C 289 -14.96 10.90 -24.75
C SER C 289 -15.86 11.22 -23.56
N LEU C 290 -16.84 10.38 -23.27
CA LEU C 290 -17.68 10.58 -22.10
C LEU C 290 -16.87 10.34 -20.83
N PRO C 291 -17.10 11.13 -19.78
CA PRO C 291 -16.23 11.06 -18.61
C PRO C 291 -16.66 10.03 -17.57
N PHE C 292 -17.56 9.12 -17.92
CA PHE C 292 -18.02 8.12 -16.97
C PHE C 292 -18.27 6.82 -17.69
N GLN C 293 -17.81 5.71 -17.11
CA GLN C 293 -18.08 4.37 -17.60
C GLN C 293 -18.44 3.49 -16.43
N ASN C 294 -19.46 2.63 -16.61
CA ASN C 294 -19.84 1.69 -15.57
C ASN C 294 -19.41 0.26 -15.89
N ILE C 295 -18.55 0.07 -16.90
CA ILE C 295 -18.22 -1.26 -17.36
C ILE C 295 -17.48 -2.05 -16.28
N HIS C 296 -16.43 -1.47 -15.72
CA HIS C 296 -15.61 -2.21 -14.76
C HIS C 296 -14.69 -1.25 -14.01
N PRO C 297 -14.54 -1.40 -12.70
CA PRO C 297 -13.62 -0.53 -11.96
C PRO C 297 -12.17 -0.65 -12.40
N VAL C 298 -11.73 -1.86 -12.74
CA VAL C 298 -10.33 -2.10 -13.10
C VAL C 298 -10.13 -1.65 -14.54
N THR C 299 -9.24 -0.67 -14.74
CA THR C 299 -8.99 -0.10 -16.05
C THR C 299 -7.49 0.05 -16.26
N ILE C 300 -7.11 0.12 -17.54
CA ILE C 300 -5.71 0.29 -17.94
C ILE C 300 -5.64 1.45 -18.91
N GLY C 301 -4.87 2.47 -18.56
CA GLY C 301 -4.69 3.62 -19.43
C GLY C 301 -5.71 4.72 -19.18
N GLU C 302 -5.86 5.58 -20.19
CA GLU C 302 -6.79 6.70 -20.12
C GLU C 302 -8.22 6.19 -20.23
N CYS C 303 -8.99 6.31 -19.16
CA CYS C 303 -10.33 5.76 -19.08
C CYS C 303 -11.27 6.75 -18.42
N PRO C 304 -12.56 6.65 -18.68
CA PRO C 304 -13.53 7.45 -17.94
C PRO C 304 -13.63 6.99 -16.50
N LYS C 305 -14.12 7.88 -15.65
CA LYS C 305 -14.33 7.52 -14.25
C LYS C 305 -15.38 6.42 -14.13
N TYR C 306 -15.24 5.58 -13.12
CA TYR C 306 -16.15 4.46 -12.91
C TYR C 306 -17.12 4.79 -11.80
N VAL C 307 -18.42 4.72 -12.11
CA VAL C 307 -19.49 4.91 -11.14
C VAL C 307 -20.46 3.77 -11.26
N ARG C 308 -21.14 3.47 -10.16
CA ARG C 308 -22.10 2.37 -10.14
C ARG C 308 -23.44 2.73 -10.75
N SER C 309 -23.62 3.98 -11.17
CA SER C 309 -24.90 4.40 -11.71
C SER C 309 -25.18 3.73 -13.05
N THR C 310 -26.43 3.85 -13.50
CA THR C 310 -26.87 3.26 -14.75
C THR C 310 -27.32 4.28 -15.79
N LYS C 311 -27.40 5.56 -15.44
CA LYS C 311 -27.84 6.58 -16.38
C LYS C 311 -27.35 7.94 -15.90
N LEU C 312 -26.47 8.57 -16.68
CA LEU C 312 -25.96 9.90 -16.37
C LEU C 312 -26.17 10.76 -17.61
N ARG C 313 -27.26 11.50 -17.65
CA ARG C 313 -27.66 12.25 -18.84
C ARG C 313 -27.78 13.73 -18.49
N MET C 314 -26.92 14.55 -19.08
CA MET C 314 -27.11 15.99 -19.00
C MET C 314 -28.40 16.38 -19.70
N VAL C 315 -28.80 17.64 -19.50
CA VAL C 315 -29.94 18.20 -20.21
C VAL C 315 -29.40 19.32 -21.09
N THR C 316 -29.55 19.17 -22.40
CA THR C 316 -29.24 20.23 -23.34
C THR C 316 -30.48 20.90 -23.89
N GLY C 317 -31.55 20.15 -24.12
CA GLY C 317 -32.75 20.68 -24.72
C GLY C 317 -33.76 21.20 -23.73
N LEU C 318 -34.67 22.03 -24.22
CA LEU C 318 -35.71 22.60 -23.40
C LEU C 318 -36.76 21.53 -23.10
N ARG C 319 -37.74 21.90 -22.26
CA ARG C 319 -38.81 20.99 -21.92
C ARG C 319 -39.60 20.62 -23.16
N ASN C 320 -39.47 19.36 -23.60
CA ASN C 320 -40.14 18.94 -24.84
C ASN C 320 -41.65 18.94 -24.67
N ILE C 321 -42.14 18.53 -23.51
CA ILE C 321 -43.58 18.53 -23.25
C ILE C 321 -43.89 19.48 -22.10
N ILE C 337 -49.97 29.21 -20.58
CA ILE C 337 -48.68 29.67 -21.08
C ILE C 337 -48.33 28.90 -22.36
N GLU C 338 -47.33 29.40 -23.09
CA GLU C 338 -46.93 28.78 -24.34
C GLU C 338 -46.35 27.40 -24.09
N GLY C 339 -46.61 26.48 -25.02
CA GLY C 339 -46.09 25.13 -24.98
C GLY C 339 -44.93 24.95 -25.92
N GLY C 340 -44.80 23.73 -26.44
CA GLY C 340 -43.75 23.42 -27.41
C GLY C 340 -44.20 23.73 -28.83
N TRP C 341 -43.26 24.28 -29.60
CA TRP C 341 -43.56 24.66 -31.00
C TRP C 341 -43.17 23.50 -31.92
N THR C 342 -44.10 22.54 -32.09
CA THR C 342 -43.84 21.35 -32.93
C THR C 342 -43.60 21.84 -34.36
N GLY C 343 -44.35 22.85 -34.78
CA GLY C 343 -44.25 23.31 -36.17
C GLY C 343 -42.86 23.82 -36.50
N MET C 344 -42.19 24.53 -35.58
CA MET C 344 -40.87 25.07 -35.99
C MET C 344 -39.76 24.17 -35.45
N ILE C 345 -38.98 23.55 -36.33
CA ILE C 345 -37.80 22.78 -35.88
C ILE C 345 -36.54 23.62 -36.11
N ASP C 346 -36.69 24.82 -36.69
CA ASP C 346 -35.48 25.61 -37.07
C ASP C 346 -34.67 26.01 -35.83
N GLY C 347 -35.32 26.42 -34.74
CA GLY C 347 -34.53 26.92 -33.59
C GLY C 347 -35.10 26.60 -32.22
N TRP C 348 -34.24 26.58 -31.20
CA TRP C 348 -34.73 26.37 -29.81
C TRP C 348 -35.81 27.40 -29.49
N TYR C 349 -35.78 28.55 -30.16
CA TYR C 349 -36.78 29.56 -29.88
C TYR C 349 -37.41 30.05 -31.18
N GLY C 350 -38.68 30.43 -31.10
CA GLY C 350 -39.43 30.76 -32.29
C GLY C 350 -40.03 32.15 -32.23
N TYR C 351 -40.37 32.66 -33.41
CA TYR C 351 -41.07 33.93 -33.59
C TYR C 351 -42.19 33.70 -34.59
N HIS C 352 -43.35 33.26 -34.09
CA HIS C 352 -44.48 32.99 -34.97
C HIS C 352 -45.02 34.29 -35.56
N HIS C 353 -45.36 34.25 -36.85
CA HIS C 353 -45.82 35.42 -37.58
C HIS C 353 -47.25 35.20 -38.05
N GLN C 354 -48.12 36.19 -37.78
CA GLN C 354 -49.49 36.13 -38.29
C GLN C 354 -49.52 36.40 -39.79
N ASN C 355 -48.78 37.42 -40.24
CA ASN C 355 -48.79 37.80 -41.64
C ASN C 355 -47.44 37.53 -42.30
N TYR C 361 -44.30 32.02 -39.84
CA TYR C 361 -43.58 30.88 -39.30
C TYR C 361 -42.56 31.33 -38.25
N ALA C 362 -42.27 30.45 -37.30
CA ALA C 362 -41.33 30.77 -36.25
C ALA C 362 -39.93 30.99 -36.83
N ALA C 363 -39.23 31.98 -36.28
CA ALA C 363 -37.86 32.31 -36.67
C ALA C 363 -36.97 32.26 -35.43
N ASP C 364 -35.68 32.49 -35.64
CA ASP C 364 -34.69 32.43 -34.57
C ASP C 364 -34.13 33.82 -34.30
N GLN C 365 -33.33 33.90 -33.24
CA GLN C 365 -32.64 35.12 -32.85
C GLN C 365 -31.19 34.81 -32.55
N LYS C 366 -30.32 35.78 -32.83
CA LYS C 366 -28.89 35.62 -32.58
C LYS C 366 -28.54 35.77 -31.10
N SER C 367 -29.42 36.39 -30.31
CA SER C 367 -29.13 36.65 -28.91
C SER C 367 -29.16 35.41 -28.03
N THR C 368 -29.63 34.27 -28.55
CA THR C 368 -29.70 33.04 -27.78
C THR C 368 -28.68 31.99 -28.21
N GLN C 369 -28.08 32.14 -29.39
CA GLN C 369 -27.00 31.23 -29.78
C GLN C 369 -25.85 31.31 -28.79
N ASN C 370 -25.62 32.49 -28.21
CA ASN C 370 -24.58 32.62 -27.19
C ASN C 370 -24.93 31.81 -25.95
N ALA C 371 -26.20 31.80 -25.54
CA ALA C 371 -26.61 30.98 -24.41
C ALA C 371 -26.46 29.49 -24.72
N ILE C 372 -26.81 29.09 -25.94
CA ILE C 372 -26.63 27.70 -26.34
C ILE C 372 -25.15 27.33 -26.29
N ASN C 373 -24.29 28.21 -26.78
CA ASN C 373 -22.85 27.97 -26.71
C ASN C 373 -22.37 27.94 -25.27
N GLY C 374 -22.98 28.73 -24.40
CA GLY C 374 -22.64 28.66 -22.99
C GLY C 374 -22.97 27.31 -22.38
N ILE C 375 -24.11 26.74 -22.75
CA ILE C 375 -24.46 25.41 -22.27
C ILE C 375 -23.50 24.36 -22.83
N THR C 376 -23.14 24.49 -24.11
CA THR C 376 -22.18 23.57 -24.70
C THR C 376 -20.80 23.70 -24.06
N ASN C 377 -20.47 24.90 -23.57
CA ASN C 377 -19.26 25.06 -22.77
C ASN C 377 -19.44 24.46 -21.39
N LYS C 378 -20.65 24.52 -20.85
CA LYS C 378 -20.90 24.01 -19.50
C LYS C 378 -20.73 22.50 -19.45
N VAL C 379 -21.21 21.80 -20.48
CA VAL C 379 -21.03 20.35 -20.49
C VAL C 379 -19.55 20.00 -20.57
N ASN C 380 -18.79 20.78 -21.34
CA ASN C 380 -17.34 20.58 -21.36
C ASN C 380 -16.73 20.85 -19.98
N SER C 381 -17.24 21.86 -19.28
CA SER C 381 -16.73 22.17 -17.95
C SER C 381 -16.98 21.02 -16.98
N VAL C 382 -18.19 20.46 -17.00
CA VAL C 382 -18.48 19.37 -16.07
C VAL C 382 -17.70 18.12 -16.44
N ILE C 383 -17.52 17.84 -17.73
CA ILE C 383 -16.75 16.65 -18.07
C ILE C 383 -15.27 16.83 -17.76
N GLU C 384 -14.73 18.06 -17.86
CA GLU C 384 -13.33 18.27 -17.55
C GLU C 384 -13.08 18.36 -16.05
N LYS C 385 -14.08 18.75 -15.27
CA LYS C 385 -13.93 18.77 -13.83
C LYS C 385 -13.87 17.36 -13.24
N MET C 386 -14.23 16.34 -14.02
CA MET C 386 -14.06 14.94 -13.63
C MET C 386 -12.75 14.47 -14.25
N ASN C 387 -11.66 14.62 -13.51
CA ASN C 387 -10.37 14.16 -14.00
C ASN C 387 -10.41 12.66 -14.24
N THR C 388 -9.82 12.24 -15.35
CA THR C 388 -9.87 10.83 -15.74
C THR C 388 -9.14 9.96 -14.74
N GLN C 389 -9.60 8.72 -14.60
CA GLN C 389 -8.96 7.75 -13.73
C GLN C 389 -7.84 7.05 -14.48
N PHE C 390 -6.75 6.80 -13.77
CA PHE C 390 -5.62 6.09 -14.34
C PHE C 390 -5.64 4.65 -13.86
N THR C 391 -4.56 3.91 -14.14
CA THR C 391 -4.51 2.47 -13.87
C THR C 391 -4.85 2.16 -12.41
N ALA C 392 -5.97 1.48 -12.20
CA ALA C 392 -6.45 1.17 -10.86
C ALA C 392 -6.57 -0.34 -10.67
N VAL C 393 -5.54 -1.07 -11.09
CA VAL C 393 -5.56 -2.53 -10.98
C VAL C 393 -5.72 -2.93 -9.52
N GLY C 394 -6.44 -4.02 -9.30
CA GLY C 394 -6.63 -4.51 -7.95
C GLY C 394 -5.38 -5.12 -7.37
N LYS C 395 -5.34 -5.18 -6.04
CA LYS C 395 -4.23 -5.77 -5.31
C LYS C 395 -4.62 -7.15 -4.80
N GLU C 396 -3.63 -8.02 -4.67
CA GLU C 396 -3.83 -9.35 -4.15
C GLU C 396 -3.22 -9.46 -2.76
N PHE C 397 -3.91 -10.16 -1.86
CA PHE C 397 -3.47 -10.34 -0.50
C PHE C 397 -3.61 -11.81 -0.12
N ASN C 398 -2.79 -12.25 0.82
CA ASN C 398 -2.84 -13.64 1.26
C ASN C 398 -3.80 -13.79 2.43
N ASN C 399 -3.90 -15.02 2.95
CA ASN C 399 -4.82 -15.31 4.03
C ASN C 399 -4.44 -14.66 5.35
N LEU C 400 -3.22 -14.13 5.46
CA LEU C 400 -2.77 -13.44 6.66
C LEU C 400 -2.83 -11.93 6.49
N GLU C 401 -3.46 -11.44 5.43
CA GLU C 401 -3.62 -10.02 5.18
C GLU C 401 -5.08 -9.69 4.91
N LYS C 402 -5.97 -10.26 5.72
CA LYS C 402 -7.39 -9.95 5.57
C LYS C 402 -7.72 -8.57 6.10
N ARG C 403 -6.97 -8.09 7.10
CA ARG C 403 -7.19 -6.74 7.59
C ARG C 403 -6.86 -5.70 6.53
N MET C 404 -5.68 -5.82 5.91
CA MET C 404 -5.30 -4.88 4.86
C MET C 404 -6.17 -5.08 3.62
N GLU C 405 -6.58 -6.32 3.34
CA GLU C 405 -7.46 -6.56 2.21
C GLU C 405 -8.81 -5.89 2.42
N ASN C 406 -9.36 -5.97 3.63
CA ASN C 406 -10.62 -5.31 3.90
C ASN C 406 -10.47 -3.81 3.94
N LEU C 407 -9.31 -3.30 4.39
CA LEU C 407 -9.07 -1.87 4.32
C LEU C 407 -9.02 -1.38 2.88
N ASN C 408 -8.35 -2.14 2.00
CA ASN C 408 -8.31 -1.78 0.59
C ASN C 408 -9.70 -1.86 -0.03
N LYS C 409 -10.47 -2.88 0.32
CA LYS C 409 -11.84 -2.98 -0.17
C LYS C 409 -12.68 -1.80 0.29
N LYS C 410 -12.55 -1.43 1.56
CA LYS C 410 -13.28 -0.28 2.08
C LYS C 410 -12.87 1.00 1.38
N VAL C 411 -11.57 1.17 1.11
CA VAL C 411 -11.10 2.37 0.41
C VAL C 411 -11.70 2.43 -0.99
N ASP C 412 -11.62 1.32 -1.72
CA ASP C 412 -12.15 1.30 -3.08
C ASP C 412 -13.65 1.57 -3.10
N ASP C 413 -14.39 0.91 -2.20
CA ASP C 413 -15.83 1.07 -2.19
C ASP C 413 -16.24 2.45 -1.72
N GLY C 414 -15.51 3.02 -0.77
CA GLY C 414 -15.81 4.37 -0.33
C GLY C 414 -15.57 5.41 -1.42
N PHE C 415 -14.43 5.30 -2.12
CA PHE C 415 -14.19 6.23 -3.22
C PHE C 415 -15.20 6.03 -4.34
N LEU C 416 -15.57 4.78 -4.62
CA LEU C 416 -16.56 4.51 -5.65
C LEU C 416 -17.92 5.08 -5.27
N ASP C 417 -18.33 4.92 -4.01
CA ASP C 417 -19.59 5.49 -3.56
C ASP C 417 -19.55 7.01 -3.58
N ILE C 418 -18.43 7.60 -3.16
CA ILE C 418 -18.33 9.05 -3.14
C ILE C 418 -18.41 9.62 -4.55
N TRP C 419 -17.74 8.98 -5.52
CA TRP C 419 -17.78 9.48 -6.87
C TRP C 419 -19.11 9.18 -7.55
N THR C 420 -19.77 8.08 -7.20
CA THR C 420 -21.13 7.85 -7.67
C THR C 420 -22.07 8.93 -7.17
N TYR C 421 -21.98 9.25 -5.88
CA TYR C 421 -22.82 10.29 -5.31
C TYR C 421 -22.50 11.64 -5.91
N ASN C 422 -21.22 11.93 -6.16
CA ASN C 422 -20.83 13.20 -6.76
C ASN C 422 -21.37 13.30 -8.18
N ALA C 423 -21.27 12.22 -8.95
CA ALA C 423 -21.80 12.23 -10.31
C ALA C 423 -23.32 12.43 -10.31
N GLU C 424 -24.02 11.73 -9.41
CA GLU C 424 -25.48 11.87 -9.35
C GLU C 424 -25.89 13.26 -8.90
N LEU C 425 -25.23 13.81 -7.89
CA LEU C 425 -25.50 15.20 -7.51
C LEU C 425 -25.24 16.14 -8.68
N LEU C 426 -24.12 15.97 -9.37
CA LEU C 426 -23.79 16.91 -10.43
C LEU C 426 -24.83 16.86 -11.53
N VAL C 427 -25.26 15.66 -11.92
CA VAL C 427 -26.25 15.58 -13.00
C VAL C 427 -27.58 16.15 -12.53
N LEU C 428 -28.01 15.83 -11.31
CA LEU C 428 -29.32 16.30 -10.87
C LEU C 428 -29.35 17.82 -10.69
N LEU C 429 -28.38 18.38 -9.96
CA LEU C 429 -28.35 19.83 -9.78
C LEU C 429 -28.12 20.54 -11.10
N GLU C 430 -27.30 19.97 -11.99
CA GLU C 430 -27.10 20.61 -13.29
C GLU C 430 -28.36 20.58 -14.14
N ASN C 431 -29.09 19.47 -14.12
CA ASN C 431 -30.33 19.42 -14.87
C ASN C 431 -31.34 20.42 -14.32
N GLU C 432 -31.41 20.55 -12.99
CA GLU C 432 -32.33 21.52 -12.41
C GLU C 432 -31.93 22.95 -12.77
N ARG C 433 -30.63 23.26 -12.65
CA ARG C 433 -30.15 24.60 -12.97
C ARG C 433 -30.38 24.92 -14.44
N THR C 434 -30.12 23.97 -15.33
CA THR C 434 -30.28 24.24 -16.75
C THR C 434 -31.74 24.30 -17.16
N LEU C 435 -32.64 23.59 -16.47
CA LEU C 435 -34.05 23.76 -16.76
C LEU C 435 -34.54 25.13 -16.27
N ASP C 436 -34.06 25.57 -15.11
CA ASP C 436 -34.33 26.94 -14.70
C ASP C 436 -33.76 27.94 -15.70
N PHE C 437 -32.64 27.61 -16.34
CA PHE C 437 -32.11 28.43 -17.42
C PHE C 437 -33.06 28.47 -18.60
N HIS C 438 -33.53 27.30 -19.04
CA HIS C 438 -34.44 27.22 -20.17
C HIS C 438 -35.76 27.93 -19.91
N ASP C 439 -36.12 28.12 -18.63
CA ASP C 439 -37.29 28.94 -18.35
C ASP C 439 -36.94 30.43 -18.26
N SER C 440 -35.81 30.75 -17.62
CA SER C 440 -35.44 32.13 -17.39
C SER C 440 -35.14 32.86 -18.71
N ASN C 441 -34.43 32.21 -19.63
CA ASN C 441 -34.13 32.85 -20.90
C ASN C 441 -35.40 33.09 -21.70
N VAL C 442 -36.35 32.16 -21.65
CA VAL C 442 -37.63 32.35 -22.34
C VAL C 442 -38.37 33.56 -21.77
N LYS C 443 -38.43 33.65 -20.43
CA LYS C 443 -39.09 34.79 -19.82
C LYS C 443 -38.38 36.10 -20.17
N ASN C 444 -37.04 36.07 -20.17
CA ASN C 444 -36.28 37.26 -20.55
C ASN C 444 -36.58 37.68 -21.98
N LEU C 445 -36.68 36.71 -22.89
CA LEU C 445 -37.04 37.04 -24.27
C LEU C 445 -38.43 37.65 -24.34
N TYR C 446 -39.36 37.13 -23.53
CA TYR C 446 -40.68 37.74 -23.46
C TYR C 446 -40.59 39.19 -23.03
N GLU C 447 -39.77 39.49 -22.02
CA GLU C 447 -39.61 40.88 -21.58
C GLU C 447 -39.01 41.74 -22.68
N LYS C 448 -37.97 41.24 -23.36
CA LYS C 448 -37.35 42.04 -24.42
C LYS C 448 -38.32 42.31 -25.55
N VAL C 449 -39.15 41.32 -25.91
CA VAL C 449 -40.18 41.55 -26.92
C VAL C 449 -41.17 42.58 -26.44
N LYS C 450 -41.56 42.51 -25.16
CA LYS C 450 -42.43 43.55 -24.60
C LYS C 450 -41.76 44.92 -24.65
N SER C 451 -40.48 44.97 -24.28
CA SER C 451 -39.74 46.24 -24.28
C SER C 451 -39.23 46.58 -25.67
N GLU C 459 -51.89 42.56 -24.29
CA GLU C 459 -51.09 41.46 -24.79
C GLU C 459 -51.60 40.13 -24.24
N ILE C 460 -51.72 39.14 -25.11
CA ILE C 460 -52.21 37.83 -24.71
C ILE C 460 -51.15 37.13 -23.88
N GLY C 461 -51.53 36.66 -22.69
CA GLY C 461 -50.58 36.06 -21.78
C GLY C 461 -50.14 34.67 -22.13
N ASN C 462 -50.79 34.03 -23.11
CA ASN C 462 -50.38 32.67 -23.49
C ASN C 462 -48.99 32.64 -24.09
N GLY C 463 -48.55 33.75 -24.68
CA GLY C 463 -47.24 33.80 -25.31
C GLY C 463 -47.22 34.66 -26.56
N CYS C 464 -48.39 34.87 -27.16
CA CYS C 464 -48.50 35.70 -28.34
C CYS C 464 -48.63 37.17 -27.94
N PHE C 465 -48.47 38.05 -28.94
CA PHE C 465 -48.50 39.50 -28.72
C PHE C 465 -49.54 40.11 -29.64
N GLU C 466 -50.71 40.41 -29.10
CA GLU C 466 -51.73 41.11 -29.88
C GLU C 466 -51.32 42.57 -30.05
N PHE C 467 -51.56 43.10 -31.25
CA PHE C 467 -51.20 44.48 -31.57
C PHE C 467 -52.44 45.21 -32.09
N TYR C 468 -52.80 46.30 -31.42
CA TYR C 468 -53.89 47.14 -31.91
C TYR C 468 -53.56 47.74 -33.27
N HIS C 469 -52.33 48.22 -33.43
CA HIS C 469 -51.90 48.79 -34.69
C HIS C 469 -51.69 47.70 -35.73
N LYS C 470 -51.81 48.10 -37.00
CA LYS C 470 -51.56 47.17 -38.09
C LYS C 470 -50.07 46.92 -38.23
N CYS C 471 -49.66 45.67 -38.02
CA CYS C 471 -48.25 45.28 -38.03
C CYS C 471 -48.02 44.31 -39.18
N ASP C 472 -47.41 44.80 -40.26
CA ASP C 472 -47.08 43.96 -41.39
C ASP C 472 -45.82 43.14 -41.09
N ASN C 473 -45.47 42.24 -42.01
CA ASN C 473 -44.34 41.35 -41.80
C ASN C 473 -43.05 42.14 -41.55
N GLU C 474 -42.87 43.26 -42.26
CA GLU C 474 -41.74 44.14 -41.99
C GLU C 474 -41.83 44.71 -40.57
N CYS C 475 -43.03 45.09 -40.14
CA CYS C 475 -43.21 45.55 -38.76
C CYS C 475 -42.92 44.43 -37.77
N MET C 476 -43.32 43.19 -38.11
CA MET C 476 -43.02 42.07 -37.23
C MET C 476 -41.52 41.85 -37.10
N GLU C 477 -40.78 41.96 -38.22
CA GLU C 477 -39.33 41.85 -38.15
C GLU C 477 -38.72 42.98 -37.33
N SER C 478 -39.23 44.19 -37.49
CA SER C 478 -38.72 45.33 -36.72
C SER C 478 -38.95 45.12 -35.23
N VAL C 479 -40.11 44.60 -34.86
CA VAL C 479 -40.40 44.29 -33.45
C VAL C 479 -39.48 43.17 -32.97
N LYS C 480 -39.23 42.18 -33.83
CA LYS C 480 -38.28 41.12 -33.49
C LYS C 480 -36.90 41.69 -33.23
N ASN C 481 -36.54 42.78 -33.91
CA ASN C 481 -35.31 43.48 -33.58
C ASN C 481 -35.37 44.15 -32.21
N GLY C 482 -36.55 44.25 -31.61
CA GLY C 482 -36.71 44.78 -30.28
C GLY C 482 -36.91 46.27 -30.18
N THR C 483 -36.77 47.00 -31.29
CA THR C 483 -36.88 48.45 -31.30
C THR C 483 -38.10 48.83 -32.16
N TYR C 484 -39.24 49.03 -31.49
CA TYR C 484 -40.47 49.43 -32.16
C TYR C 484 -41.02 50.69 -31.51
N ASP C 485 -41.50 51.61 -32.35
CA ASP C 485 -42.07 52.87 -31.88
C ASP C 485 -43.56 52.65 -31.62
N TYR C 486 -43.88 52.20 -30.41
CA TYR C 486 -45.27 52.01 -30.03
C TYR C 486 -46.08 53.30 -30.07
N PRO C 487 -45.61 54.44 -29.54
CA PRO C 487 -46.42 55.67 -29.61
C PRO C 487 -46.66 56.18 -31.02
N LYS C 488 -46.00 55.61 -32.04
CA LYS C 488 -46.22 56.05 -33.41
C LYS C 488 -47.66 55.81 -33.84
N TYR C 489 -48.22 54.65 -33.49
CA TYR C 489 -49.62 54.37 -33.81
C TYR C 489 -50.56 55.31 -33.05
N SER C 490 -50.29 55.53 -31.77
CA SER C 490 -51.11 56.40 -30.92
C SER C 490 -52.58 55.97 -30.93
N ILE D 2 50.78 -2.63 23.24
CA ILE D 2 51.23 -3.27 22.01
C ILE D 2 52.57 -2.68 21.58
N VAL D 3 53.39 -3.50 20.96
CA VAL D 3 54.70 -3.09 20.46
C VAL D 3 54.88 -3.62 19.04
N LEU D 4 55.53 -2.81 18.22
CA LEU D 4 55.85 -3.20 16.84
C LEU D 4 57.34 -3.38 16.69
N THR D 5 57.74 -4.40 15.96
CA THR D 5 59.15 -4.72 15.74
C THR D 5 59.39 -4.84 14.24
N GLN D 6 60.36 -4.07 13.74
CA GLN D 6 60.71 -4.09 12.33
C GLN D 6 61.96 -4.93 12.12
N SER D 7 61.92 -5.81 11.12
CA SER D 7 63.06 -6.65 10.79
C SER D 7 63.28 -6.57 9.28
N PRO D 8 64.52 -6.36 8.83
CA PRO D 8 65.74 -6.12 9.62
C PRO D 8 65.85 -4.68 10.10
N ALA D 9 66.67 -4.42 11.13
CA ALA D 9 66.88 -3.06 11.58
C ALA D 9 67.57 -2.22 10.50
N SER D 10 68.57 -2.78 9.83
CA SER D 10 69.22 -2.13 8.72
C SER D 10 69.37 -3.13 7.57
N LEU D 11 69.24 -2.63 6.34
CA LEU D 11 69.34 -3.48 5.16
C LEU D 11 69.94 -2.67 4.02
N ALA D 12 70.75 -3.32 3.20
CA ALA D 12 71.36 -2.72 2.03
C ALA D 12 70.73 -3.32 0.78
N VAL D 13 70.49 -2.49 -0.23
CA VAL D 13 69.77 -2.89 -1.43
C VAL D 13 70.57 -2.43 -2.64
N SER D 14 70.31 -3.08 -3.78
CA SER D 14 70.84 -2.66 -5.06
C SER D 14 69.69 -2.17 -5.94
N LEU D 15 70.01 -1.23 -6.83
CA LEU D 15 69.01 -0.61 -7.68
C LEU D 15 68.31 -1.67 -8.53
N GLY D 16 66.98 -1.67 -8.49
CA GLY D 16 66.19 -2.61 -9.25
C GLY D 16 65.87 -3.91 -8.56
N GLN D 17 66.46 -4.18 -7.40
CA GLN D 17 66.21 -5.41 -6.65
C GLN D 17 65.35 -5.10 -5.43
N ARG D 18 64.42 -6.00 -5.12
CA ARG D 18 63.44 -5.72 -4.09
C ARG D 18 64.05 -5.73 -2.69
N ALA D 19 63.45 -4.94 -1.80
CA ALA D 19 63.85 -4.85 -0.40
C ALA D 19 62.61 -5.13 0.45
N THR D 20 62.63 -6.23 1.19
CA THR D 20 61.48 -6.65 1.98
C THR D 20 61.67 -6.21 3.42
N ILE D 21 60.66 -5.52 3.96
CA ILE D 21 60.66 -5.02 5.32
C ILE D 21 59.44 -5.57 6.03
N SER D 22 59.64 -6.20 7.18
CA SER D 22 58.58 -6.88 7.91
C SER D 22 58.33 -6.20 9.24
N CYS D 23 57.06 -6.18 9.65
CA CYS D 23 56.65 -5.63 10.93
C CYS D 23 55.95 -6.71 11.75
N LYS D 24 56.28 -6.78 13.03
CA LYS D 24 55.73 -7.76 13.95
C LYS D 24 55.08 -7.04 15.13
N ALA D 25 53.95 -7.56 15.59
CA ALA D 25 53.18 -6.95 16.65
C ALA D 25 52.96 -7.94 17.79
N SER D 26 52.90 -7.44 19.02
CA SER D 26 52.61 -8.31 20.16
C SER D 26 51.18 -8.85 20.09
N GLN D 27 50.24 -8.01 19.70
CA GLN D 27 48.85 -8.41 19.53
C GLN D 27 48.43 -8.16 18.09
N SER D 28 47.49 -8.96 17.61
CA SER D 28 46.99 -8.79 16.24
C SER D 28 46.30 -7.44 16.13
N VAL D 29 46.60 -6.73 15.04
CA VAL D 29 46.05 -5.41 14.81
C VAL D 29 44.80 -5.47 13.91
N ASP D 30 44.23 -6.66 13.74
CA ASP D 30 43.02 -6.83 12.94
C ASP D 30 41.82 -6.89 13.87
N PHE D 31 40.87 -5.99 13.66
CA PHE D 31 39.61 -6.00 14.37
C PHE D 31 38.48 -5.99 13.36
N ASP D 32 37.59 -6.98 13.46
CA ASP D 32 36.44 -7.10 12.55
C ASP D 32 36.90 -7.14 11.10
N GLY D 33 37.90 -7.95 10.82
CA GLY D 33 38.39 -8.08 9.45
C GLY D 33 39.29 -6.96 8.98
N ASP D 34 38.89 -5.72 9.22
CA ASP D 34 39.73 -4.58 8.85
C ASP D 34 40.98 -4.56 9.71
N THR D 35 42.13 -4.36 9.04
CA THR D 35 43.43 -4.34 9.70
C THR D 35 43.98 -2.93 9.68
N TYR D 36 44.46 -2.46 10.83
CA TYR D 36 45.03 -1.12 10.97
C TYR D 36 46.54 -1.25 11.07
N MET D 37 47.23 -0.93 9.97
CA MET D 37 48.68 -0.80 9.98
C MET D 37 49.07 0.13 8.85
N SER D 38 49.92 1.12 9.14
CA SER D 38 50.36 2.08 8.16
C SER D 38 51.87 2.07 8.05
N TRP D 39 52.37 2.32 6.84
CA TRP D 39 53.80 2.33 6.55
C TRP D 39 54.22 3.73 6.17
N TYR D 40 55.20 4.27 6.90
CA TYR D 40 55.69 5.62 6.69
C TYR D 40 57.14 5.59 6.22
N GLN D 41 57.53 6.60 5.44
CA GLN D 41 58.92 6.81 5.08
C GLN D 41 59.30 8.23 5.44
N GLN D 42 60.42 8.39 6.15
CA GLN D 42 60.86 9.69 6.64
C GLN D 42 62.24 9.99 6.05
N LYS D 43 62.26 10.86 5.04
CA LYS D 43 63.53 11.40 4.58
C LYS D 43 64.13 12.27 5.69
N PRO D 44 65.44 12.23 5.89
CA PRO D 44 66.04 13.02 6.97
C PRO D 44 65.74 14.50 6.82
N GLY D 45 65.44 15.14 7.94
CA GLY D 45 65.05 16.54 7.95
C GLY D 45 63.66 16.82 7.44
N GLN D 46 62.84 15.80 7.26
CA GLN D 46 61.51 15.91 6.68
C GLN D 46 60.51 15.11 7.50
N PRO D 47 59.22 15.45 7.41
CA PRO D 47 58.21 14.67 8.13
C PRO D 47 58.09 13.28 7.55
N PRO D 48 57.77 12.28 8.37
CA PRO D 48 57.45 10.96 7.82
C PRO D 48 56.24 11.03 6.91
N LYS D 49 56.30 10.27 5.81
CA LYS D 49 55.21 10.23 4.84
C LYS D 49 54.69 8.80 4.73
N LEU D 50 53.39 8.62 4.92
CA LEU D 50 52.81 7.30 4.87
C LEU D 50 52.77 6.78 3.44
N LEU D 51 52.93 5.46 3.31
CA LEU D 51 52.89 4.78 2.03
C LEU D 51 51.62 3.96 1.86
N ILE D 52 51.32 3.10 2.81
CA ILE D 52 50.17 2.20 2.74
C ILE D 52 49.33 2.37 4.00
N TYR D 53 48.02 2.52 3.82
CA TYR D 53 47.08 2.47 4.92
C TYR D 53 46.24 1.20 4.80
N ALA D 54 45.88 0.64 5.97
CA ALA D 54 45.21 -0.65 6.07
C ALA D 54 46.10 -1.79 5.60
N ALA D 55 47.40 -1.55 5.54
CA ALA D 55 48.46 -2.52 5.26
C ALA D 55 48.46 -3.06 3.84
N SER D 56 47.48 -2.70 3.01
CA SER D 56 47.48 -3.15 1.61
C SER D 56 47.13 -2.06 0.61
N LYS D 57 46.47 -0.98 1.01
CA LYS D 57 45.94 0.01 0.07
C LYS D 57 46.91 1.17 -0.05
N LEU D 58 47.46 1.36 -1.24
CA LEU D 58 48.29 2.52 -1.51
C LEU D 58 47.46 3.78 -1.52
N GLU D 59 48.05 4.88 -1.03
CA GLU D 59 47.38 6.16 -1.00
C GLU D 59 47.54 6.88 -2.35
N SER D 60 46.76 7.93 -2.54
CA SER D 60 46.81 8.68 -3.80
C SER D 60 48.17 9.33 -3.99
N GLY D 61 48.61 9.42 -5.24
CA GLY D 61 49.86 10.06 -5.58
C GLY D 61 51.09 9.35 -5.06
N ILE D 62 51.17 8.04 -5.28
CA ILE D 62 52.35 7.28 -4.86
C ILE D 62 52.80 6.39 -6.01
N PRO D 63 54.10 6.15 -6.16
CA PRO D 63 54.56 5.17 -7.15
C PRO D 63 54.10 3.76 -6.81
N ALA D 64 53.94 2.95 -7.85
CA ALA D 64 53.44 1.59 -7.69
C ALA D 64 54.48 0.63 -7.11
N ARG D 65 55.74 1.05 -7.00
CA ARG D 65 56.77 0.17 -6.45
C ARG D 65 56.48 -0.19 -5.00
N PHE D 66 55.97 0.78 -4.23
CA PHE D 66 55.55 0.50 -2.87
C PHE D 66 54.38 -0.47 -2.85
N SER D 67 54.44 -1.45 -1.96
CA SER D 67 53.41 -2.48 -1.85
C SER D 67 53.28 -2.91 -0.40
N GLY D 68 52.04 -3.22 -0.01
CA GLY D 68 51.77 -3.70 1.32
C GLY D 68 51.10 -5.05 1.34
N SER D 69 51.48 -5.90 2.28
CA SER D 69 50.91 -7.24 2.38
C SER D 69 51.00 -7.73 3.82
N GLY D 70 50.26 -8.78 4.10
CA GLY D 70 50.24 -9.38 5.42
C GLY D 70 49.00 -8.99 6.21
N SER D 71 48.74 -9.77 7.26
CA SER D 71 47.58 -9.54 8.12
C SER D 71 47.81 -10.20 9.46
N GLY D 72 47.03 -9.79 10.45
CA GLY D 72 47.17 -10.36 11.77
C GLY D 72 48.41 -9.84 12.47
N THR D 73 49.32 -10.75 12.80
CA THR D 73 50.56 -10.35 13.46
C THR D 73 51.63 -9.95 12.47
N ASP D 74 51.65 -10.58 11.30
CA ASP D 74 52.75 -10.46 10.36
C ASP D 74 52.37 -9.55 9.21
N PHE D 75 53.25 -8.60 8.90
CA PHE D 75 53.10 -7.68 7.79
C PHE D 75 54.44 -7.51 7.11
N THR D 76 54.40 -7.20 5.82
CA THR D 76 55.62 -7.04 5.03
C THR D 76 55.48 -5.85 4.08
N LEU D 77 56.63 -5.28 3.73
CA LEU D 77 56.70 -4.16 2.79
C LEU D 77 57.82 -4.42 1.80
N ASN D 78 57.49 -4.47 0.52
CA ASN D 78 58.57 -4.64 -0.50
C ASN D 78 58.40 -3.57 -1.58
N ILE D 79 59.49 -2.94 -2.01
CA ILE D 79 59.39 -1.96 -3.13
C ILE D 79 60.13 -2.55 -4.33
N HIS D 80 59.43 -2.70 -5.46
CA HIS D 80 60.09 -3.17 -6.70
C HIS D 80 59.84 -2.18 -7.83
N PRO D 81 60.88 -1.73 -8.57
CA PRO D 81 62.26 -1.90 -8.12
C PRO D 81 62.59 -0.91 -7.01
N VAL D 82 63.88 -0.67 -6.77
CA VAL D 82 64.30 0.31 -5.73
C VAL D 82 65.04 1.45 -6.42
N GLU D 83 64.65 2.70 -6.14
CA GLU D 83 65.29 3.87 -6.80
C GLU D 83 66.30 4.50 -5.85
N GLU D 84 67.12 5.43 -6.35
CA GLU D 84 68.10 6.11 -5.51
C GLU D 84 67.46 7.11 -4.56
N GLU D 85 66.23 7.54 -4.85
CA GLU D 85 65.58 8.55 -4.01
C GLU D 85 65.14 7.98 -2.66
N ASP D 86 64.52 6.80 -2.68
CA ASP D 86 63.91 6.24 -1.47
C ASP D 86 64.94 5.49 -0.62
N ALA D 87 65.94 6.24 -0.17
CA ALA D 87 66.95 5.73 0.75
C ALA D 87 66.69 6.18 2.18
N ALA D 88 65.43 6.35 2.55
CA ALA D 88 65.07 6.92 3.85
C ALA D 88 64.68 5.82 4.84
N THR D 89 64.40 6.25 6.07
CA THR D 89 63.97 5.34 7.12
C THR D 89 62.49 5.03 6.95
N TYR D 90 62.13 3.77 7.20
CA TYR D 90 60.76 3.29 7.06
C TYR D 90 60.18 2.94 8.41
N PHE D 91 58.90 3.28 8.60
CA PHE D 91 58.20 3.02 9.85
C PHE D 91 56.87 2.33 9.59
N CYS D 92 56.57 1.32 10.40
CA CYS D 92 55.26 0.69 10.43
C CYS D 92 54.56 1.11 11.72
N GLN D 93 53.33 1.59 11.58
CA GLN D 93 52.55 2.05 12.72
C GLN D 93 51.22 1.32 12.77
N GLN D 94 50.80 0.96 13.98
CA GLN D 94 49.52 0.30 14.18
C GLN D 94 48.51 1.30 14.74
N SER D 95 47.26 1.15 14.32
CA SER D 95 46.18 2.00 14.80
C SER D 95 45.12 1.21 15.54
N ASN D 96 45.42 -0.02 15.96
CA ASN D 96 44.43 -0.85 16.63
C ASN D 96 44.24 -0.41 18.08
N GLU D 97 45.29 -0.53 18.89
CA GLU D 97 45.19 -0.18 20.29
C GLU D 97 45.26 1.34 20.48
N ASP D 98 44.88 1.78 21.68
CA ASP D 98 44.83 3.20 21.96
C ASP D 98 46.17 3.92 21.88
N PRO D 99 47.30 3.37 22.36
CA PRO D 99 48.53 4.20 22.37
C PRO D 99 49.03 4.56 20.99
N TRP D 100 48.57 3.86 19.95
CA TRP D 100 48.99 4.11 18.57
C TRP D 100 50.51 4.07 18.45
N THR D 101 51.11 2.97 18.91
CA THR D 101 52.56 2.84 18.92
C THR D 101 53.10 2.76 17.50
N PHE D 102 54.25 3.39 17.29
CA PHE D 102 54.98 3.29 16.03
C PHE D 102 55.98 2.14 16.10
N GLY D 103 56.44 1.70 14.94
CA GLY D 103 57.48 0.71 14.88
C GLY D 103 58.84 1.31 15.21
N GLY D 104 59.81 0.40 15.41
CA GLY D 104 61.15 0.85 15.74
C GLY D 104 61.81 1.63 14.62
N GLY D 105 61.49 1.31 13.38
CA GLY D 105 62.12 1.94 12.23
C GLY D 105 63.20 1.05 11.63
N THR D 106 63.50 1.32 10.37
CA THR D 106 64.49 0.54 9.64
C THR D 106 65.17 1.42 8.60
N LYS D 107 66.45 1.15 8.35
CA LYS D 107 67.25 1.94 7.43
C LYS D 107 67.35 1.23 6.09
N LEU D 108 67.09 1.96 5.02
CA LEU D 108 67.14 1.42 3.66
C LEU D 108 68.24 2.15 2.90
N GLU D 109 69.28 1.43 2.50
CA GLU D 109 70.47 2.02 1.89
C GLU D 109 70.79 1.33 0.59
N ILE D 110 71.13 2.13 -0.43
CA ILE D 110 71.54 1.59 -1.72
C ILE D 110 72.96 1.05 -1.63
N GLN E 1 45.76 22.78 -0.35
CA GLN E 1 45.02 21.72 0.32
C GLN E 1 45.02 21.94 1.82
N VAL E 2 45.77 21.12 2.54
CA VAL E 2 45.86 21.18 4.00
C VAL E 2 47.33 21.29 4.38
N GLN E 3 47.66 22.29 5.18
CA GLN E 3 49.03 22.55 5.59
C GLN E 3 49.08 22.69 7.10
N LEU E 4 50.11 22.11 7.71
CA LEU E 4 50.36 22.21 9.14
C LEU E 4 51.66 22.96 9.35
N GLN E 5 51.62 24.03 10.14
CA GLN E 5 52.79 24.86 10.40
C GLN E 5 53.07 24.86 11.90
N GLN E 6 54.30 24.55 12.26
CA GLN E 6 54.74 24.54 13.65
C GLN E 6 55.57 25.77 13.96
N SER E 7 55.86 25.96 15.25
CA SER E 7 56.77 27.00 15.66
C SER E 7 58.21 26.62 15.27
N GLY E 8 59.06 27.63 15.19
CA GLY E 8 60.45 27.40 14.85
C GLY E 8 61.19 26.68 15.97
N ALA E 9 62.39 26.21 15.63
CA ALA E 9 63.23 25.53 16.61
C ALA E 9 63.59 26.48 17.74
N GLU E 10 63.64 25.93 18.96
CA GLU E 10 63.87 26.77 20.13
C GLU E 10 64.51 25.93 21.21
N LEU E 11 65.43 26.53 21.97
CA LEU E 11 66.09 25.90 23.09
C LEU E 11 65.68 26.61 24.37
N MET E 12 65.46 25.84 25.44
CA MET E 12 64.96 26.42 26.68
C MET E 12 65.62 25.73 27.88
N LYS E 13 65.70 26.47 28.98
CA LYS E 13 66.35 25.99 30.17
C LYS E 13 65.60 24.79 30.76
N PRO E 14 66.32 23.82 31.33
CA PRO E 14 65.63 22.69 31.97
C PRO E 14 64.76 23.15 33.13
N GLY E 15 63.65 22.43 33.32
CA GLY E 15 62.75 22.73 34.42
C GLY E 15 61.73 23.80 34.13
N ALA E 16 61.54 24.18 32.87
CA ALA E 16 60.62 25.25 32.50
C ALA E 16 59.53 24.70 31.58
N SER E 17 58.61 25.58 31.20
CA SER E 17 57.44 25.20 30.40
C SER E 17 57.53 25.86 29.03
N VAL E 18 57.48 25.05 27.98
CA VAL E 18 57.62 25.51 26.61
C VAL E 18 56.29 25.31 25.87
N LYS E 19 55.92 26.30 25.06
CA LYS E 19 54.70 26.28 24.28
C LYS E 19 55.04 26.06 22.80
N ILE E 20 54.37 25.09 22.18
CA ILE E 20 54.58 24.76 20.77
C ILE E 20 53.25 24.95 20.06
N SER E 21 53.24 25.81 19.04
CA SER E 21 52.02 26.15 18.33
C SER E 21 51.98 25.45 16.98
N CYS E 22 50.84 24.84 16.66
CA CYS E 22 50.63 24.15 15.40
C CYS E 22 49.53 24.87 14.63
N LYS E 23 49.85 25.33 13.43
CA LYS E 23 48.93 26.09 12.59
C LYS E 23 48.29 25.17 11.56
N ALA E 24 46.96 25.11 11.57
CA ALA E 24 46.20 24.30 10.63
C ALA E 24 45.45 25.22 9.69
N THR E 25 45.66 25.03 8.38
CA THR E 25 45.02 25.85 7.36
C THR E 25 44.45 24.96 6.27
N GLY E 26 43.40 25.43 5.63
CA GLY E 26 42.79 24.73 4.51
C GLY E 26 41.65 23.79 4.86
N TYR E 27 41.27 23.69 6.13
CA TYR E 27 40.18 22.83 6.53
C TYR E 27 39.60 23.32 7.85
N THR E 28 38.39 22.84 8.15
CA THR E 28 37.74 23.19 9.40
C THR E 28 38.54 22.64 10.58
N PHE E 29 39.01 23.54 11.44
CA PHE E 29 39.95 23.16 12.48
C PHE E 29 39.35 22.14 13.44
N SER E 30 38.11 22.38 13.88
CA SER E 30 37.47 21.48 14.84
C SER E 30 37.07 20.15 14.25
N SER E 31 37.12 20.00 12.92
CA SER E 31 36.62 18.79 12.28
C SER E 31 37.47 17.57 12.64
N TYR E 32 38.79 17.72 12.62
CA TYR E 32 39.69 16.59 12.81
C TYR E 32 40.47 16.72 14.11
N TRP E 33 41.04 15.60 14.55
CA TRP E 33 41.90 15.59 15.72
C TRP E 33 43.22 16.30 15.40
N ILE E 34 44.08 16.38 16.41
CA ILE E 34 45.46 16.82 16.25
C ILE E 34 46.31 15.90 17.10
N GLU E 35 47.10 15.04 16.47
CA GLU E 35 47.93 14.08 17.18
C GLU E 35 49.32 14.66 17.38
N TRP E 36 49.82 14.61 18.61
CA TRP E 36 51.15 15.10 18.95
C TRP E 36 52.07 13.91 19.13
N VAL E 37 53.17 13.90 18.39
CA VAL E 37 54.14 12.82 18.40
C VAL E 37 55.53 13.41 18.38
N LYS E 38 56.45 12.82 19.13
CA LYS E 38 57.83 13.29 19.19
C LYS E 38 58.76 12.17 18.76
N GLN E 39 59.78 12.52 17.99
CA GLN E 39 60.73 11.56 17.44
C GLN E 39 62.08 11.79 18.10
N ARG E 40 62.39 10.97 19.10
CA ARG E 40 63.70 11.03 19.73
C ARG E 40 64.76 10.55 18.74
N PRO E 41 65.95 11.15 18.74
CA PRO E 41 67.03 10.65 17.88
C PRO E 41 67.41 9.23 18.28
N GLY E 42 67.52 8.37 17.26
CA GLY E 42 67.85 6.97 17.52
C GLY E 42 66.73 6.16 18.12
N HIS E 43 65.51 6.69 18.15
CA HIS E 43 64.35 5.99 18.69
C HIS E 43 63.16 6.22 17.79
N GLY E 44 62.23 5.26 17.79
CA GLY E 44 61.02 5.42 17.01
C GLY E 44 60.13 6.52 17.56
N LEU E 45 59.27 7.03 16.69
CA LEU E 45 58.35 8.08 17.11
C LEU E 45 57.41 7.58 18.18
N GLU E 46 57.22 8.39 19.22
CA GLU E 46 56.38 8.03 20.35
C GLU E 46 55.15 8.93 20.38
N TRP E 47 53.98 8.32 20.44
CA TRP E 47 52.72 9.04 20.44
C TRP E 47 52.53 9.73 21.79
N ILE E 48 52.61 11.06 21.79
CA ILE E 48 52.41 11.82 23.03
C ILE E 48 50.94 11.84 23.41
N GLY E 49 50.09 12.29 22.49
CA GLY E 49 48.68 12.41 22.78
C GLY E 49 47.92 12.98 21.60
N GLU E 50 46.75 13.52 21.89
CA GLU E 50 45.81 13.92 20.85
C GLU E 50 44.74 14.81 21.46
N ILE E 51 44.35 15.83 20.71
CA ILE E 51 43.41 16.84 21.20
C ILE E 51 42.46 17.24 20.09
N LEU E 52 41.17 17.12 20.35
CA LEU E 52 40.16 17.64 19.42
C LEU E 52 39.86 19.09 19.78
N PRO E 53 39.97 20.01 18.83
CA PRO E 53 39.82 21.44 19.15
C PRO E 53 38.49 21.80 19.79
N GLY E 54 37.39 21.52 19.09
CA GLY E 54 36.09 21.98 19.55
C GLY E 54 35.68 21.37 20.88
N SER E 55 35.82 20.04 21.00
CA SER E 55 35.38 19.37 22.22
C SER E 55 36.33 19.61 23.38
N GLY E 56 37.61 19.82 23.11
CA GLY E 56 38.58 19.96 24.16
C GLY E 56 39.09 18.66 24.73
N ARG E 57 38.62 17.52 24.23
CA ARG E 57 39.10 16.24 24.73
CA ARG E 57 39.10 16.24 24.73
C ARG E 57 40.58 16.06 24.42
N THR E 58 41.32 15.55 25.39
CA THR E 58 42.76 15.34 25.25
C THR E 58 43.07 13.95 25.80
N ASN E 59 43.53 13.05 24.93
CA ASN E 59 43.87 11.69 25.31
C ASN E 59 45.38 11.59 25.46
N TYR E 60 45.85 11.67 26.69
CA TYR E 60 47.27 11.63 26.99
C TYR E 60 47.76 10.19 27.06
N ASP E 61 48.94 9.95 26.49
CA ASP E 61 49.59 8.66 26.69
C ASP E 61 50.04 8.53 28.14
N GLU E 62 49.97 7.30 28.66
CA GLU E 62 50.34 7.08 30.06
C GLU E 62 51.79 7.46 30.31
N ARG E 63 52.67 7.14 29.36
CA ARG E 63 54.08 7.47 29.53
C ARG E 63 54.29 8.98 29.60
N PHE E 64 53.63 9.72 28.72
CA PHE E 64 53.89 11.14 28.55
C PHE E 64 52.86 12.02 29.25
N LYS E 65 51.95 11.43 30.03
CA LYS E 65 50.95 12.23 30.73
C LYS E 65 51.60 13.07 31.82
N GLY E 66 51.05 14.25 32.04
CA GLY E 66 51.61 15.17 33.01
C GLY E 66 52.79 15.94 32.45
N LYS E 67 53.66 15.24 31.71
CA LYS E 67 54.77 15.89 31.05
C LYS E 67 54.28 16.88 30.01
N ALA E 68 53.23 16.52 29.27
CA ALA E 68 52.65 17.38 28.25
C ALA E 68 51.23 17.77 28.63
N THR E 69 50.78 18.91 28.10
CA THR E 69 49.42 19.38 28.32
C THR E 69 48.96 20.08 27.05
N PHE E 70 47.99 19.49 26.37
CA PHE E 70 47.51 20.03 25.11
C PHE E 70 46.44 21.08 25.34
N THR E 71 46.49 22.16 24.56
CA THR E 71 45.46 23.16 24.54
C THR E 71 45.28 23.65 23.11
N ALA E 72 44.09 24.13 22.80
CA ALA E 72 43.77 24.59 21.46
C ALA E 72 42.98 25.88 21.55
N ASP E 73 43.09 26.70 20.50
CA ASP E 73 42.36 27.96 20.41
C ASP E 73 41.70 27.96 19.03
N THR E 74 40.38 27.75 19.00
CA THR E 74 39.67 27.69 17.74
C THR E 74 39.73 29.03 17.01
N SER E 75 39.67 30.14 17.74
CA SER E 75 39.69 31.45 17.09
C SER E 75 40.99 31.66 16.31
N SER E 76 42.12 31.26 16.88
CA SER E 76 43.39 31.37 16.17
C SER E 76 43.64 30.22 15.21
N ASN E 77 42.81 29.18 15.25
CA ASN E 77 42.96 28.02 14.37
C ASN E 77 44.28 27.28 14.63
N THR E 78 44.69 27.24 15.90
CA THR E 78 45.90 26.55 16.30
C THR E 78 45.63 25.71 17.54
N ALA E 79 46.55 24.78 17.80
CA ALA E 79 46.52 23.96 19.00
C ALA E 79 47.92 23.91 19.59
N TYR E 80 48.04 24.23 20.88
CA TYR E 80 49.35 24.35 21.51
C TYR E 80 49.69 23.10 22.32
N MET E 81 50.94 23.06 22.78
CA MET E 81 51.44 22.01 23.66
C MET E 81 52.12 22.65 24.85
N GLN E 82 52.02 22.00 26.01
CA GLN E 82 52.62 22.50 27.25
C GLN E 82 53.53 21.44 27.82
N LEU E 83 54.83 21.56 27.54
CA LEU E 83 55.84 20.68 28.10
C LEU E 83 56.52 21.40 29.26
N SER E 84 56.46 20.80 30.44
CA SER E 84 57.05 21.36 31.65
C SER E 84 58.16 20.45 32.14
N SER E 85 59.13 21.04 32.84
CA SER E 85 60.28 20.33 33.39
C SER E 85 61.05 19.60 32.28
N LEU E 86 61.60 20.39 31.37
CA LEU E 86 62.30 19.85 30.21
C LEU E 86 63.62 19.20 30.63
N THR E 87 64.05 18.25 29.80
CA THR E 87 65.30 17.54 30.01
C THR E 87 65.85 17.14 28.66
N SER E 88 67.17 16.87 28.62
CA SER E 88 67.78 16.37 27.40
C SER E 88 67.13 15.06 26.95
N GLU E 89 66.68 14.25 27.89
CA GLU E 89 65.88 13.08 27.55
C GLU E 89 64.57 13.49 26.88
N ASP E 90 63.94 14.55 27.39
CA ASP E 90 62.71 15.06 26.80
C ASP E 90 62.97 15.75 25.47
N SER E 91 64.19 16.19 25.21
CA SER E 91 64.50 16.91 23.98
C SER E 91 64.38 15.99 22.77
N ALA E 92 63.67 16.46 21.74
CA ALA E 92 63.46 15.75 20.49
C ALA E 92 62.67 16.67 19.57
N VAL E 93 62.48 16.24 18.33
CA VAL E 93 61.62 16.97 17.40
C VAL E 93 60.18 16.54 17.63
N TYR E 94 59.24 17.48 17.49
CA TYR E 94 57.85 17.26 17.83
C TYR E 94 56.97 17.56 16.62
N TYR E 95 55.93 16.75 16.44
CA TYR E 95 55.11 16.80 15.24
C TYR E 95 53.63 16.82 15.60
N CYS E 96 52.88 17.67 14.91
CA CYS E 96 51.43 17.68 14.97
C CYS E 96 50.90 17.15 13.64
N ALA E 97 50.00 16.17 13.71
CA ALA E 97 49.53 15.48 12.52
C ALA E 97 48.02 15.36 12.54
N ARG E 98 47.40 15.51 11.36
CA ARG E 98 45.97 15.33 11.21
C ARG E 98 45.70 13.86 10.93
N PRO E 99 45.06 13.12 11.84
CA PRO E 99 45.00 11.68 11.70
C PRO E 99 43.92 11.23 10.73
N ARG E 100 44.21 10.16 10.00
CA ARG E 100 43.20 9.37 9.33
C ARG E 100 42.98 8.10 10.13
N ILE E 101 42.07 7.25 9.66
CA ILE E 101 41.64 6.10 10.45
C ILE E 101 42.82 5.17 10.72
N TYR E 102 43.59 4.87 9.68
CA TYR E 102 44.65 3.89 9.78
C TYR E 102 46.01 4.51 10.08
N GLY E 103 46.15 5.81 9.91
CA GLY E 103 47.39 6.50 10.23
C GLY E 103 47.28 7.97 9.92
N MET E 104 48.13 8.77 10.56
CA MET E 104 48.07 10.21 10.37
C MET E 104 48.58 10.60 8.98
N ASP E 105 48.01 11.67 8.45
CA ASP E 105 48.41 12.20 7.16
C ASP E 105 48.51 13.71 7.23
N TYR E 106 49.24 14.29 6.25
CA TYR E 106 49.52 15.72 6.14
C TYR E 106 50.53 16.18 7.18
N TRP E 107 50.80 15.34 8.18
CA TRP E 107 51.85 15.50 9.21
C TRP E 107 52.04 16.97 9.55
N GLY E 108 53.26 17.49 9.54
CA GLY E 108 53.52 18.86 9.91
C GLY E 108 54.92 19.26 9.50
N GLN E 109 55.37 20.39 10.06
CA GLN E 109 56.72 20.87 9.73
C GLN E 109 57.76 20.30 10.69
N GLY E 110 57.45 20.27 11.98
CA GLY E 110 58.39 19.80 12.97
C GLY E 110 59.02 20.94 13.75
N THR E 111 59.37 20.65 15.00
CA THR E 111 59.97 21.64 15.88
C THR E 111 60.80 20.93 16.95
N SER E 112 62.00 21.45 17.18
CA SER E 112 62.92 20.91 18.15
C SER E 112 62.88 21.74 19.42
N VAL E 113 62.96 21.06 20.56
CA VAL E 113 62.85 21.70 21.87
C VAL E 113 64.12 21.43 22.66
N THR E 114 65.25 21.35 21.96
CA THR E 114 66.54 21.00 22.55
C THR E 114 66.76 21.72 23.88
N VAL E 115 67.26 20.98 24.86
CA VAL E 115 67.39 21.48 26.22
C VAL E 115 68.84 21.70 26.58
N ILE F 2 22.32 -46.41 -16.58
CA ILE F 2 22.00 -47.27 -15.45
C ILE F 2 21.93 -48.72 -15.90
N VAL F 3 22.08 -49.64 -14.95
CA VAL F 3 21.96 -51.07 -15.19
C VAL F 3 20.83 -51.59 -14.33
N LEU F 4 19.91 -52.35 -14.93
CA LEU F 4 18.72 -52.83 -14.23
C LEU F 4 18.57 -54.32 -14.50
N THR F 5 18.95 -55.13 -13.53
CA THR F 5 18.86 -56.58 -13.63
C THR F 5 17.48 -57.08 -13.23
N GLN F 6 17.24 -58.37 -13.47
CA GLN F 6 15.97 -58.98 -13.16
C GLN F 6 16.18 -60.44 -12.81
N SER F 7 15.24 -60.99 -12.04
CA SER F 7 15.31 -62.39 -11.64
C SER F 7 13.92 -62.88 -11.28
N PRO F 8 13.58 -64.14 -11.59
CA PRO F 8 14.38 -65.15 -12.28
C PRO F 8 14.34 -64.97 -13.79
N ALA F 9 15.28 -65.57 -14.53
CA ALA F 9 15.23 -65.49 -15.98
C ALA F 9 13.95 -66.12 -16.53
N SER F 10 13.58 -67.28 -16.01
CA SER F 10 12.35 -67.96 -16.36
C SER F 10 11.62 -68.37 -15.11
N LEU F 11 10.30 -68.21 -15.10
CA LEU F 11 9.47 -68.54 -13.94
C LEU F 11 8.46 -69.59 -14.35
N ALA F 12 8.40 -70.68 -13.59
CA ALA F 12 7.47 -71.77 -13.83
C ALA F 12 6.52 -71.86 -12.64
N VAL F 13 5.32 -71.30 -12.79
CA VAL F 13 4.33 -71.23 -11.72
C VAL F 13 3.06 -71.90 -12.19
N SER F 14 2.54 -72.82 -11.38
CA SER F 14 1.29 -73.50 -11.70
C SER F 14 0.11 -72.54 -11.53
N LEU F 15 -1.01 -72.91 -12.15
CA LEU F 15 -2.21 -72.10 -12.09
C LEU F 15 -2.70 -72.02 -10.65
N GLY F 16 -3.06 -70.80 -10.21
CA GLY F 16 -3.49 -70.59 -8.86
C GLY F 16 -2.38 -70.46 -7.84
N GLN F 17 -1.16 -70.21 -8.29
CA GLN F 17 0.00 -70.09 -7.42
C GLN F 17 0.60 -68.69 -7.56
N ARG F 18 1.01 -68.12 -6.43
CA ARG F 18 1.59 -66.78 -6.44
C ARG F 18 2.90 -66.77 -7.21
N ALA F 19 3.07 -65.79 -8.08
CA ALA F 19 4.26 -65.64 -8.91
C ALA F 19 4.94 -64.33 -8.56
N THR F 20 6.19 -64.40 -8.10
CA THR F 20 6.96 -63.23 -7.71
C THR F 20 8.15 -63.08 -8.63
N ILE F 21 8.35 -61.88 -9.15
CA ILE F 21 9.43 -61.58 -10.07
C ILE F 21 10.24 -60.42 -9.48
N SER F 22 11.54 -60.61 -9.34
CA SER F 22 12.40 -59.64 -8.67
C SER F 22 13.20 -58.86 -9.70
N CYS F 23 13.10 -57.52 -9.63
CA CYS F 23 13.88 -56.63 -10.47
C CYS F 23 14.81 -55.82 -9.56
N LYS F 24 16.11 -55.87 -9.84
CA LYS F 24 17.10 -55.16 -9.06
C LYS F 24 17.80 -54.13 -9.93
N ALA F 25 18.21 -53.03 -9.30
CA ALA F 25 18.81 -51.90 -9.99
C ALA F 25 20.25 -51.71 -9.51
N SER F 26 21.13 -51.35 -10.44
CA SER F 26 22.49 -51.01 -10.06
C SER F 26 22.54 -49.74 -9.21
N GLN F 27 21.72 -48.75 -9.57
CA GLN F 27 21.65 -47.48 -8.86
C GLN F 27 20.23 -47.27 -8.35
N SER F 28 20.11 -46.52 -7.26
CA SER F 28 18.80 -46.23 -6.70
C SER F 28 17.98 -45.41 -7.70
N VAL F 29 16.72 -45.80 -7.86
CA VAL F 29 15.83 -45.19 -8.85
C VAL F 29 14.70 -44.42 -8.18
N ASP F 30 14.89 -44.02 -6.93
CA ASP F 30 13.92 -43.16 -6.24
C ASP F 30 14.59 -41.82 -5.93
N PHE F 31 14.10 -40.77 -6.58
CA PHE F 31 14.60 -39.41 -6.39
C PHE F 31 13.50 -38.57 -5.78
N ASP F 32 13.82 -37.94 -4.64
CA ASP F 32 12.87 -37.08 -3.93
C ASP F 32 11.63 -37.85 -3.49
N GLY F 33 11.83 -39.07 -3.00
CA GLY F 33 10.73 -39.84 -2.45
C GLY F 33 9.76 -40.41 -3.46
N ASP F 34 10.07 -40.34 -4.75
CA ASP F 34 9.24 -40.92 -5.79
C ASP F 34 10.05 -41.97 -6.54
N THR F 35 9.48 -43.16 -6.70
CA THR F 35 10.16 -44.28 -7.33
C THR F 35 9.78 -44.35 -8.80
N TYR F 36 10.74 -44.10 -9.67
CA TYR F 36 10.51 -44.15 -11.12
C TYR F 36 10.77 -45.56 -11.59
N MET F 37 9.74 -46.40 -11.52
CA MET F 37 9.87 -47.80 -11.90
C MET F 37 8.55 -48.25 -12.52
N SER F 38 8.64 -49.03 -13.59
CA SER F 38 7.48 -49.49 -14.32
C SER F 38 7.55 -51.00 -14.51
N TRP F 39 6.37 -51.61 -14.64
CA TRP F 39 6.27 -53.05 -14.90
C TRP F 39 5.41 -53.27 -16.14
N TYR F 40 5.95 -54.02 -17.10
CA TYR F 40 5.27 -54.28 -18.36
C TYR F 40 5.02 -55.77 -18.51
N GLN F 41 4.05 -56.11 -19.35
CA GLN F 41 3.85 -57.46 -19.83
C GLN F 41 3.76 -57.44 -21.34
N GLN F 42 4.31 -58.46 -21.99
CA GLN F 42 4.41 -58.48 -23.45
C GLN F 42 3.98 -59.85 -23.97
N LYS F 43 2.82 -59.89 -24.61
CA LYS F 43 2.47 -61.05 -25.42
C LYS F 43 3.39 -61.10 -26.64
N PRO F 44 3.69 -62.29 -27.16
CA PRO F 44 4.66 -62.37 -28.25
C PRO F 44 4.08 -61.83 -29.55
N GLY F 45 4.78 -60.88 -30.15
CA GLY F 45 4.29 -60.17 -31.31
C GLY F 45 3.40 -58.98 -31.01
N GLN F 46 3.35 -58.54 -29.76
CA GLN F 46 2.53 -57.42 -29.35
C GLN F 46 3.37 -56.43 -28.54
N PRO F 47 3.01 -55.15 -28.54
CA PRO F 47 3.75 -54.18 -27.75
C PRO F 47 3.54 -54.42 -26.27
N PRO F 48 4.52 -54.08 -25.44
CA PRO F 48 4.34 -54.22 -23.99
C PRO F 48 3.22 -53.32 -23.49
N LYS F 49 2.56 -53.77 -22.42
CA LYS F 49 1.49 -53.03 -21.77
C LYS F 49 1.92 -52.68 -20.36
N LEU F 50 1.72 -51.41 -19.98
CA LEU F 50 2.13 -50.97 -18.66
C LEU F 50 1.16 -51.48 -17.60
N LEU F 51 1.70 -52.18 -16.60
CA LEU F 51 0.88 -52.73 -15.53
C LEU F 51 1.06 -51.98 -14.22
N ILE F 52 2.28 -51.88 -13.71
CA ILE F 52 2.58 -51.20 -12.45
C ILE F 52 3.51 -50.04 -12.75
N TYR F 53 3.04 -48.83 -12.47
CA TYR F 53 3.88 -47.64 -12.56
C TYR F 53 4.15 -47.11 -11.17
N ALA F 54 5.30 -46.45 -11.02
CA ALA F 54 5.81 -45.99 -9.73
C ALA F 54 6.11 -47.14 -8.78
N ALA F 55 6.21 -48.36 -9.33
CA ALA F 55 6.65 -49.57 -8.64
C ALA F 55 5.62 -50.10 -7.65
N SER F 56 4.57 -49.33 -7.38
CA SER F 56 3.47 -49.82 -6.56
C SER F 56 2.08 -49.50 -7.11
N LYS F 57 1.92 -48.44 -7.90
CA LYS F 57 0.60 -48.04 -8.35
C LYS F 57 0.13 -48.94 -9.49
N LEU F 58 -1.14 -49.31 -9.45
CA LEU F 58 -1.72 -50.19 -10.45
C LEU F 58 -2.29 -49.38 -11.60
N GLU F 59 -2.08 -49.86 -12.82
CA GLU F 59 -2.58 -49.15 -13.99
C GLU F 59 -4.09 -49.32 -14.12
N SER F 60 -4.72 -48.34 -14.74
CA SER F 60 -6.15 -48.42 -15.02
C SER F 60 -6.42 -49.49 -16.06
N GLY F 61 -7.49 -50.25 -15.85
CA GLY F 61 -7.81 -51.35 -16.74
C GLY F 61 -7.04 -52.62 -16.49
N ILE F 62 -6.25 -52.67 -15.44
CA ILE F 62 -5.44 -53.85 -15.09
C ILE F 62 -5.99 -54.42 -13.78
N PRO F 63 -6.27 -55.72 -13.71
CA PRO F 63 -6.93 -56.28 -12.53
C PRO F 63 -6.03 -56.21 -11.30
N ALA F 64 -6.68 -56.38 -10.14
CA ALA F 64 -5.99 -56.31 -8.86
C ALA F 64 -4.99 -57.43 -8.64
N ARG F 65 -5.02 -58.47 -9.48
CA ARG F 65 -4.04 -59.54 -9.36
C ARG F 65 -2.63 -59.03 -9.57
N PHE F 66 -2.44 -58.14 -10.54
CA PHE F 66 -1.13 -57.57 -10.81
C PHE F 66 -0.78 -56.56 -9.72
N SER F 67 0.18 -56.91 -8.87
CA SER F 67 0.58 -56.05 -7.77
C SER F 67 2.09 -56.13 -7.58
N GLY F 68 2.71 -54.98 -7.33
CA GLY F 68 4.13 -54.92 -7.09
C GLY F 68 4.45 -53.97 -5.95
N SER F 69 5.70 -54.02 -5.51
CA SER F 69 6.15 -53.17 -4.42
C SER F 69 7.68 -53.10 -4.46
N GLY F 70 8.25 -52.47 -3.46
CA GLY F 70 9.69 -52.29 -3.38
C GLY F 70 10.10 -50.84 -3.64
N SER F 71 11.31 -50.53 -3.20
CA SER F 71 11.85 -49.18 -3.36
C SER F 71 13.37 -49.27 -3.34
N GLY F 72 14.01 -48.19 -3.80
CA GLY F 72 15.46 -48.17 -3.85
C GLY F 72 16.01 -49.02 -4.98
N THR F 73 16.60 -50.17 -4.62
CA THR F 73 17.17 -51.07 -5.60
C THR F 73 16.54 -52.46 -5.56
N ASP F 74 15.48 -52.64 -4.78
CA ASP F 74 14.81 -53.93 -4.66
C ASP F 74 13.36 -53.73 -5.10
N PHE F 75 12.94 -54.47 -6.12
CA PHE F 75 11.59 -54.36 -6.65
C PHE F 75 11.06 -55.74 -6.99
N THR F 76 9.81 -56.01 -6.61
CA THR F 76 9.17 -57.29 -6.85
C THR F 76 7.79 -57.07 -7.44
N LEU F 77 7.42 -57.91 -8.40
CA LEU F 77 6.07 -57.93 -8.96
C LEU F 77 5.43 -59.27 -8.61
N ASN F 78 4.27 -59.22 -7.98
CA ASN F 78 3.59 -60.42 -7.49
C ASN F 78 2.29 -60.61 -8.26
N ILE F 79 2.10 -61.81 -8.80
CA ILE F 79 0.93 -62.17 -9.58
C ILE F 79 0.21 -63.29 -8.86
N HIS F 80 -1.07 -63.07 -8.52
CA HIS F 80 -1.86 -64.07 -7.84
C HIS F 80 -3.34 -63.75 -7.92
N PRO F 81 -4.18 -64.71 -8.35
CA PRO F 81 -3.83 -66.02 -8.89
C PRO F 81 -3.57 -65.95 -10.38
N VAL F 82 -2.59 -66.70 -10.91
CA VAL F 82 -2.31 -66.61 -12.34
C VAL F 82 -3.42 -67.28 -13.14
N GLU F 83 -3.45 -66.99 -14.44
CA GLU F 83 -4.42 -67.57 -15.35
C GLU F 83 -3.72 -67.88 -16.67
N GLU F 84 -4.46 -68.48 -17.60
CA GLU F 84 -3.90 -68.83 -18.89
C GLU F 84 -3.49 -67.60 -19.69
N GLU F 85 -4.11 -66.45 -19.42
CA GLU F 85 -3.78 -65.23 -20.13
C GLU F 85 -2.54 -64.53 -19.56
N ASP F 86 -2.10 -64.92 -18.37
CA ASP F 86 -0.97 -64.25 -17.74
C ASP F 86 0.38 -64.70 -18.30
N ALA F 87 0.40 -65.73 -19.13
CA ALA F 87 1.65 -66.23 -19.69
C ALA F 87 2.20 -65.19 -20.67
N ALA F 88 3.20 -64.43 -20.22
CA ALA F 88 3.78 -63.38 -21.02
C ALA F 88 5.17 -63.06 -20.50
N THR F 89 5.95 -62.37 -21.33
CA THR F 89 7.26 -61.89 -20.91
C THR F 89 7.11 -60.56 -20.18
N TYR F 90 7.72 -60.46 -19.00
CA TYR F 90 7.50 -59.34 -18.10
C TYR F 90 8.75 -58.48 -18.04
N PHE F 91 8.56 -57.16 -18.16
CA PHE F 91 9.65 -56.20 -18.22
C PHE F 91 9.52 -55.20 -17.09
N CYS F 92 10.64 -54.89 -16.44
CA CYS F 92 10.74 -53.79 -15.50
C CYS F 92 11.59 -52.70 -16.12
N GLN F 93 11.12 -51.46 -16.04
CA GLN F 93 11.80 -50.33 -16.66
C GLN F 93 11.94 -49.20 -15.64
N GLN F 94 13.12 -48.59 -15.62
CA GLN F 94 13.38 -47.44 -14.76
C GLN F 94 13.34 -46.18 -15.61
N SER F 95 12.78 -45.11 -15.05
CA SER F 95 12.73 -43.83 -15.73
C SER F 95 13.53 -42.75 -15.02
N ASN F 96 14.24 -43.09 -13.94
CA ASN F 96 15.02 -42.09 -13.23
C ASN F 96 16.17 -41.57 -14.08
N GLU F 97 16.89 -42.49 -14.72
CA GLU F 97 18.03 -42.08 -15.59
C GLU F 97 17.51 -41.76 -17.00
N ASP F 98 18.21 -40.90 -17.72
CA ASP F 98 17.79 -40.53 -19.10
C ASP F 98 17.80 -41.74 -20.05
N PRO F 99 18.78 -42.67 -20.01
CA PRO F 99 18.80 -43.78 -20.95
C PRO F 99 17.49 -44.57 -20.83
N TRP F 100 16.73 -44.34 -19.75
CA TRP F 100 15.45 -45.04 -19.58
C TRP F 100 15.58 -46.53 -19.87
N THR F 101 16.61 -47.14 -19.31
CA THR F 101 16.92 -48.53 -19.61
C THR F 101 15.83 -49.47 -19.15
N PHE F 102 15.64 -50.55 -19.89
CA PHE F 102 14.65 -51.57 -19.58
C PHE F 102 15.32 -52.75 -18.88
N GLY F 103 14.48 -53.66 -18.38
CA GLY F 103 14.97 -54.90 -17.81
C GLY F 103 15.18 -55.98 -18.85
N GLY F 104 15.76 -57.10 -18.38
CA GLY F 104 16.05 -58.19 -19.30
C GLY F 104 14.79 -58.84 -19.84
N GLY F 105 13.76 -58.95 -19.02
CA GLY F 105 12.56 -59.65 -19.41
C GLY F 105 12.54 -61.08 -18.91
N THR F 106 11.42 -61.51 -18.35
CA THR F 106 11.30 -62.83 -17.75
C THR F 106 10.10 -63.56 -18.35
N LYS F 107 10.26 -64.85 -18.59
CA LYS F 107 9.21 -65.69 -19.14
C LYS F 107 8.48 -66.38 -18.00
N LEU F 108 7.17 -66.17 -17.92
CA LEU F 108 6.32 -66.85 -16.95
C LEU F 108 5.43 -67.83 -17.69
N GLU F 109 5.47 -69.10 -17.28
CA GLU F 109 4.67 -70.15 -17.88
C GLU F 109 3.57 -70.57 -16.90
N ILE F 110 2.81 -71.60 -17.29
CA ILE F 110 1.71 -72.07 -16.47
C ILE F 110 2.02 -73.45 -15.90
N GLN G 1 -8.68 -43.66 -26.14
CA GLN G 1 -8.92 -43.59 -27.57
C GLN G 1 -7.66 -43.17 -28.32
N VAL G 2 -6.60 -42.88 -27.57
CA VAL G 2 -5.34 -42.48 -28.19
C VAL G 2 -4.71 -43.70 -28.86
N GLN G 3 -4.29 -43.53 -30.11
CA GLN G 3 -3.69 -44.61 -30.87
C GLN G 3 -2.43 -44.09 -31.55
N LEU G 4 -1.44 -44.97 -31.69
CA LEU G 4 -0.18 -44.65 -32.34
C LEU G 4 0.04 -45.64 -33.48
N GLN G 5 -0.40 -45.27 -34.68
CA GLN G 5 -0.18 -46.11 -35.85
C GLN G 5 1.30 -46.18 -36.22
N GLN G 6 1.69 -47.30 -36.80
CA GLN G 6 3.04 -47.53 -37.27
C GLN G 6 2.98 -48.11 -38.67
N SER G 7 4.12 -48.08 -39.37
CA SER G 7 4.17 -48.58 -40.73
C SER G 7 4.10 -50.10 -40.75
N GLY G 8 4.17 -50.65 -41.96
CA GLY G 8 4.18 -52.08 -42.14
C GLY G 8 5.57 -52.66 -41.97
N ALA G 9 5.76 -53.84 -42.56
CA ALA G 9 7.05 -54.50 -42.53
C ALA G 9 7.90 -54.06 -43.72
N GLU G 10 9.17 -53.76 -43.47
CA GLU G 10 10.08 -53.33 -44.51
C GLU G 10 11.37 -54.15 -44.44
N LEU G 11 12.00 -54.31 -45.59
CA LEU G 11 13.25 -55.05 -45.71
C LEU G 11 14.17 -54.32 -46.67
N MET G 12 15.45 -54.26 -46.33
CA MET G 12 16.46 -53.65 -47.19
C MET G 12 17.79 -54.36 -47.01
N LYS G 13 18.63 -54.26 -48.04
CA LYS G 13 19.98 -54.77 -47.94
C LYS G 13 20.79 -53.91 -46.97
N PRO G 14 21.84 -54.48 -46.37
CA PRO G 14 22.69 -53.69 -45.47
C PRO G 14 23.29 -52.49 -46.18
N GLY G 15 23.36 -51.38 -45.47
CA GLY G 15 23.84 -50.14 -46.04
C GLY G 15 22.80 -49.25 -46.67
N ALA G 16 21.52 -49.58 -46.52
CA ALA G 16 20.44 -48.80 -47.07
C ALA G 16 19.97 -47.76 -46.05
N SER G 17 18.80 -47.15 -46.30
CA SER G 17 18.21 -46.19 -45.39
C SER G 17 16.71 -46.41 -45.35
N VAL G 18 16.11 -46.24 -44.17
CA VAL G 18 14.69 -46.48 -43.96
C VAL G 18 14.12 -45.36 -43.10
N LYS G 19 12.93 -44.88 -43.48
CA LYS G 19 12.22 -43.84 -42.74
C LYS G 19 11.01 -44.50 -42.07
N ILE G 20 11.21 -44.96 -40.84
CA ILE G 20 10.13 -45.61 -40.10
C ILE G 20 9.09 -44.57 -39.72
N SER G 21 7.83 -44.87 -40.04
CA SER G 21 6.73 -43.93 -39.85
C SER G 21 5.92 -44.28 -38.62
N CYS G 22 5.63 -43.28 -37.80
CA CYS G 22 4.72 -43.42 -36.67
C CYS G 22 3.65 -42.34 -36.78
N LYS G 23 2.39 -42.73 -36.66
CA LYS G 23 1.27 -41.81 -36.77
C LYS G 23 0.50 -41.81 -35.47
N ALA G 24 0.39 -40.63 -34.85
CA ALA G 24 -0.30 -40.47 -33.58
C ALA G 24 -1.69 -39.90 -33.81
N THR G 25 -2.67 -40.42 -33.09
CA THR G 25 -4.06 -40.01 -33.24
C THR G 25 -4.65 -39.69 -31.88
N GLY G 26 -5.67 -38.84 -31.89
CA GLY G 26 -6.50 -38.62 -30.72
C GLY G 26 -5.97 -37.63 -29.71
N TYR G 27 -4.84 -36.99 -29.95
CA TYR G 27 -4.30 -36.01 -29.00
C TYR G 27 -3.38 -35.06 -29.75
N THR G 28 -3.07 -33.95 -29.10
CA THR G 28 -2.16 -32.97 -29.70
C THR G 28 -0.80 -33.60 -29.94
N PHE G 29 -0.41 -33.68 -31.21
CA PHE G 29 0.79 -34.43 -31.57
C PHE G 29 2.04 -33.85 -30.92
N SER G 30 2.15 -32.53 -30.90
CA SER G 30 3.33 -31.89 -30.35
C SER G 30 3.37 -31.92 -28.82
N SER G 31 2.24 -32.19 -28.18
CA SER G 31 2.17 -32.06 -26.72
C SER G 31 3.05 -33.09 -26.02
N TYR G 32 3.05 -34.34 -26.48
CA TYR G 32 3.78 -35.42 -25.83
C TYR G 32 4.97 -35.84 -26.68
N TRP G 33 6.01 -36.34 -26.01
CA TRP G 33 7.14 -36.90 -26.71
C TRP G 33 6.72 -38.14 -27.49
N ILE G 34 7.62 -38.62 -28.35
CA ILE G 34 7.47 -39.89 -29.05
C ILE G 34 8.78 -40.64 -28.83
N GLU G 35 8.75 -41.65 -27.95
CA GLU G 35 9.94 -42.41 -27.66
C GLU G 35 10.15 -43.50 -28.70
N TRP G 36 11.42 -43.83 -28.92
CA TRP G 36 11.80 -44.90 -29.84
C TRP G 36 12.57 -45.95 -29.07
N VAL G 37 12.13 -47.19 -29.16
CA VAL G 37 12.71 -48.30 -28.40
C VAL G 37 12.92 -49.48 -29.33
N LYS G 38 14.07 -50.14 -29.20
CA LYS G 38 14.45 -51.24 -30.07
C LYS G 38 14.36 -52.56 -29.31
N GLN G 39 13.75 -53.57 -29.94
CA GLN G 39 13.63 -54.89 -29.36
C GLN G 39 14.25 -55.91 -30.30
N ARG G 40 15.17 -56.72 -29.77
CA ARG G 40 15.76 -57.83 -30.50
C ARG G 40 15.65 -59.09 -29.67
N PRO G 41 15.46 -60.24 -30.29
CA PRO G 41 15.38 -61.49 -29.54
C PRO G 41 16.69 -61.78 -28.81
N GLY G 42 16.58 -62.20 -27.55
CA GLY G 42 17.74 -62.49 -26.75
C GLY G 42 18.44 -61.28 -26.16
N HIS G 43 17.91 -60.07 -26.37
CA HIS G 43 18.52 -58.85 -25.87
C HIS G 43 17.54 -57.92 -25.17
N GLY G 44 16.24 -58.22 -25.20
CA GLY G 44 15.28 -57.38 -24.50
C GLY G 44 14.91 -56.12 -25.27
N LEU G 45 14.55 -55.08 -24.52
CA LEU G 45 14.07 -53.83 -25.08
C LEU G 45 15.09 -52.73 -24.78
N GLU G 46 15.49 -51.99 -25.81
CA GLU G 46 16.52 -50.97 -25.69
C GLU G 46 16.00 -49.64 -26.19
N TRP G 47 16.23 -48.59 -25.40
CA TRP G 47 15.73 -47.25 -25.72
C TRP G 47 16.63 -46.59 -26.75
N ILE G 48 16.04 -46.19 -27.88
CA ILE G 48 16.81 -45.55 -28.94
C ILE G 48 16.93 -44.04 -28.73
N GLY G 49 15.83 -43.39 -28.37
CA GLY G 49 15.87 -41.94 -28.17
C GLY G 49 14.48 -41.38 -27.99
N GLU G 50 14.35 -40.10 -28.35
CA GLU G 50 13.06 -39.43 -28.27
C GLU G 50 13.11 -38.17 -29.13
N ILE G 51 11.93 -37.69 -29.50
CA ILE G 51 11.80 -36.47 -30.29
C ILE G 51 10.52 -35.77 -29.84
N LEU G 52 10.64 -34.49 -29.51
CA LEU G 52 9.44 -33.72 -29.18
C LEU G 52 8.87 -33.14 -30.48
N PRO G 53 7.70 -33.57 -30.90
CA PRO G 53 7.15 -33.07 -32.16
C PRO G 53 6.93 -31.57 -32.13
N GLY G 54 7.16 -30.92 -33.26
CA GLY G 54 6.98 -29.48 -33.35
C GLY G 54 8.12 -28.65 -32.80
N SER G 55 8.55 -28.94 -31.57
CA SER G 55 9.68 -28.20 -31.01
C SER G 55 10.96 -28.46 -31.78
N GLY G 56 11.18 -29.69 -32.22
CA GLY G 56 12.40 -30.08 -32.87
C GLY G 56 13.47 -30.59 -31.95
N ARG G 57 13.36 -30.32 -30.65
CA ARG G 57 14.31 -30.85 -29.68
C ARG G 57 14.20 -32.37 -29.62
N THR G 58 15.35 -33.04 -29.61
CA THR G 58 15.37 -34.49 -29.60
C THR G 58 16.58 -34.98 -28.81
N ASN G 59 16.47 -36.18 -28.28
CA ASN G 59 17.55 -36.85 -27.57
C ASN G 59 17.80 -38.20 -28.22
N TYR G 60 19.06 -38.63 -28.19
CA TYR G 60 19.46 -39.93 -28.72
C TYR G 60 20.23 -40.70 -27.66
N ASP G 61 20.01 -42.01 -27.61
CA ASP G 61 20.91 -42.86 -26.85
C ASP G 61 22.30 -42.80 -27.47
N GLU G 62 23.32 -42.91 -26.62
CA GLU G 62 24.69 -42.74 -27.10
C GLU G 62 25.05 -43.76 -28.15
N ARG G 63 24.62 -45.01 -27.97
CA ARG G 63 24.99 -46.07 -28.91
C ARG G 63 24.32 -45.90 -30.27
N PHE G 64 23.30 -45.06 -30.38
CA PHE G 64 22.59 -44.88 -31.64
C PHE G 64 22.91 -43.54 -32.31
N LYS G 65 23.90 -42.82 -31.82
CA LYS G 65 24.25 -41.53 -32.41
C LYS G 65 24.66 -41.72 -33.85
N GLY G 66 24.10 -40.90 -34.74
CA GLY G 66 24.39 -41.01 -36.16
C GLY G 66 23.60 -42.10 -36.84
N LYS G 67 23.49 -43.26 -36.18
CA LYS G 67 22.71 -44.35 -36.74
C LYS G 67 21.23 -43.98 -36.87
N ALA G 68 20.70 -43.29 -35.87
CA ALA G 68 19.30 -42.91 -35.83
C ALA G 68 19.17 -41.39 -35.89
N THR G 69 18.24 -40.92 -36.72
CA THR G 69 17.94 -39.49 -36.82
C THR G 69 16.43 -39.32 -36.87
N PHE G 70 15.90 -38.42 -36.04
CA PHE G 70 14.47 -38.26 -35.87
C PHE G 70 13.99 -36.98 -36.54
N THR G 71 12.82 -37.06 -37.17
CA THR G 71 12.17 -35.89 -37.74
C THR G 71 10.67 -36.02 -37.49
N ALA G 72 9.99 -34.87 -37.46
CA ALA G 72 8.57 -34.83 -37.16
C ALA G 72 7.83 -33.98 -38.18
N ASP G 73 6.56 -34.32 -38.40
CA ASP G 73 5.67 -33.56 -39.27
C ASP G 73 4.39 -33.31 -38.50
N THR G 74 4.36 -32.19 -37.75
CA THR G 74 3.22 -31.88 -36.91
C THR G 74 1.96 -31.60 -37.73
N SER G 75 2.10 -31.29 -39.01
CA SER G 75 0.93 -31.07 -39.87
C SER G 75 0.13 -32.36 -40.02
N SER G 76 0.81 -33.48 -40.22
CA SER G 76 0.16 -34.77 -40.46
C SER G 76 0.06 -35.62 -39.21
N ASN G 77 0.51 -35.12 -38.06
CA ASN G 77 0.53 -35.90 -36.81
C ASN G 77 1.34 -37.18 -36.98
N THR G 78 2.45 -37.08 -37.70
CA THR G 78 3.29 -38.22 -38.03
C THR G 78 4.71 -37.97 -37.54
N ALA G 79 5.28 -38.95 -36.84
CA ALA G 79 6.65 -38.90 -36.37
C ALA G 79 7.47 -39.93 -37.13
N TYR G 80 8.66 -39.53 -37.59
CA TYR G 80 9.48 -40.37 -38.44
C TYR G 80 10.85 -40.58 -37.80
N MET G 81 11.31 -41.83 -37.82
CA MET G 81 12.64 -42.19 -37.37
C MET G 81 13.43 -42.75 -38.55
N GLN G 82 14.69 -42.32 -38.67
CA GLN G 82 15.51 -42.66 -39.82
C GLN G 82 16.73 -43.45 -39.36
N LEU G 83 17.00 -44.56 -40.05
CA LEU G 83 18.21 -45.35 -39.83
C LEU G 83 19.05 -45.31 -41.10
N SER G 84 20.29 -44.85 -40.96
CA SER G 84 21.21 -44.71 -42.08
C SER G 84 22.28 -45.79 -42.00
N SER G 85 22.58 -46.40 -43.14
CA SER G 85 23.59 -47.45 -43.26
C SER G 85 23.27 -48.63 -42.33
N LEU G 86 22.13 -49.26 -42.63
CA LEU G 86 21.73 -50.46 -41.90
C LEU G 86 22.78 -51.54 -42.03
N THR G 87 23.01 -52.26 -40.92
CA THR G 87 23.90 -53.40 -40.90
C THR G 87 23.14 -54.60 -40.36
N SER G 88 23.72 -55.79 -40.55
CA SER G 88 23.10 -57.01 -40.05
C SER G 88 22.99 -57.01 -38.53
N GLU G 89 23.80 -56.21 -37.85
CA GLU G 89 23.74 -56.10 -36.40
C GLU G 89 22.57 -55.24 -35.91
N ASP G 90 21.89 -54.54 -36.81
CA ASP G 90 20.82 -53.61 -36.45
C ASP G 90 19.48 -54.07 -37.01
N SER G 91 19.21 -55.37 -36.94
CA SER G 91 17.94 -55.93 -37.36
C SER G 91 17.09 -56.20 -36.12
N ALA G 92 15.92 -55.57 -36.03
CA ALA G 92 15.12 -55.63 -34.83
C ALA G 92 13.69 -55.22 -35.18
N VAL G 93 12.88 -55.01 -34.15
CA VAL G 93 11.53 -54.46 -34.28
C VAL G 93 11.46 -53.17 -33.48
N TYR G 94 10.94 -52.12 -34.09
CA TYR G 94 10.97 -50.79 -33.52
C TYR G 94 9.57 -50.31 -33.17
N TYR G 95 9.44 -49.73 -31.98
CA TYR G 95 8.18 -49.22 -31.47
C TYR G 95 8.27 -47.70 -31.28
N CYS G 96 7.14 -47.03 -31.49
CA CYS G 96 6.98 -45.63 -31.10
C CYS G 96 5.95 -45.57 -30.00
N ALA G 97 6.34 -45.00 -28.86
CA ALA G 97 5.50 -45.04 -27.66
C ALA G 97 5.38 -43.65 -27.06
N ARG G 98 4.21 -43.37 -26.51
CA ARG G 98 3.95 -42.11 -25.85
C ARG G 98 4.37 -42.24 -24.39
N PRO G 99 5.38 -41.50 -23.93
CA PRO G 99 5.84 -41.67 -22.56
C PRO G 99 4.85 -41.08 -21.57
N ARG G 100 4.84 -41.65 -20.37
CA ARG G 100 4.31 -41.02 -19.19
C ARG G 100 5.49 -40.90 -18.23
N ILE G 101 5.29 -40.20 -17.11
CA ILE G 101 6.38 -39.85 -16.22
C ILE G 101 7.23 -41.07 -15.89
N TYR G 102 6.58 -42.17 -15.50
CA TYR G 102 7.27 -43.36 -15.04
C TYR G 102 7.49 -44.40 -16.12
N GLY G 103 6.66 -44.42 -17.16
CA GLY G 103 6.83 -45.38 -18.23
C GLY G 103 5.95 -45.03 -19.41
N MET G 104 6.09 -45.79 -20.47
CA MET G 104 5.34 -45.57 -21.71
C MET G 104 4.03 -46.37 -21.63
N ASP G 105 2.90 -45.66 -21.62
CA ASP G 105 1.61 -46.33 -21.51
C ASP G 105 1.08 -46.76 -22.86
N TYR G 106 1.07 -45.85 -23.84
CA TYR G 106 0.57 -46.13 -25.17
C TYR G 106 1.73 -46.43 -26.11
N TRP G 107 1.59 -47.48 -26.90
CA TRP G 107 2.62 -47.92 -27.82
C TRP G 107 2.05 -48.01 -29.24
N GLY G 108 2.86 -48.53 -30.16
CA GLY G 108 2.43 -48.80 -31.52
C GLY G 108 2.52 -50.28 -31.82
N GLN G 109 2.03 -50.64 -33.01
CA GLN G 109 2.02 -52.05 -33.40
C GLN G 109 3.44 -52.57 -33.61
N GLY G 110 4.33 -51.74 -34.11
CA GLY G 110 5.72 -52.14 -34.27
C GLY G 110 6.04 -52.54 -35.70
N THR G 111 7.27 -52.22 -36.11
CA THR G 111 7.76 -52.56 -37.44
C THR G 111 9.11 -53.27 -37.31
N SER G 112 9.31 -54.29 -38.14
CA SER G 112 10.51 -55.10 -38.12
C SER G 112 11.29 -54.88 -39.40
N VAL G 113 12.62 -54.74 -39.26
CA VAL G 113 13.51 -54.46 -40.39
C VAL G 113 14.49 -55.61 -40.51
N THR G 114 14.61 -56.16 -41.72
CA THR G 114 15.55 -57.22 -42.03
C THR G 114 16.71 -56.66 -42.85
N VAL G 115 17.73 -57.50 -43.02
CA VAL G 115 18.93 -57.09 -43.74
C VAL G 115 19.17 -58.00 -44.94
N SER G 116 18.09 -58.51 -45.53
CA SER G 116 18.21 -59.34 -46.72
C SER G 116 16.96 -59.22 -47.59
C1 NAG H . -9.75 -13.00 35.64
C2 NAG H . -8.34 -13.58 35.78
C3 NAG H . -7.74 -13.22 37.15
C4 NAG H . -7.80 -11.72 37.36
C5 NAG H . -9.23 -11.21 37.18
C6 NAG H . -9.34 -9.71 37.25
C7 NAG H . -8.17 -15.62 34.42
C8 NAG H . -8.21 -17.11 34.43
N2 NAG H . -8.35 -15.02 35.60
O3 NAG H . -6.40 -13.67 37.20
O4 NAG H . -7.38 -11.41 38.68
O5 NAG H . -9.71 -11.60 35.89
O6 NAG H . -8.92 -9.10 36.04
O7 NAG H . -7.98 -14.97 33.40
C1 NAG H . -6.13 -10.68 38.61
C2 NAG H . -6.06 -9.69 39.77
C3 NAG H . -4.73 -8.94 39.74
C4 NAG H . -3.56 -9.93 39.73
C5 NAG H . -3.73 -10.93 38.59
C6 NAG H . -2.69 -12.02 38.61
C7 NAG H . -8.29 -8.94 40.45
C8 NAG H . -9.34 -7.87 40.29
N2 NAG H . -7.17 -8.75 39.74
O3 NAG H . -4.64 -8.09 40.88
O4 NAG H . -2.33 -9.23 39.56
O5 NAG H . -5.01 -11.58 38.68
O6 NAG H . -3.09 -13.11 39.42
O7 NAG H . -8.46 -9.92 41.16
C1 BMA H . -1.60 -9.25 40.81
C2 BMA H . -0.09 -9.44 40.48
C3 BMA H . 0.75 -9.26 41.75
C4 BMA H . 0.36 -7.98 42.50
C5 BMA H . -1.13 -8.00 42.80
C6 BMA H . -1.61 -6.77 43.54
O2 BMA H . 0.34 -8.44 39.57
O3 BMA H . 2.14 -9.25 41.45
O4 BMA H . 1.09 -7.90 43.71
O5 BMA H . -1.83 -8.05 41.54
O6 BMA H . -2.98 -6.92 43.84
C1 NAG I . 1.93 -37.80 35.18
C2 NAG I . 1.62 -36.50 35.92
C3 NAG I . 1.11 -36.80 37.33
C4 NAG I . -0.07 -37.74 37.28
C5 NAG I . 0.33 -39.02 36.54
C6 NAG I . -0.82 -39.99 36.37
C7 NAG I . 3.11 -34.79 34.98
C8 NAG I . 4.35 -33.97 35.20
N2 NAG I . 2.78 -35.64 35.97
O3 NAG I . 0.74 -35.57 37.96
O4 NAG I . -0.57 -38.05 38.58
O5 NAG I . 0.77 -38.68 35.22
O6 NAG I . -0.83 -40.56 35.07
O7 NAG I . 2.42 -34.68 33.96
C1 NAG I . 0.46 -38.29 39.58
C2 NAG I . -0.16 -38.04 40.95
C3 NAG I . 0.86 -38.31 42.05
C4 NAG I . 1.47 -39.70 41.89
C5 NAG I . 2.01 -39.88 40.47
C6 NAG I . 2.50 -41.29 40.21
C7 NAG I . 0.01 -35.57 40.98
C8 NAG I . -0.74 -34.29 41.14
N2 NAG I . -0.70 -36.70 41.07
O3 NAG I . 0.24 -38.21 43.33
O4 NAG I . 2.54 -39.88 42.82
O5 NAG I . 0.98 -39.62 39.51
O6 NAG I . 1.44 -42.14 39.83
O7 NAG I . 1.23 -35.58 40.79
C1 NAG J . 28.14 11.26 6.64
C2 NAG J . 28.90 9.93 6.81
C3 NAG J . 30.24 9.97 6.07
C4 NAG J . 30.03 10.38 4.61
C5 NAG J . 29.33 11.73 4.58
C6 NAG J . 29.03 12.18 3.17
C7 NAG J . 29.15 8.38 8.71
C8 NAG J . 29.41 8.28 10.18
N2 NAG J . 29.12 9.62 8.21
O3 NAG J . 30.87 8.70 6.13
O4 NAG J . 31.28 10.47 3.94
O5 NAG J . 28.06 11.61 5.25
O6 NAG J . 28.08 11.33 2.57
O7 NAG J . 28.97 7.39 8.01
C1 NAG J . 31.27 9.51 2.85
C2 NAG J . 32.05 10.07 1.67
C3 NAG J . 32.01 9.08 0.52
C4 NAG J . 32.56 7.73 0.97
C5 NAG J . 31.83 7.25 2.23
C6 NAG J . 32.47 6.02 2.84
C7 NAG J . 32.15 12.52 1.52
C8 NAG J . 31.48 13.76 1.00
N2 NAG J . 31.53 11.37 1.25
O3 NAG J . 32.80 9.58 -0.56
O4 NAG J . 32.37 6.77 -0.06
O5 NAG J . 31.85 8.26 3.26
O6 NAG J . 32.35 4.89 1.99
O7 NAG J . 33.21 12.56 2.14
C1 BMA J . 33.66 6.41 -0.58
C2 BMA J . 33.50 5.14 -1.45
C3 BMA J . 34.85 4.78 -2.06
C4 BMA J . 35.53 6.00 -2.72
C5 BMA J . 35.54 7.21 -1.78
C6 BMA J . 36.04 8.47 -2.43
O2 BMA J . 32.64 5.40 -2.55
O3 BMA J . 34.73 3.72 -2.99
O4 BMA J . 36.86 5.66 -3.07
O5 BMA J . 34.20 7.45 -1.35
O6 BMA J . 34.97 9.02 -3.21
C1 MAN J . 34.58 2.48 -2.26
C2 MAN J . 35.52 1.47 -2.94
C3 MAN J . 35.00 1.19 -4.35
C4 MAN J . 33.53 0.77 -4.34
C5 MAN J . 32.69 1.84 -3.62
C6 MAN J . 31.24 1.44 -3.44
O2 MAN J . 35.50 0.21 -2.26
O3 MAN J . 35.79 0.20 -5.01
O4 MAN J . 33.05 0.63 -5.66
O5 MAN J . 33.24 2.05 -2.29
O6 MAN J . 31.18 0.30 -2.59
C1 NAG K . -0.98 -27.32 -15.36
C2 NAG K . -0.25 -28.38 -14.53
C3 NAG K . -0.87 -29.76 -14.71
C4 NAG K . -2.37 -29.70 -14.51
C5 NAG K . -2.96 -28.66 -15.45
C6 NAG K . -4.46 -28.51 -15.32
C7 NAG K . 2.14 -28.06 -14.04
C8 NAG K . 3.54 -28.15 -14.57
N2 NAG K . 1.16 -28.42 -14.87
O3 NAG K . -0.29 -30.66 -13.78
O4 NAG K . -2.96 -30.97 -14.75
O5 NAG K . -2.39 -27.40 -15.11
O6 NAG K . -4.92 -27.33 -15.97
O7 NAG K . 1.90 -27.67 -12.90
C1 NAG K . -3.64 -31.38 -13.54
C2 NAG K . -4.78 -32.32 -13.89
C3 NAG K . -5.49 -32.77 -12.62
C4 NAG K . -4.49 -33.37 -11.64
C5 NAG K . -3.34 -32.40 -11.40
C6 NAG K . -2.25 -32.98 -10.53
C7 NAG K . -5.71 -31.84 -16.12
C8 NAG K . -6.76 -31.10 -16.90
N2 NAG K . -5.73 -31.68 -14.80
O3 NAG K . -6.49 -33.73 -12.95
O4 NAG K . -5.13 -33.66 -10.42
O5 NAG K . -2.73 -32.04 -12.65
O6 NAG K . -1.88 -34.29 -10.95
O7 NAG K . -4.88 -32.56 -16.67
C1 BMA K . -5.13 -35.09 -10.25
C2 BMA K . -5.81 -35.43 -8.91
C3 BMA K . -5.89 -36.94 -8.76
C4 BMA K . -6.50 -37.61 -10.00
C5 BMA K . -5.78 -37.15 -11.27
C6 BMA K . -6.43 -37.67 -12.54
O2 BMA K . -7.14 -34.93 -8.89
O3 BMA K . -6.65 -37.29 -7.62
O4 BMA K . -6.40 -39.02 -9.89
O5 BMA K . -5.82 -35.72 -11.32
O6 BMA K . -7.79 -37.22 -12.54
C1 MAN K . -5.76 -37.67 -6.57
C2 MAN K . -6.29 -38.99 -5.98
C3 MAN K . -7.66 -38.74 -5.35
C4 MAN K . -7.57 -37.59 -4.32
C5 MAN K . -6.99 -36.34 -5.01
C6 MAN K . -6.77 -35.18 -4.05
O2 MAN K . -5.46 -39.47 -4.93
O3 MAN K . -8.19 -39.91 -4.73
O4 MAN K . -8.86 -37.29 -3.82
O5 MAN K . -5.72 -36.66 -5.59
O6 MAN K . -6.49 -34.02 -4.81
C1 NAG L . -38.87 0.92 16.31
C2 NAG L . -39.89 -0.21 16.34
C3 NAG L . -41.17 0.26 17.03
C4 NAG L . -40.84 0.84 18.41
C5 NAG L . -39.76 1.91 18.30
C6 NAG L . -39.30 2.42 19.63
C7 NAG L . -40.11 -1.98 14.66
C8 NAG L . -40.45 -2.31 13.25
N2 NAG L . -40.18 -0.69 15.01
O3 NAG L . -42.07 -0.82 17.16
O4 NAG L . -42.01 1.42 18.98
O5 NAG L . -38.60 1.37 17.64
O6 NAG L . -37.89 2.62 19.66
O7 NAG L . -39.80 -2.85 15.48
C1 NAG M . -50.51 24.66 16.82
C2 NAG M . -50.22 24.03 18.18
C3 NAG M . -50.65 22.57 18.19
C4 NAG M . -52.11 22.44 17.76
C5 NAG M . -52.34 23.15 16.42
C6 NAG M . -53.78 23.18 16.01
C7 NAG M . -48.39 24.17 19.80
C8 NAG M . -46.90 24.30 19.98
N2 NAG M . -48.82 24.16 18.53
O3 NAG M . -50.48 22.02 19.50
O4 NAG M . -52.46 21.07 17.63
O5 NAG M . -51.90 24.52 16.51
O6 NAG M . -54.64 23.13 17.14
O7 NAG M . -49.14 24.08 20.75
C1 NAG N . -29.28 28.84 16.32
C2 NAG N . -30.09 29.90 17.09
C3 NAG N . -29.33 30.34 18.34
C4 NAG N . -28.94 29.14 19.19
C5 NAG N . -28.16 28.14 18.34
C6 NAG N . -27.82 26.88 19.09
C7 NAG N . -31.47 31.79 16.39
C8 NAG N . -31.61 32.93 15.43
N2 NAG N . -30.38 31.04 16.25
O3 NAG N . -30.15 31.22 19.10
O4 NAG N . -28.13 29.56 20.29
O5 NAG N . -28.94 27.75 17.21
O6 NAG N . -28.26 25.72 18.40
O7 NAG N . -32.31 31.57 17.25
C1 NAG O . -20.53 2.96 29.08
C2 NAG O . -20.37 3.68 30.42
C3 NAG O . -20.70 5.15 30.27
C4 NAG O . -19.89 5.77 29.14
C5 NAG O . -20.08 4.98 27.85
C6 NAG O . -19.22 5.47 26.72
C7 NAG O . -20.77 2.87 32.70
C8 NAG O . -21.75 2.22 33.62
N2 NAG O . -21.20 3.06 31.44
O3 NAG O . -20.44 5.82 31.50
O4 NAG O . -20.30 7.12 28.93
O5 NAG O . -19.73 3.60 28.09
O6 NAG O . -17.86 5.11 26.90
O7 NAG O . -19.65 3.20 33.07
C1 NAG P . 15.62 22.32 -2.03
C2 NAG P . 15.96 23.02 -3.35
C3 NAG P . 14.72 23.10 -4.24
C4 NAG P . 14.11 21.72 -4.43
C5 NAG P . 13.84 21.07 -3.07
C6 NAG P . 13.35 19.64 -3.18
C7 NAG P . 17.67 24.75 -3.63
C8 NAG P . 18.10 26.14 -3.29
N2 NAG P . 16.51 24.35 -3.12
O3 NAG P . 15.06 23.66 -5.50
O4 NAG P . 12.88 21.82 -5.15
O5 NAG P . 15.05 21.03 -2.31
O6 NAG P . 12.98 19.33 -4.52
O7 NAG P . 18.35 24.03 -4.35
C1 NAG Q . 39.45 -4.32 27.01
C2 NAG Q . 39.87 -3.92 28.43
C3 NAG Q . 41.18 -3.15 28.39
C4 NAG Q . 42.24 -3.90 27.60
C5 NAG Q . 41.70 -4.30 26.23
C6 NAG Q . 42.66 -5.16 25.44
C7 NAG Q . 37.82 -3.71 29.76
C8 NAG Q . 36.85 -2.76 30.38
N2 NAG Q . 38.84 -3.15 29.09
O3 NAG Q . 41.63 -2.93 29.72
O4 NAG Q . 43.38 -3.07 27.42
O5 NAG Q . 40.49 -5.06 26.39
O6 NAG Q . 43.07 -4.52 24.24
O7 NAG Q . 37.70 -4.93 29.87
C1 NAG R . 0.24 36.82 11.43
C2 NAG R . 0.99 37.21 12.69
C3 NAG R . 0.22 38.29 13.45
C4 NAG R . -0.10 39.47 12.53
C5 NAG R . -0.83 38.98 11.29
C6 NAG R . -1.08 40.06 10.28
C7 NAG R . 2.31 35.30 13.49
C8 NAG R . 2.37 34.16 14.46
N2 NAG R . 1.21 36.05 13.54
O3 NAG R . 1.00 38.74 14.55
O4 NAG R . -0.93 40.40 13.22
O5 NAG R . -0.03 37.98 10.62
O6 NAG R . -1.58 41.25 10.89
O7 NAG R . 3.22 35.54 12.70
C1 NAG S . -38.85 6.11 -15.14
C2 NAG S . -39.58 5.38 -14.01
C3 NAG S . -38.79 4.15 -13.58
C4 NAG S . -38.41 3.30 -14.78
C5 NAG S . -37.78 4.15 -15.88
C6 NAG S . -37.54 3.37 -17.16
C7 NAG S . -41.02 6.51 -12.36
C8 NAG S . -41.04 7.44 -11.18
N2 NAG S . -39.81 6.27 -12.88
O3 NAG S . -39.56 3.38 -12.67
O4 NAG S . -37.48 2.29 -14.38
O5 NAG S . -38.64 5.24 -16.23
O6 NAG S . -38.76 3.09 -17.83
O7 NAG S . -42.04 6.00 -12.81
C1 NAG T . -12.23 4.48 -30.81
C2 NAG T . -12.32 3.10 -31.46
C3 NAG T . -12.76 3.21 -32.92
C4 NAG T . -14.02 4.06 -33.04
C5 NAG T . -13.82 5.40 -32.35
C6 NAG T . -15.07 6.26 -32.33
C7 NAG T . -10.88 1.11 -31.67
C8 NAG T . -9.48 0.58 -31.51
N2 NAG T . -11.04 2.40 -31.37
O3 NAG T . -13.02 1.92 -33.46
O4 NAG T . -14.32 4.29 -34.41
O5 NAG T . -13.47 5.18 -30.97
O6 NAG T . -16.21 5.51 -31.95
O7 NAG T . -11.80 0.40 -32.03
C1 NAG U . 24.69 -35.83 -12.48
C2 NAG U . 25.89 -36.69 -12.78
C3 NAG U . 25.56 -37.69 -13.87
C4 NAG U . 24.37 -38.53 -13.44
C5 NAG U . 23.19 -37.62 -13.06
C6 NAG U . 22.02 -38.38 -12.48
C7 NAG U . 27.09 -34.97 -14.10
C8 NAG U . 28.39 -34.24 -14.27
N2 NAG U . 27.06 -35.88 -13.12
O3 NAG U . 26.68 -38.51 -14.13
O4 NAG U . 23.96 -39.39 -14.49
O5 NAG U . 23.60 -36.66 -12.07
O6 NAG U . 20.83 -38.11 -13.21
O7 NAG U . 26.13 -34.75 -14.84
#